data_3H32
#
_entry.id   3H32
#
_cell.length_a   264.720
_cell.length_b   97.320
_cell.length_c   132.490
_cell.angle_alpha   90.00
_cell.angle_beta   122.78
_cell.angle_gamma   90.00
#
_symmetry.space_group_name_H-M   'C 1 2 1'
#
loop_
_entity.id
_entity.type
_entity.pdbx_description
1 polymer 'Fibrinogen alpha chain'
2 polymer 'Fibrinogen beta chain'
3 polymer 'Fibrinogen gamma chain, isoform gamma-A'
4 polymer 'Fibrin B knob pentapeptide'
5 branched 'N-acetyl-alpha-neuraminic acid-(2-6)-beta-D-galactopyranose-(1-4)-2-acetamido-2-deoxy-beta-D-glucopyranose-(1-2)-alpha-D-mannopyranose-(1-3)-[alpha-D-mannopyranose-(1-6)]alpha-D-mannopyranose-(1-4)-2-acetamido-2-deoxy-beta-D-glucopyranose-(1-4)-2-acetamido-2-deoxy-beta-D-glucopyranose'
6 non-polymer 'CALCIUM ION'
#
loop_
_entity_poly.entity_id
_entity_poly.type
_entity_poly.pdbx_seq_one_letter_code
_entity_poly.pdbx_strand_id
1 'polypeptide(L)'
;ADSGEGDFLAEGGGVRGPRVVERHQSACKDSDWPFCSDEDWNYKCPSGCRMKGLIDEVNQDFTNRINKLKNSLFEYQKNN
KDSHSLTTNIMEILRGDFSSANNRDNTYNRVSEDLRSRIEVLKRKVIEKVQHIQLLQKNVRAQLVDMKRLEVDIDIKIRS
CRGSCSRALAREVDLKDYEDQQKQLEQVIAKDLLPSR
;
A,D
2 'polypeptide(L)'
;QGVNDNEEGFFSARGHRPLDKKREEAPSLRPAPPPISGGGYRARPAKAAATQKKVERKAPDAGGCLHADPDLGVLCPTGC
QLQEALLQQERPIRNSVDELNNNVEAVSQTSSSSFQYMYLLKDLWQKRQKQVKDNENVVNEYSSELEKHQLYIDETVNSN
IPTNLRVLRSILENLRSKIQKLESDVSAQMEYCRTPCTVSCNIPVVSGKECEEIIRKGGETSEMYLIQPDSSVKPYRVYC
DMNTENGGWTVIQNRQDGSVDFGRKWDPYKQGFGNVATNTDGKNYCGLPGEYWLGNDKISQLTRMGPTELLIEMEDWKGD
KVKAHYGGFTVQNEANKYQISVNKYRGTAGNALMDGASQLMGENRTMTIHNGMFFSTYDRDNDGWLTSDPRKQCSKEDGG
GWWYNRCHAANPNGRYYWGGQYTWDMAKHGTDDGVVWMNWKGSWYSMRKMSMKIRPFF
;
B,E
3 'polypeptide(L)'
;KYEASILTHDSSIRYLQEIYNSNNQKIVNLKEKVAQLEAQCQEPCKDTVQIHDITGKDCQDIANKGAKQSGLYFIKPLKA
NQQFLVYCEIDGSGNGWTVFQKRLDGSVDFKKNWIQYKEGFGHLSPTGTTEFWLGNEKIHLISTQSAIPYALRVELEDWN
GRTSTADYAMFKVGPEADKYRLTYAYFAGGDAGDAFDGFDFGDDPSDKFFTSHNGMQFSTWDNDNDKFEGNCAEQDGSGW
WMNKCHAGHLNGVYYQGGTYSKASTPNGYDNGIIWATWKTRWYSMKKTTMKIIPFNRLTIGEGQQHHLGGAKQAGDV
;
C,F
4 'polypeptide(L)' GHRPY M,N
#
# COMPACT_ATOMS: atom_id res chain seq x y z
N ILE A 119 -41.66 111.44 27.61
CA ILE A 119 -40.41 111.69 28.39
C ILE A 119 -39.61 110.38 28.59
N GLU A 120 -40.00 109.31 27.86
CA GLU A 120 -39.34 107.97 27.91
C GLU A 120 -37.99 107.90 27.19
N VAL A 121 -37.73 108.90 26.32
CA VAL A 121 -36.52 109.04 25.48
C VAL A 121 -35.13 109.42 26.11
N LEU A 122 -35.09 110.30 27.14
CA LEU A 122 -33.81 110.77 27.77
C LEU A 122 -32.71 109.75 28.20
N LYS A 123 -33.02 108.95 29.22
CA LYS A 123 -32.11 107.93 29.80
C LYS A 123 -32.42 106.41 29.49
N ARG A 124 -33.71 106.05 29.36
CA ARG A 124 -34.22 104.65 29.12
C ARG A 124 -33.85 103.78 27.88
N LYS A 125 -34.05 104.32 26.68
CA LYS A 125 -33.78 103.60 25.42
C LYS A 125 -32.34 102.98 25.25
N VAL A 126 -31.34 103.58 25.92
CA VAL A 126 -29.90 103.18 25.88
C VAL A 126 -29.60 101.65 26.13
N ILE A 127 -29.89 101.18 27.36
CA ILE A 127 -29.70 99.79 27.90
C ILE A 127 -30.86 98.72 27.64
N GLU A 128 -32.13 99.11 27.79
CA GLU A 128 -33.25 98.16 27.58
C GLU A 128 -33.20 97.31 26.27
N LYS A 129 -32.57 97.84 25.23
CA LYS A 129 -32.45 97.17 23.92
C LYS A 129 -31.26 96.17 23.68
N VAL A 130 -30.17 96.33 24.44
CA VAL A 130 -28.92 95.50 24.37
C VAL A 130 -28.99 93.99 24.66
N GLN A 131 -30.04 93.56 25.35
CA GLN A 131 -30.18 92.15 25.71
C GLN A 131 -30.26 91.15 24.57
N HIS A 132 -30.72 91.61 23.42
CA HIS A 132 -30.88 90.77 22.23
C HIS A 132 -29.50 90.26 21.77
N ILE A 133 -28.51 91.15 21.74
CA ILE A 133 -27.15 90.84 21.34
C ILE A 133 -26.31 90.25 22.49
N GLN A 134 -26.59 90.66 23.72
CA GLN A 134 -25.84 90.17 24.88
C GLN A 134 -25.87 88.64 24.95
N LEU A 135 -27.08 88.07 24.91
CA LEU A 135 -27.28 86.63 24.98
C LEU A 135 -26.72 85.95 23.74
N LEU A 136 -27.00 86.51 22.57
CA LEU A 136 -26.50 85.94 21.33
C LEU A 136 -24.98 85.87 21.40
N GLN A 137 -24.41 86.90 22.03
CA GLN A 137 -22.98 87.01 22.22
C GLN A 137 -22.49 85.81 23.02
N LYS A 138 -23.27 85.41 24.02
CA LYS A 138 -22.93 84.25 24.84
C LYS A 138 -23.19 82.99 24.01
N ASN A 139 -24.16 83.07 23.12
CA ASN A 139 -24.53 81.94 22.28
C ASN A 139 -23.50 81.48 21.29
N VAL A 140 -22.72 82.42 20.80
CA VAL A 140 -21.71 82.04 19.87
C VAL A 140 -20.55 81.39 20.59
N ARG A 141 -20.19 81.89 21.77
CA ARG A 141 -19.08 81.29 22.49
C ARG A 141 -19.30 79.79 22.58
N ALA A 142 -20.54 79.39 22.85
CA ALA A 142 -20.87 77.97 22.94
C ALA A 142 -20.75 77.33 21.56
N GLN A 143 -21.14 78.07 20.53
CA GLN A 143 -21.07 77.57 19.16
C GLN A 143 -19.62 77.29 18.82
N LEU A 144 -18.73 78.21 19.11
CA LEU A 144 -17.33 77.95 18.80
C LEU A 144 -16.85 76.70 19.55
N VAL A 145 -17.00 76.71 20.88
CA VAL A 145 -16.55 75.59 21.69
C VAL A 145 -17.14 74.31 21.13
N ASP A 146 -18.45 74.27 20.98
CA ASP A 146 -19.08 73.08 20.44
C ASP A 146 -18.48 72.75 19.06
N MET A 147 -18.13 73.79 18.28
CA MET A 147 -17.54 73.63 16.95
C MET A 147 -16.15 73.05 16.99
N LYS A 148 -15.32 73.63 17.86
CA LYS A 148 -13.95 73.22 18.01
C LYS A 148 -13.92 71.72 18.19
N ARG A 149 -14.68 71.23 19.16
CA ARG A 149 -14.71 69.81 19.42
C ARG A 149 -15.01 69.03 18.15
N LEU A 150 -15.79 69.61 17.24
CA LEU A 150 -16.08 68.91 16.01
C LEU A 150 -14.86 68.78 15.14
N GLU A 151 -14.04 69.83 15.12
CA GLU A 151 -12.82 69.81 14.30
C GLU A 151 -11.99 68.62 14.76
N VAL A 152 -11.87 68.47 16.06
CA VAL A 152 -11.11 67.37 16.61
C VAL A 152 -11.76 66.02 16.29
N ASP A 153 -13.02 65.86 16.65
CA ASP A 153 -13.71 64.61 16.40
C ASP A 153 -13.58 64.21 14.95
N ILE A 154 -13.96 65.10 14.06
CA ILE A 154 -13.87 64.74 12.67
C ILE A 154 -12.50 64.21 12.35
N ASP A 155 -11.48 65.04 12.53
CA ASP A 155 -10.11 64.65 12.23
C ASP A 155 -9.85 63.26 12.76
N ILE A 156 -9.95 63.08 14.07
CA ILE A 156 -9.69 61.77 14.62
C ILE A 156 -10.48 60.68 13.90
N LYS A 157 -11.76 60.91 13.66
CA LYS A 157 -12.58 59.92 12.98
C LYS A 157 -12.08 59.61 11.60
N ILE A 158 -11.68 60.64 10.87
CA ILE A 158 -11.20 60.44 9.51
C ILE A 158 -10.09 59.41 9.50
N ARG A 159 -9.12 59.60 10.40
CA ARG A 159 -8.00 58.68 10.50
C ARG A 159 -8.52 57.27 10.68
N SER A 160 -9.68 57.13 11.31
CA SER A 160 -10.23 55.81 11.51
C SER A 160 -10.34 55.03 10.22
N CYS A 161 -10.58 55.71 9.09
CA CYS A 161 -10.70 54.99 7.84
C CYS A 161 -9.44 54.33 7.35
N ARG A 162 -8.27 54.83 7.76
CA ARG A 162 -7.03 54.23 7.29
C ARG A 162 -7.11 52.71 7.45
N GLY A 163 -7.68 52.21 8.54
CA GLY A 163 -7.76 50.78 8.69
C GLY A 163 -9.12 50.27 8.22
N SER A 164 -9.68 50.87 7.17
CA SER A 164 -11.00 50.50 6.61
C SER A 164 -11.35 51.06 5.21
N CYS A 165 -11.09 52.34 5.01
CA CYS A 165 -11.41 53.05 3.76
C CYS A 165 -10.19 52.99 2.89
N SER A 166 -10.41 52.65 1.62
CA SER A 166 -9.33 52.53 0.64
C SER A 166 -8.24 53.56 0.93
N ARG A 167 -8.53 54.81 0.57
CA ARG A 167 -7.62 55.94 0.78
C ARG A 167 -8.02 56.72 2.02
N ALA A 168 -7.08 57.47 2.56
CA ALA A 168 -7.36 58.29 3.73
C ALA A 168 -7.19 59.76 3.31
N LEU A 169 -8.26 60.54 3.49
CA LEU A 169 -8.24 61.96 3.14
C LEU A 169 -7.46 62.72 4.19
N ALA A 170 -6.22 63.06 3.87
CA ALA A 170 -5.37 63.80 4.78
C ALA A 170 -5.76 65.28 4.76
N ARG A 171 -5.99 65.88 5.93
CA ARG A 171 -6.38 67.29 6.03
C ARG A 171 -5.93 67.90 7.35
N GLU A 172 -5.41 69.12 7.29
CA GLU A 172 -4.94 69.77 8.51
C GLU A 172 -6.12 70.37 9.27
N VAL A 173 -5.98 70.48 10.60
CA VAL A 173 -7.03 71.06 11.44
C VAL A 173 -6.49 72.35 12.08
N ASP A 174 -7.09 73.50 11.75
CA ASP A 174 -6.62 74.79 12.28
C ASP A 174 -7.17 75.13 13.67
N LEU A 175 -6.34 74.88 14.68
CA LEU A 175 -6.71 75.17 16.07
C LEU A 175 -6.33 76.62 16.39
N LYS A 176 -5.40 77.16 15.61
CA LYS A 176 -4.93 78.54 15.77
C LYS A 176 -6.06 79.54 15.50
N ASP A 177 -6.68 79.44 14.32
CA ASP A 177 -7.76 80.33 13.96
C ASP A 177 -8.82 80.39 15.07
N TYR A 178 -9.37 79.23 15.44
CA TYR A 178 -10.39 79.18 16.49
C TYR A 178 -10.06 80.01 17.73
N GLU A 179 -9.04 79.59 18.48
CA GLU A 179 -8.57 80.28 19.70
C GLU A 179 -8.25 81.74 19.43
N ASP A 180 -8.10 82.08 18.15
CA ASP A 180 -7.79 83.45 17.73
C ASP A 180 -9.14 84.20 17.70
N GLN A 181 -10.17 83.48 17.28
CA GLN A 181 -11.49 84.04 17.24
C GLN A 181 -12.08 84.00 18.63
N GLN A 182 -11.61 83.06 19.45
CA GLN A 182 -12.09 82.95 20.83
C GLN A 182 -11.72 84.16 21.66
N LYS A 183 -10.69 84.90 21.25
CA LYS A 183 -10.28 86.08 21.98
C LYS A 183 -11.17 87.26 21.63
N GLN A 184 -11.72 87.26 20.42
CA GLN A 184 -12.60 88.36 20.03
C GLN A 184 -13.83 88.29 20.92
N LEU A 185 -14.31 87.06 21.11
CA LEU A 185 -15.48 86.77 21.94
C LEU A 185 -15.20 87.09 23.40
N GLU A 186 -13.99 86.74 23.85
CA GLU A 186 -13.55 86.99 25.22
C GLU A 186 -13.20 88.49 25.44
N GLN A 187 -12.96 89.22 24.33
CA GLN A 187 -12.60 90.66 24.35
C GLN A 187 -13.83 91.58 24.46
N VAL A 188 -14.97 91.01 24.07
CA VAL A 188 -16.27 91.67 24.10
C VAL A 188 -17.13 90.98 25.17
N ILE A 189 -16.67 91.02 26.42
CA ILE A 189 -17.43 90.40 27.50
C ILE A 189 -18.30 91.44 28.18
N ALA A 190 -17.90 91.79 29.41
CA ALA A 190 -18.62 92.77 30.24
C ALA A 190 -18.81 94.09 29.51
N LYS A 191 -20.02 94.27 28.99
CA LYS A 191 -20.45 95.45 28.23
C LYS A 191 -21.90 95.84 28.59
N ASP A 192 -22.10 96.64 29.64
CA ASP A 192 -23.46 97.04 30.03
C ASP A 192 -23.33 98.11 31.16
N LEU B 151 -28.39 112.57 32.86
CA LEU B 151 -29.64 112.10 32.18
C LEU B 151 -29.45 111.83 30.66
N TYR B 152 -28.21 112.01 30.17
CA TYR B 152 -27.81 111.89 28.75
C TYR B 152 -27.07 110.61 28.18
N ILE B 153 -26.76 109.65 29.06
CA ILE B 153 -26.03 108.38 28.77
C ILE B 153 -26.29 107.62 27.42
N ASP B 154 -27.29 108.08 26.65
CA ASP B 154 -27.68 107.45 25.37
C ASP B 154 -26.73 107.37 24.14
N GLU B 155 -25.82 108.35 23.97
CA GLU B 155 -24.87 108.42 22.82
C GLU B 155 -24.00 107.17 22.52
N THR B 156 -23.75 106.35 23.58
CA THR B 156 -22.94 105.11 23.53
C THR B 156 -23.58 103.94 22.75
N VAL B 157 -24.85 104.07 22.42
CA VAL B 157 -25.58 103.06 21.64
C VAL B 157 -25.10 103.00 20.19
N ASN B 158 -24.72 104.14 19.63
CA ASN B 158 -24.24 104.19 18.26
C ASN B 158 -22.74 103.83 18.13
N SER B 159 -21.97 104.08 19.20
CA SER B 159 -20.53 103.80 19.30
C SER B 159 -20.09 102.37 19.69
N ASN B 160 -20.79 101.77 20.66
CA ASN B 160 -20.48 100.42 21.16
C ASN B 160 -21.13 99.23 20.41
N ILE B 161 -22.44 99.29 20.21
CA ILE B 161 -23.16 98.21 19.53
C ILE B 161 -22.63 97.87 18.11
N PRO B 162 -22.33 98.90 17.30
CA PRO B 162 -21.82 98.70 15.93
C PRO B 162 -20.56 97.85 15.83
N THR B 163 -19.59 98.17 16.67
CA THR B 163 -18.31 97.44 16.71
C THR B 163 -18.54 95.96 17.04
N ASN B 164 -19.62 95.69 17.78
CA ASN B 164 -20.03 94.33 18.17
C ASN B 164 -20.63 93.54 17.01
N LEU B 165 -21.46 94.23 16.24
CA LEU B 165 -22.06 93.61 15.08
C LEU B 165 -20.92 93.18 14.14
N ARG B 166 -19.83 93.96 14.09
CA ARG B 166 -18.65 93.68 13.26
C ARG B 166 -17.95 92.39 13.71
N VAL B 167 -17.97 92.18 15.04
CA VAL B 167 -17.39 91.01 15.68
C VAL B 167 -18.23 89.78 15.34
N LEU B 168 -19.54 89.85 15.54
CA LEU B 168 -20.38 88.69 15.22
C LEU B 168 -20.33 88.31 13.76
N ARG B 169 -20.40 89.32 12.90
CA ARG B 169 -20.36 89.13 11.45
C ARG B 169 -19.14 88.27 11.05
N SER B 170 -17.94 88.72 11.41
CA SER B 170 -16.70 88.02 11.10
C SER B 170 -16.73 86.63 11.72
N ILE B 171 -17.02 86.58 13.02
CA ILE B 171 -17.06 85.31 13.70
C ILE B 171 -18.10 84.36 13.18
N LEU B 172 -19.30 84.85 12.97
CA LEU B 172 -20.35 83.98 12.48
C LEU B 172 -20.15 83.55 11.05
N GLU B 173 -19.69 84.48 10.23
CA GLU B 173 -19.46 84.22 8.81
C GLU B 173 -18.29 83.27 8.60
N ASN B 174 -17.31 83.40 9.47
CA ASN B 174 -16.13 82.57 9.44
C ASN B 174 -16.57 81.12 9.64
N LEU B 175 -17.58 80.94 10.48
CA LEU B 175 -18.15 79.63 10.80
C LEU B 175 -19.06 79.04 9.71
N ARG B 176 -19.86 79.86 9.05
CA ARG B 176 -20.73 79.31 8.03
C ARG B 176 -19.86 78.66 6.95
N SER B 177 -18.66 79.21 6.76
CA SER B 177 -17.67 78.72 5.82
C SER B 177 -16.89 77.52 6.38
N LYS B 178 -16.41 77.63 7.61
CA LYS B 178 -15.66 76.53 8.24
C LYS B 178 -16.47 75.25 8.14
N ILE B 179 -17.78 75.38 8.22
CA ILE B 179 -18.65 74.23 8.16
C ILE B 179 -18.86 73.68 6.76
N GLN B 180 -19.00 74.57 5.78
CA GLN B 180 -19.20 74.18 4.38
C GLN B 180 -17.99 73.38 3.97
N LYS B 181 -16.85 73.76 4.55
CA LYS B 181 -15.57 73.12 4.27
C LYS B 181 -15.65 71.68 4.81
N LEU B 182 -16.22 71.50 6.00
CA LEU B 182 -16.35 70.18 6.59
C LEU B 182 -17.38 69.32 5.87
N GLU B 183 -18.47 69.94 5.43
CA GLU B 183 -19.49 69.19 4.71
C GLU B 183 -18.88 68.43 3.54
N SER B 184 -18.09 69.10 2.70
CA SER B 184 -17.48 68.45 1.54
C SER B 184 -16.51 67.32 1.92
N ASP B 185 -15.85 67.46 3.07
CA ASP B 185 -14.91 66.46 3.58
C ASP B 185 -15.62 65.18 4.00
N VAL B 186 -16.56 65.30 4.92
CA VAL B 186 -17.28 64.11 5.35
C VAL B 186 -17.92 63.43 4.12
N SER B 187 -18.45 64.24 3.20
CA SER B 187 -19.07 63.71 2.00
C SER B 187 -18.06 62.97 1.14
N ALA B 188 -16.87 63.56 0.99
CA ALA B 188 -15.81 62.95 0.18
C ALA B 188 -15.24 61.68 0.83
N GLN B 189 -14.96 61.74 2.13
CA GLN B 189 -14.42 60.60 2.85
C GLN B 189 -15.39 59.45 2.85
N MET B 190 -16.66 59.79 3.04
CA MET B 190 -17.75 58.82 3.05
C MET B 190 -17.66 58.02 1.75
N GLU B 191 -17.32 58.74 0.68
CA GLU B 191 -17.18 58.16 -0.63
C GLU B 191 -15.99 57.22 -0.64
N TYR B 192 -15.04 57.47 0.24
CA TYR B 192 -13.90 56.62 0.22
C TYR B 192 -14.06 55.21 0.81
N CYS B 193 -14.58 55.07 2.03
CA CYS B 193 -14.73 53.71 2.62
C CYS B 193 -15.86 52.94 1.89
N ARG B 194 -16.11 53.31 0.63
CA ARG B 194 -17.11 52.63 -0.19
C ARG B 194 -16.36 51.51 -0.90
N THR B 195 -15.04 51.59 -0.78
CA THR B 195 -14.08 50.64 -1.35
C THR B 195 -13.04 50.37 -0.25
N PRO B 196 -13.33 49.42 0.65
CA PRO B 196 -12.37 49.15 1.73
C PRO B 196 -10.91 48.94 1.36
N CYS B 197 -10.08 48.84 2.40
CA CYS B 197 -8.64 48.64 2.30
C CYS B 197 -8.30 47.18 2.02
N THR B 198 -7.23 46.94 1.27
CA THR B 198 -6.86 45.57 1.00
C THR B 198 -5.50 45.28 1.60
N VAL B 199 -5.35 44.09 2.17
CA VAL B 199 -4.08 43.66 2.74
C VAL B 199 -3.97 42.15 2.64
N SER B 200 -2.85 41.72 2.08
CA SER B 200 -2.58 40.30 1.89
C SER B 200 -1.55 39.80 2.91
N CYS B 201 -2.00 39.01 3.88
CA CYS B 201 -1.11 38.48 4.91
C CYS B 201 -0.96 36.97 4.82
N ASN B 202 0.19 36.53 4.31
CA ASN B 202 0.43 35.10 4.19
C ASN B 202 0.84 34.49 5.52
N ILE B 203 0.02 33.56 5.98
CA ILE B 203 0.26 32.90 7.25
C ILE B 203 1.55 32.08 7.26
N PRO B 204 2.46 32.39 8.20
CA PRO B 204 3.74 31.71 8.37
C PRO B 204 3.41 30.31 8.81
N VAL B 205 4.17 29.34 8.32
CA VAL B 205 3.95 27.94 8.63
C VAL B 205 4.16 27.58 10.09
N VAL B 206 5.19 28.18 10.67
CA VAL B 206 5.54 27.94 12.05
C VAL B 206 4.36 28.35 12.92
N SER B 207 3.96 27.49 13.84
CA SER B 207 2.82 27.82 14.70
C SER B 207 2.96 27.35 16.14
N GLY B 208 2.23 28.00 17.05
CA GLY B 208 2.30 27.62 18.44
C GLY B 208 1.14 28.16 19.28
N LYS B 209 1.34 28.28 20.59
CA LYS B 209 0.29 28.78 21.48
C LYS B 209 0.39 30.29 21.71
N GLU B 210 1.60 30.77 21.95
CA GLU B 210 1.88 32.18 22.21
C GLU B 210 3.08 32.54 21.35
N CYS B 211 3.57 33.76 21.44
CA CYS B 211 4.72 34.10 20.65
C CYS B 211 5.94 33.47 21.24
N GLU B 212 5.88 33.20 22.54
CA GLU B 212 7.00 32.59 23.23
C GLU B 212 7.40 31.31 22.54
N GLU B 213 6.42 30.45 22.31
CA GLU B 213 6.73 29.20 21.65
C GLU B 213 7.31 29.37 20.28
N ILE B 214 6.63 30.16 19.46
CA ILE B 214 7.10 30.38 18.12
C ILE B 214 8.59 30.73 18.02
N ILE B 215 9.07 31.67 18.81
CA ILE B 215 10.48 32.04 18.74
C ILE B 215 11.43 30.88 19.05
N ARG B 216 11.01 30.00 19.95
CA ARG B 216 11.82 28.84 20.32
C ARG B 216 11.56 27.66 19.39
N LYS B 217 10.94 27.98 18.25
CA LYS B 217 10.62 27.00 17.22
C LYS B 217 11.10 27.53 15.87
N GLY B 218 12.04 28.49 15.90
CA GLY B 218 12.59 29.03 14.67
C GLY B 218 11.89 30.28 14.18
N GLY B 219 11.27 31.03 15.09
CA GLY B 219 10.56 32.25 14.73
C GLY B 219 11.45 33.47 14.90
N GLU B 220 12.31 33.72 13.92
CA GLU B 220 13.24 34.86 13.97
C GLU B 220 12.57 36.19 13.61
N THR B 221 12.13 36.31 12.36
CA THR B 221 11.49 37.53 11.88
C THR B 221 10.31 37.92 12.75
N SER B 222 10.06 39.22 12.78
CA SER B 222 9.00 39.84 13.59
C SER B 222 7.75 40.24 12.82
N GLU B 223 7.12 39.24 12.21
CA GLU B 223 5.90 39.48 11.46
C GLU B 223 4.77 38.96 12.31
N MET B 224 3.60 38.92 11.72
CA MET B 224 2.45 38.44 12.43
C MET B 224 2.44 36.94 12.25
N TYR B 225 1.80 36.24 13.17
CA TYR B 225 1.74 34.80 13.11
C TYR B 225 0.34 34.29 13.38
N LEU B 226 0.19 32.99 13.43
CA LEU B 226 -1.11 32.36 13.70
C LEU B 226 -0.88 31.39 14.85
N ILE B 227 -1.57 31.59 15.98
CA ILE B 227 -1.38 30.70 17.14
C ILE B 227 -2.66 30.03 17.62
N GLN B 228 -2.53 29.03 18.49
CA GLN B 228 -3.67 28.29 19.04
C GLN B 228 -3.40 28.00 20.50
N PRO B 229 -3.60 29.00 21.36
CA PRO B 229 -3.36 28.82 22.78
C PRO B 229 -4.17 27.70 23.43
N ASP B 230 -5.09 27.11 22.66
CA ASP B 230 -5.93 26.04 23.21
C ASP B 230 -6.60 25.16 22.14
N SER B 231 -6.74 23.88 22.46
CA SER B 231 -7.36 22.91 21.56
C SER B 231 -8.84 23.17 21.33
N SER B 232 -9.47 23.85 22.29
CA SER B 232 -10.88 24.15 22.17
C SER B 232 -11.14 25.59 21.78
N VAL B 233 -10.26 26.13 20.95
CA VAL B 233 -10.39 27.50 20.48
C VAL B 233 -9.80 27.69 19.10
N LYS B 234 -10.57 28.35 18.24
CA LYS B 234 -10.15 28.62 16.87
C LYS B 234 -8.82 29.40 16.84
N PRO B 235 -7.84 28.89 16.06
CA PRO B 235 -6.56 29.60 15.99
C PRO B 235 -6.83 30.99 15.38
N TYR B 236 -6.06 32.00 15.78
CA TYR B 236 -6.25 33.34 15.25
C TYR B 236 -4.96 34.04 14.95
N ARG B 237 -4.98 34.91 13.95
CA ARG B 237 -3.79 35.65 13.63
C ARG B 237 -3.41 36.44 14.89
N VAL B 238 -2.39 37.29 14.81
CA VAL B 238 -1.91 38.09 15.94
C VAL B 238 -0.53 38.59 15.54
N TYR B 239 0.01 39.55 16.25
CA TYR B 239 1.31 40.05 15.88
C TYR B 239 2.30 39.65 16.97
N CYS B 240 3.43 39.08 16.58
CA CYS B 240 4.41 38.67 17.58
C CYS B 240 5.68 39.50 17.47
N ASP B 241 6.03 40.25 18.52
CA ASP B 241 7.24 41.04 18.42
C ASP B 241 8.42 40.16 18.71
N MET B 242 9.35 40.13 17.79
CA MET B 242 10.49 39.29 18.00
C MET B 242 11.78 40.09 17.92
N ASN B 243 11.94 41.04 18.83
CA ASN B 243 13.16 41.82 18.84
C ASN B 243 13.30 42.63 20.12
N THR B 244 12.22 43.28 20.54
CA THR B 244 12.23 44.09 21.76
C THR B 244 12.41 43.27 23.03
N GLU B 245 13.46 43.60 23.77
CA GLU B 245 13.79 42.94 25.03
C GLU B 245 13.65 41.43 24.96
N ASN B 246 14.71 40.82 24.47
CA ASN B 246 14.79 39.38 24.33
C ASN B 246 13.98 38.85 23.13
N GLY B 247 12.84 39.47 22.85
CA GLY B 247 12.00 39.09 21.72
C GLY B 247 11.07 37.93 21.99
N GLY B 248 9.89 37.90 21.36
CA GLY B 248 8.95 36.79 21.60
C GLY B 248 7.71 37.17 22.39
N TRP B 249 7.37 38.45 22.29
CA TRP B 249 6.22 39.07 22.95
C TRP B 249 4.95 38.94 22.10
N THR B 250 3.83 38.66 22.76
CA THR B 250 2.52 38.52 22.11
C THR B 250 1.82 39.89 22.22
N VAL B 251 1.90 40.68 21.15
CA VAL B 251 1.28 42.00 21.14
C VAL B 251 -0.20 41.81 21.32
N ILE B 252 -0.75 42.51 22.30
CA ILE B 252 -2.18 42.45 22.61
C ILE B 252 -2.91 43.75 22.25
N GLN B 253 -2.20 44.88 22.30
CA GLN B 253 -2.79 46.16 21.93
C GLN B 253 -1.69 47.03 21.36
N ASN B 254 -2.02 47.91 20.42
CA ASN B 254 -1.01 48.78 19.80
C ASN B 254 -1.66 49.98 19.11
N ARG B 255 -1.00 51.14 19.23
CA ARG B 255 -1.42 52.43 18.66
C ARG B 255 -0.21 53.05 17.94
N GLN B 256 -0.46 53.86 16.92
CA GLN B 256 0.64 54.45 16.19
C GLN B 256 0.20 55.49 15.16
N ASP B 257 -1.07 55.45 14.79
CA ASP B 257 -1.61 56.40 13.81
C ASP B 257 -3.13 56.61 13.85
N GLY B 258 -3.82 55.93 14.77
CA GLY B 258 -5.26 56.06 14.89
C GLY B 258 -6.01 55.51 13.69
N SER B 259 -5.35 54.59 12.98
CA SER B 259 -5.88 53.95 11.80
C SER B 259 -7.24 53.32 12.06
N VAL B 260 -7.53 53.09 13.33
CA VAL B 260 -8.79 52.49 13.72
C VAL B 260 -9.31 53.12 15.01
N ASP B 261 -10.63 53.26 15.08
CA ASP B 261 -11.30 53.86 16.21
C ASP B 261 -11.52 52.88 17.35
N PHE B 262 -11.04 53.25 18.53
CA PHE B 262 -11.16 52.42 19.71
C PHE B 262 -12.35 52.77 20.57
N GLY B 263 -13.14 53.72 20.10
CA GLY B 263 -14.31 54.08 20.86
C GLY B 263 -15.43 53.10 20.52
N ARG B 264 -15.12 51.82 20.35
CA ARG B 264 -16.16 50.87 20.02
C ARG B 264 -16.93 50.41 21.24
N LYS B 265 -18.06 49.73 21.02
CA LYS B 265 -18.94 49.21 22.08
C LYS B 265 -18.30 48.11 22.90
N TRP B 266 -19.09 47.39 23.67
CA TRP B 266 -18.49 46.34 24.47
C TRP B 266 -18.15 45.13 23.65
N ASP B 267 -19.13 44.65 22.87
CA ASP B 267 -18.91 43.47 22.06
C ASP B 267 -17.66 43.54 21.19
N PRO B 268 -17.51 44.60 20.36
CA PRO B 268 -16.31 44.67 19.53
C PRO B 268 -15.06 44.47 20.37
N TYR B 269 -15.16 44.77 21.65
CA TYR B 269 -14.04 44.63 22.55
C TYR B 269 -13.86 43.19 23.06
N LYS B 270 -14.92 42.41 23.03
CA LYS B 270 -14.81 41.03 23.48
C LYS B 270 -14.30 40.15 22.37
N GLN B 271 -14.77 40.44 21.15
CA GLN B 271 -14.43 39.71 19.94
C GLN B 271 -13.06 40.08 19.40
N GLY B 272 -12.75 41.37 19.44
CA GLY B 272 -11.47 41.85 18.94
C GLY B 272 -11.65 42.74 17.74
N PHE B 273 -10.80 43.72 17.58
CA PHE B 273 -10.96 44.58 16.43
C PHE B 273 -9.67 45.24 16.05
N GLY B 274 -9.67 45.89 14.89
CA GLY B 274 -8.47 46.56 14.42
C GLY B 274 -7.80 45.76 13.32
N ASN B 275 -6.59 46.18 12.95
CA ASN B 275 -5.82 45.51 11.91
C ASN B 275 -4.60 44.82 12.54
N VAL B 276 -4.61 43.49 12.55
CA VAL B 276 -3.51 42.72 13.15
C VAL B 276 -2.17 43.04 12.55
N ALA B 277 -2.12 43.25 11.25
CA ALA B 277 -0.87 43.55 10.61
C ALA B 277 -1.10 43.86 9.15
N THR B 278 -0.23 44.70 8.58
CA THR B 278 -0.28 45.09 7.17
C THR B 278 1.00 44.64 6.43
N ASN B 279 0.96 44.72 5.10
CA ASN B 279 2.09 44.33 4.25
C ASN B 279 3.29 45.19 4.56
N THR B 280 4.43 44.75 4.04
CA THR B 280 5.65 45.49 4.27
C THR B 280 6.19 46.05 2.96
N ASP B 281 5.44 47.01 2.43
CA ASP B 281 5.81 47.71 1.20
C ASP B 281 6.34 46.79 0.11
N GLY B 282 5.44 46.05 -0.54
CA GLY B 282 5.85 45.16 -1.62
C GLY B 282 6.06 43.70 -1.21
N LYS B 283 6.71 43.48 -0.06
CA LYS B 283 6.97 42.14 0.44
C LYS B 283 5.69 41.38 0.79
N ASN B 284 5.64 40.14 0.31
CA ASN B 284 4.51 39.23 0.46
C ASN B 284 4.00 38.95 1.88
N TYR B 285 4.87 38.98 2.88
CA TYR B 285 4.41 38.73 4.25
C TYR B 285 4.04 40.05 4.92
N CYS B 286 3.44 39.97 6.11
CA CYS B 286 3.04 41.16 6.88
C CYS B 286 3.95 41.38 8.08
N GLY B 287 4.89 42.30 7.95
CA GLY B 287 5.82 42.59 9.03
C GLY B 287 5.40 43.73 9.93
N LEU B 288 4.79 44.75 9.32
CA LEU B 288 4.32 45.94 10.03
C LEU B 288 3.08 45.65 10.85
N PRO B 289 2.98 46.26 12.05
CA PRO B 289 1.86 46.11 13.00
C PRO B 289 0.54 46.61 12.41
N GLY B 290 -0.14 47.52 13.10
CA GLY B 290 -1.38 48.02 12.56
C GLY B 290 -2.48 48.46 13.51
N GLU B 291 -2.21 48.43 14.80
CA GLU B 291 -3.18 48.84 15.82
C GLU B 291 -4.38 47.95 15.90
N TYR B 292 -4.61 47.44 17.09
CA TYR B 292 -5.75 46.58 17.25
C TYR B 292 -5.91 46.22 18.70
N TRP B 293 -6.86 45.35 18.95
CA TRP B 293 -7.15 44.90 20.28
C TRP B 293 -7.67 43.50 20.14
N LEU B 294 -6.78 42.55 20.38
CA LEU B 294 -7.14 41.16 20.27
C LEU B 294 -8.36 40.86 21.16
N GLY B 295 -9.03 39.74 20.90
CA GLY B 295 -10.23 39.37 21.66
C GLY B 295 -10.11 39.33 23.17
N ASN B 296 -10.94 40.06 23.89
CA ASN B 296 -10.83 40.02 25.33
C ASN B 296 -10.84 38.59 25.81
N ASP B 297 -11.80 37.80 25.34
CA ASP B 297 -11.86 36.42 25.79
C ASP B 297 -10.55 35.70 25.61
N LYS B 298 -9.82 36.07 24.57
CA LYS B 298 -8.54 35.46 24.30
C LYS B 298 -7.59 36.03 25.35
N ILE B 299 -7.55 37.35 25.45
CA ILE B 299 -6.65 37.97 26.40
C ILE B 299 -6.73 37.34 27.78
N SER B 300 -7.96 37.05 28.22
CA SER B 300 -8.22 36.43 29.51
C SER B 300 -7.81 34.98 29.52
N GLN B 301 -8.23 34.27 28.49
CA GLN B 301 -7.91 32.86 28.39
C GLN B 301 -6.42 32.69 28.39
N LEU B 302 -5.73 33.54 27.62
CA LEU B 302 -4.28 33.49 27.53
C LEU B 302 -3.62 33.55 28.90
N THR B 303 -3.92 34.61 29.64
CA THR B 303 -3.35 34.85 30.97
C THR B 303 -3.79 33.88 32.06
N ARG B 304 -5.02 33.39 31.97
CA ARG B 304 -5.52 32.45 32.96
C ARG B 304 -5.05 31.00 32.77
N MET B 305 -4.02 30.78 31.96
CA MET B 305 -3.46 29.44 31.73
C MET B 305 -1.96 29.52 31.86
N GLY B 306 -1.50 29.85 33.05
CA GLY B 306 -0.07 29.97 33.28
C GLY B 306 0.28 31.37 33.73
N PRO B 307 1.41 31.54 34.42
CA PRO B 307 1.80 32.88 34.88
C PRO B 307 2.06 33.77 33.67
N THR B 308 2.03 35.07 33.87
CA THR B 308 2.24 35.94 32.72
C THR B 308 2.79 37.28 33.07
N GLU B 309 3.38 37.95 32.10
CA GLU B 309 3.88 39.26 32.37
C GLU B 309 3.42 40.20 31.26
N LEU B 310 3.68 41.50 31.44
CA LEU B 310 3.24 42.49 30.46
C LEU B 310 4.23 43.64 30.27
N LEU B 311 4.38 44.06 29.03
CA LEU B 311 5.26 45.15 28.70
C LEU B 311 4.43 46.20 27.98
N ILE B 312 4.55 47.47 28.39
CA ILE B 312 3.79 48.53 27.75
C ILE B 312 4.71 49.70 27.38
N GLU B 313 5.36 49.61 26.23
CA GLU B 313 6.24 50.69 25.79
C GLU B 313 5.40 51.77 25.09
N MET B 314 6.00 52.93 24.86
CA MET B 314 5.33 54.06 24.20
C MET B 314 6.32 55.20 23.98
N GLU B 315 5.96 56.14 23.12
CA GLU B 315 6.83 57.27 22.86
C GLU B 315 6.05 58.51 22.45
N ASP B 316 6.53 59.67 22.87
CA ASP B 316 5.90 60.96 22.57
C ASP B 316 6.15 61.32 21.12
N TRP B 317 5.97 62.59 20.77
CA TRP B 317 6.19 63.02 19.40
C TRP B 317 7.54 63.66 19.25
N LYS B 318 8.39 63.37 20.22
CA LYS B 318 9.74 63.89 20.27
C LYS B 318 10.64 62.69 20.05
N GLY B 319 10.10 61.50 20.25
CA GLY B 319 10.88 60.30 20.07
C GLY B 319 11.12 59.59 21.38
N ASP B 320 11.51 60.32 22.43
CA ASP B 320 11.78 59.74 23.75
C ASP B 320 10.90 58.51 24.07
N LYS B 321 11.52 57.38 24.44
CA LYS B 321 10.75 56.18 24.77
C LYS B 321 10.94 55.72 26.21
N VAL B 322 9.90 55.08 26.73
CA VAL B 322 9.85 54.54 28.09
C VAL B 322 8.88 53.35 28.08
N LYS B 323 8.66 52.75 29.24
CA LYS B 323 7.78 51.61 29.31
C LYS B 323 7.61 51.07 30.72
N ALA B 324 6.60 50.21 30.86
CA ALA B 324 6.22 49.54 32.10
C ALA B 324 6.26 48.03 31.98
N HIS B 325 6.62 47.37 33.06
CA HIS B 325 6.73 45.92 33.05
C HIS B 325 5.97 45.32 34.25
N TYR B 326 5.15 44.29 34.00
CA TYR B 326 4.40 43.64 35.07
C TYR B 326 4.49 42.14 34.97
N GLY B 327 5.40 41.54 35.73
CA GLY B 327 5.56 40.09 35.70
C GLY B 327 4.38 39.37 36.29
N GLY B 328 3.29 40.10 36.39
CA GLY B 328 2.06 39.56 36.93
C GLY B 328 0.94 40.32 36.26
N PHE B 329 0.21 39.60 35.43
CA PHE B 329 -0.90 40.14 34.68
C PHE B 329 -1.96 39.06 34.53
N THR B 330 -3.23 39.38 34.77
CA THR B 330 -4.29 38.36 34.66
C THR B 330 -5.71 38.91 34.55
N VAL B 331 -6.30 38.83 33.36
CA VAL B 331 -7.65 39.33 33.15
C VAL B 331 -8.71 38.23 33.18
N GLN B 332 -9.62 38.29 34.12
CA GLN B 332 -10.66 37.27 34.23
C GLN B 332 -11.53 37.16 33.00
N ASN B 333 -12.34 36.10 32.97
CA ASN B 333 -13.24 35.84 31.84
C ASN B 333 -14.45 36.76 31.85
N GLU B 334 -15.12 36.90 30.71
CA GLU B 334 -16.28 37.79 30.65
C GLU B 334 -17.17 37.69 31.87
N ALA B 335 -17.34 36.48 32.40
CA ALA B 335 -18.20 36.24 33.56
C ALA B 335 -17.90 37.23 34.66
N ASN B 336 -16.62 37.49 34.83
CA ASN B 336 -16.16 38.38 35.88
C ASN B 336 -15.68 39.68 35.30
N LYS B 337 -16.48 40.23 34.39
CA LYS B 337 -16.19 41.52 33.81
C LYS B 337 -14.72 41.78 33.42
N TYR B 338 -13.99 40.77 32.94
CA TYR B 338 -12.61 41.00 32.53
C TYR B 338 -11.82 41.86 33.52
N GLN B 339 -11.86 41.47 34.79
CA GLN B 339 -11.14 42.20 35.82
C GLN B 339 -9.70 42.30 35.37
N ILE B 340 -8.88 43.00 36.12
CA ILE B 340 -7.49 43.10 35.74
C ILE B 340 -6.58 43.22 36.93
N SER B 341 -6.09 42.08 37.41
CA SER B 341 -5.22 42.06 38.56
C SER B 341 -3.75 41.97 38.20
N VAL B 342 -3.07 43.11 38.18
CA VAL B 342 -1.67 43.17 37.84
C VAL B 342 -0.81 43.56 39.01
N ASN B 343 0.37 42.99 39.06
CA ASN B 343 1.30 43.31 40.13
C ASN B 343 2.71 43.17 39.58
N LYS B 344 3.67 43.38 40.48
CA LYS B 344 5.09 43.30 40.16
C LYS B 344 5.50 44.32 39.12
N TYR B 345 5.44 45.59 39.49
CA TYR B 345 5.84 46.65 38.59
C TYR B 345 7.34 46.64 38.31
N ARG B 346 7.74 47.40 37.30
CA ARG B 346 9.15 47.53 36.89
C ARG B 346 9.27 48.59 35.77
N GLY B 347 10.50 48.82 35.30
CA GLY B 347 10.71 49.81 34.24
C GLY B 347 10.51 51.25 34.70
N THR B 348 10.60 52.20 33.78
CA THR B 348 10.41 53.59 34.14
C THR B 348 9.47 54.28 33.21
N ALA B 349 8.42 54.82 33.79
CA ALA B 349 7.43 55.51 33.01
C ALA B 349 6.29 55.84 33.94
N GLY B 350 6.09 55.03 34.98
CA GLY B 350 5.03 55.32 35.92
C GLY B 350 4.11 54.15 36.20
N ASN B 351 4.15 53.68 37.45
CA ASN B 351 3.34 52.55 37.87
C ASN B 351 1.85 52.90 38.03
N ALA B 352 1.36 53.76 37.15
CA ALA B 352 -0.01 54.17 37.24
C ALA B 352 -1.02 53.05 37.21
N LEU B 353 -0.65 51.84 36.82
CA LEU B 353 -1.66 50.81 36.78
C LEU B 353 -2.02 50.23 38.13
N MET B 354 -1.19 50.49 39.13
CA MET B 354 -1.45 49.96 40.47
C MET B 354 -1.02 50.92 41.56
N ASP B 355 -0.43 52.03 41.13
CA ASP B 355 0.09 53.07 42.04
C ASP B 355 -0.66 54.38 41.76
N GLY B 356 -1.61 54.35 40.83
CA GLY B 356 -2.36 55.55 40.51
C GLY B 356 -1.45 56.63 39.97
N ALA B 357 -2.03 57.71 39.45
CA ALA B 357 -1.24 58.80 38.91
C ALA B 357 -0.25 59.37 39.91
N SER B 358 0.60 60.26 39.42
CA SER B 358 1.59 60.89 40.26
C SER B 358 1.24 62.34 40.47
N GLN B 359 0.49 62.91 39.55
CA GLN B 359 0.13 64.29 39.71
C GLN B 359 -1.10 64.46 40.59
N LEU B 360 -1.34 63.50 41.48
CA LEU B 360 -2.48 63.56 42.39
C LEU B 360 -2.10 63.13 43.78
N MET B 361 -2.96 63.44 44.75
CA MET B 361 -2.71 63.05 46.13
C MET B 361 -4.00 62.60 46.84
N GLY B 362 -3.81 61.66 47.77
CA GLY B 362 -4.91 61.10 48.56
C GLY B 362 -6.05 60.58 47.73
N GLU B 363 -7.26 60.64 48.28
CA GLU B 363 -8.44 60.19 47.56
C GLU B 363 -8.35 60.57 46.08
N ASN B 364 -7.78 61.73 45.76
CA ASN B 364 -7.69 62.11 44.38
C ASN B 364 -6.91 61.12 43.53
N ARG B 365 -5.75 60.70 44.03
CA ARG B 365 -4.90 59.76 43.32
C ARG B 365 -5.36 58.31 43.52
N THR B 366 -5.55 57.91 44.78
CA THR B 366 -5.97 56.56 45.09
C THR B 366 -7.29 56.12 44.51
N MET B 367 -7.78 56.83 43.51
CA MET B 367 -9.02 56.40 42.92
C MET B 367 -8.72 56.10 41.45
N THR B 368 -7.47 56.27 41.06
CA THR B 368 -7.07 56.05 39.67
C THR B 368 -6.19 54.84 39.48
N ILE B 369 -6.33 53.86 40.36
CA ILE B 369 -5.57 52.66 40.30
C ILE B 369 -6.40 51.63 39.53
N HIS B 370 -6.03 51.42 38.27
CA HIS B 370 -6.70 50.48 37.35
C HIS B 370 -6.69 49.06 37.88
N ASN B 371 -5.58 48.70 38.53
CA ASN B 371 -5.37 47.36 39.08
C ASN B 371 -6.55 46.90 39.90
N GLY B 372 -7.26 45.88 39.43
CA GLY B 372 -8.39 45.36 40.18
C GLY B 372 -9.76 45.70 39.65
N MET B 373 -9.84 46.77 38.86
CA MET B 373 -11.11 47.21 38.28
C MET B 373 -11.70 46.24 37.24
N PHE B 374 -12.83 46.64 36.65
CA PHE B 374 -13.55 45.85 35.63
C PHE B 374 -13.43 46.56 34.29
N PHE B 375 -13.80 45.89 33.21
CA PHE B 375 -13.71 46.52 31.90
C PHE B 375 -15.00 47.25 31.56
N SER B 376 -14.88 48.50 31.10
CA SER B 376 -16.06 49.29 30.78
C SER B 376 -16.00 49.86 29.36
N THR B 377 -17.16 50.04 28.72
CA THR B 377 -17.26 50.62 27.38
C THR B 377 -18.45 51.54 27.36
N TYR B 378 -18.51 52.50 26.46
CA TYR B 378 -19.69 53.34 26.49
C TYR B 378 -20.94 52.53 26.14
N ASP B 379 -20.80 51.21 26.15
CA ASP B 379 -21.91 50.31 25.83
C ASP B 379 -22.34 49.62 27.15
N ARG B 380 -21.37 49.46 28.05
CA ARG B 380 -21.54 48.85 29.39
C ARG B 380 -20.70 49.58 30.43
N ASP B 381 -21.29 49.97 31.55
CA ASP B 381 -20.54 50.67 32.57
C ASP B 381 -20.18 49.77 33.75
N ASN B 382 -18.88 49.70 34.01
CA ASN B 382 -18.35 48.90 35.11
C ASN B 382 -17.26 49.69 35.85
N ASP B 383 -17.31 51.02 35.73
CA ASP B 383 -16.33 51.90 36.36
C ASP B 383 -16.46 52.01 37.89
N GLY B 384 -15.47 52.61 38.53
CA GLY B 384 -15.46 52.78 39.97
C GLY B 384 -16.04 54.14 40.28
N TRP B 385 -16.79 54.63 39.31
CA TRP B 385 -17.45 55.92 39.41
C TRP B 385 -18.93 55.61 39.58
N LEU B 386 -19.41 55.76 40.81
CA LEU B 386 -20.82 55.52 41.13
C LEU B 386 -21.64 56.79 40.98
N THR B 387 -22.46 56.80 39.94
CA THR B 387 -23.34 57.92 39.60
C THR B 387 -24.50 57.45 38.72
N SER B 388 -25.70 57.96 39.01
CA SER B 388 -26.91 57.60 38.28
C SER B 388 -26.99 58.22 36.89
N ASP B 389 -26.47 59.44 36.76
CA ASP B 389 -26.46 60.13 35.48
C ASP B 389 -25.74 59.27 34.46
N PRO B 390 -26.48 58.62 33.55
CA PRO B 390 -25.87 57.77 32.52
C PRO B 390 -24.87 58.52 31.63
N ARG B 391 -24.90 59.84 31.66
CA ARG B 391 -24.00 60.68 30.86
C ARG B 391 -22.60 60.59 31.45
N LYS B 392 -22.52 60.43 32.76
CA LYS B 392 -21.24 60.35 33.47
C LYS B 392 -20.71 58.92 33.59
N GLN B 393 -19.96 58.53 32.58
CA GLN B 393 -19.36 57.23 32.57
C GLN B 393 -17.99 57.35 31.95
N CYS B 394 -17.03 56.81 32.67
CA CYS B 394 -15.65 56.83 32.26
C CYS B 394 -15.48 56.53 30.79
N SER B 395 -16.04 55.41 30.33
CA SER B 395 -15.92 55.03 28.94
C SER B 395 -16.42 56.07 27.97
N LYS B 396 -17.60 56.60 28.24
CA LYS B 396 -18.15 57.59 27.34
C LYS B 396 -17.30 58.84 27.35
N GLU B 397 -16.99 59.32 28.55
CA GLU B 397 -16.19 60.52 28.69
C GLU B 397 -14.95 60.45 27.80
N ASP B 398 -14.26 59.32 27.87
CA ASP B 398 -13.03 59.05 27.12
C ASP B 398 -13.25 57.86 26.22
N GLY B 399 -13.96 58.08 25.11
CA GLY B 399 -14.28 57.01 24.17
C GLY B 399 -13.26 55.90 23.97
N GLY B 400 -13.57 54.74 24.53
CA GLY B 400 -12.65 53.62 24.40
C GLY B 400 -12.68 52.68 25.58
N GLY B 401 -12.73 51.38 25.29
CA GLY B 401 -12.78 50.36 26.31
C GLY B 401 -11.49 50.18 27.08
N TRP B 402 -11.59 50.30 28.40
CA TRP B 402 -10.42 50.21 29.27
C TRP B 402 -10.81 49.71 30.66
N TRP B 403 -9.85 49.39 31.51
CA TRP B 403 -10.20 48.96 32.86
C TRP B 403 -10.36 50.17 33.75
N TYR B 404 -11.22 51.08 33.31
CA TYR B 404 -11.48 52.33 34.03
C TYR B 404 -11.82 52.30 35.51
N ASN B 405 -11.91 53.50 36.10
CA ASN B 405 -12.21 53.62 37.52
C ASN B 405 -12.17 55.07 37.98
N ARG B 406 -13.14 55.86 37.55
CA ARG B 406 -13.25 57.27 37.96
C ARG B 406 -12.02 58.16 37.94
N CYS B 407 -11.25 58.16 36.84
CA CYS B 407 -11.50 57.33 35.68
C CYS B 407 -10.28 56.57 35.23
N HIS B 408 -9.13 57.24 35.25
CA HIS B 408 -7.87 56.63 34.81
C HIS B 408 -6.67 57.47 35.18
N ALA B 409 -5.50 56.88 34.98
CA ALA B 409 -4.28 57.57 35.25
C ALA B 409 -3.49 57.28 34.03
N ALA B 410 -4.17 56.52 33.15
CA ALA B 410 -3.64 56.06 31.87
C ALA B 410 -4.79 55.63 30.98
N ASN B 411 -4.84 56.19 29.77
CA ASN B 411 -5.92 55.93 28.85
C ASN B 411 -5.67 55.29 27.49
N PRO B 412 -5.10 54.06 27.45
CA PRO B 412 -4.84 53.40 26.16
C PRO B 412 -6.13 53.16 25.47
N ASN B 413 -6.09 53.11 24.15
CA ASN B 413 -7.31 52.85 23.43
C ASN B 413 -8.18 54.07 23.54
N GLY B 414 -7.62 55.26 23.37
CA GLY B 414 -8.46 56.43 23.51
C GLY B 414 -8.76 57.13 22.20
N ARG B 415 -8.40 58.40 22.16
CA ARG B 415 -8.60 59.18 20.97
C ARG B 415 -7.21 59.63 20.47
N TYR B 416 -6.67 58.92 19.49
CA TYR B 416 -5.35 59.28 19.01
C TYR B 416 -5.27 60.72 18.51
N TYR B 417 -4.87 61.62 19.40
CA TYR B 417 -4.73 63.04 19.10
C TYR B 417 -3.44 63.27 18.32
N TRP B 418 -3.44 64.16 17.33
CA TRP B 418 -2.22 64.41 16.56
C TRP B 418 -1.33 65.42 17.30
N GLY B 419 -0.12 65.62 16.79
CA GLY B 419 0.80 66.56 17.39
C GLY B 419 1.24 66.17 18.79
N GLY B 420 0.30 65.70 19.60
CA GLY B 420 0.60 65.28 20.95
C GLY B 420 -0.05 66.07 22.06
N GLN B 421 -0.05 67.39 21.93
CA GLN B 421 -0.64 68.25 22.94
C GLN B 421 -2.07 68.58 22.58
N TYR B 422 -2.88 68.83 23.61
CA TYR B 422 -4.28 69.17 23.44
C TYR B 422 -4.81 69.65 24.79
N THR B 423 -5.76 70.59 24.75
CA THR B 423 -6.37 71.16 25.95
C THR B 423 -7.73 70.52 26.26
N TRP B 424 -8.43 71.07 27.26
CA TRP B 424 -9.72 70.56 27.66
C TRP B 424 -10.78 70.81 26.59
N ASP B 425 -10.77 72.01 26.01
CA ASP B 425 -11.75 72.37 24.99
C ASP B 425 -11.51 71.74 23.63
N MET B 426 -11.25 70.43 23.64
CA MET B 426 -10.99 69.69 22.41
C MET B 426 -11.61 68.33 22.57
N ALA B 427 -11.55 67.85 23.80
CA ALA B 427 -12.09 66.56 24.15
C ALA B 427 -13.55 66.45 23.72
N LYS B 428 -13.91 65.27 23.20
CA LYS B 428 -15.27 64.95 22.76
C LYS B 428 -16.30 65.32 23.79
N HIS B 429 -15.96 65.12 25.06
CA HIS B 429 -16.88 65.46 26.11
C HIS B 429 -16.37 66.61 26.92
N GLY B 430 -15.10 66.96 26.68
CA GLY B 430 -14.51 68.06 27.41
C GLY B 430 -13.73 67.57 28.62
N THR B 431 -13.34 66.29 28.58
CA THR B 431 -12.58 65.64 29.65
C THR B 431 -11.13 65.53 29.20
N ASP B 432 -10.51 64.38 29.43
CA ASP B 432 -9.12 64.19 29.01
C ASP B 432 -8.96 62.85 28.33
N ASP B 433 -9.80 62.60 27.32
CA ASP B 433 -9.76 61.33 26.57
C ASP B 433 -8.48 61.23 25.76
N GLY B 434 -8.26 60.07 25.14
CA GLY B 434 -7.06 59.91 24.34
C GLY B 434 -5.97 59.14 25.06
N VAL B 435 -5.18 58.37 24.31
CA VAL B 435 -4.08 57.54 24.86
C VAL B 435 -2.99 58.38 25.50
N VAL B 436 -3.07 58.46 26.82
CA VAL B 436 -2.12 59.24 27.58
C VAL B 436 -1.75 58.44 28.83
N TRP B 437 -0.53 58.60 29.31
CA TRP B 437 -0.13 57.86 30.47
C TRP B 437 -0.12 58.83 31.66
N MET B 438 0.00 60.13 31.37
CA MET B 438 0.00 61.13 32.43
C MET B 438 1.22 61.10 33.33
N ASN B 439 1.63 59.91 33.77
CA ASN B 439 2.81 59.78 34.65
C ASN B 439 4.13 60.09 33.99
N TRP B 440 4.16 60.01 32.66
CA TRP B 440 5.37 60.32 31.95
C TRP B 440 5.14 61.56 31.13
N LYS B 441 3.88 61.92 30.91
CA LYS B 441 3.59 63.10 30.13
C LYS B 441 2.61 64.05 30.80
N GLY B 442 1.34 63.66 30.92
CA GLY B 442 0.35 64.52 31.55
C GLY B 442 -1.04 64.24 31.00
N SER B 443 -2.06 64.72 31.71
CA SER B 443 -3.44 64.51 31.27
C SER B 443 -3.69 65.16 29.93
N TRP B 444 -2.73 65.90 29.40
CA TRP B 444 -2.95 66.55 28.13
C TRP B 444 -1.95 66.27 27.06
N TYR B 445 -1.50 65.01 27.00
CA TYR B 445 -0.53 64.60 26.01
C TYR B 445 -0.76 63.19 25.48
N SER B 446 -1.32 63.10 24.27
CA SER B 446 -1.61 61.82 23.62
C SER B 446 -0.35 61.22 22.99
N MET B 447 -0.03 59.98 23.32
CA MET B 447 1.17 59.36 22.77
C MET B 447 1.23 59.37 21.27
N ARG B 448 2.39 58.93 20.77
CA ARG B 448 2.67 58.80 19.35
C ARG B 448 2.58 57.31 19.04
N LYS B 449 2.90 56.48 20.02
CA LYS B 449 2.88 55.04 19.83
C LYS B 449 2.77 54.36 21.18
N MET B 450 1.60 53.74 21.38
CA MET B 450 1.25 53.03 22.60
C MET B 450 1.04 51.55 22.30
N SER B 451 1.72 50.68 23.03
CA SER B 451 1.57 49.25 22.77
C SER B 451 1.73 48.41 24.03
N MET B 452 1.07 47.26 24.00
CA MET B 452 1.07 46.30 25.09
C MET B 452 1.45 44.96 24.49
N LYS B 453 1.94 44.03 25.30
CA LYS B 453 2.32 42.70 24.81
C LYS B 453 2.49 41.77 25.98
N ILE B 454 1.99 40.54 25.87
CA ILE B 454 2.12 39.59 26.98
C ILE B 454 3.11 38.48 26.68
N ARG B 455 3.44 37.69 27.69
CA ARG B 455 4.39 36.63 27.47
C ARG B 455 4.51 35.83 28.74
N PRO B 456 4.67 34.50 28.62
CA PRO B 456 4.79 33.61 29.76
C PRO B 456 5.77 34.16 30.79
N PHE B 457 5.58 33.79 32.06
CA PHE B 457 6.46 34.27 33.13
C PHE B 457 7.80 33.54 33.18
N PHE B 458 7.99 32.79 34.27
CA PHE B 458 9.22 32.01 34.52
C PHE B 458 10.47 32.94 34.67
N GLU C 3 -34.96 111.94 20.01
CA GLU C 3 -34.33 111.37 18.79
C GLU C 3 -35.06 110.14 18.21
N ALA C 4 -35.14 109.07 19.01
CA ALA C 4 -35.68 107.71 18.70
C ALA C 4 -35.44 107.07 17.31
N SER C 5 -34.72 107.77 16.44
CA SER C 5 -34.43 107.31 15.08
C SER C 5 -33.64 105.98 14.95
N ILE C 6 -32.72 105.72 15.86
CA ILE C 6 -31.84 104.52 15.86
C ILE C 6 -32.46 103.09 15.80
N LEU C 7 -33.78 103.07 16.01
CA LEU C 7 -34.61 101.85 16.00
C LEU C 7 -34.24 100.84 14.89
N THR C 8 -33.35 101.23 13.97
CA THR C 8 -32.94 100.36 12.86
C THR C 8 -31.86 99.25 13.03
N HIS C 9 -30.78 99.54 13.74
CA HIS C 9 -29.68 98.58 13.94
C HIS C 9 -30.13 97.29 14.59
N ASP C 10 -31.14 97.43 15.45
CA ASP C 10 -31.73 96.32 16.17
C ASP C 10 -32.38 95.33 15.18
N SER C 11 -32.82 95.85 14.04
CA SER C 11 -33.44 95.03 13.00
C SER C 11 -32.41 94.11 12.32
N SER C 12 -31.13 94.46 12.46
CA SER C 12 -30.00 93.71 11.89
C SER C 12 -29.71 92.36 12.58
N ILE C 13 -30.11 92.29 13.84
CA ILE C 13 -29.97 91.11 14.71
C ILE C 13 -30.65 89.91 14.06
N ARG C 14 -31.83 90.13 13.48
CA ARG C 14 -32.57 89.04 12.83
C ARG C 14 -31.61 88.28 11.95
N TYR C 15 -30.65 88.98 11.36
CA TYR C 15 -29.68 88.34 10.49
C TYR C 15 -28.76 87.37 11.24
N LEU C 16 -28.31 87.74 12.43
CA LEU C 16 -27.41 86.86 13.16
C LEU C 16 -28.10 85.60 13.68
N GLN C 17 -29.17 85.77 14.45
CA GLN C 17 -29.86 84.62 15.01
C GLN C 17 -30.34 83.70 13.88
N GLU C 18 -30.57 84.26 12.70
CA GLU C 18 -31.00 83.45 11.57
C GLU C 18 -29.91 82.56 11.00
N ILE C 19 -28.68 83.07 10.89
CA ILE C 19 -27.55 82.28 10.38
C ILE C 19 -27.07 81.38 11.49
N TYR C 20 -27.11 81.89 12.71
CA TYR C 20 -26.71 81.08 13.83
C TYR C 20 -27.65 79.88 13.83
N ASN C 21 -28.95 80.10 13.63
CA ASN C 21 -29.92 78.98 13.64
C ASN C 21 -29.55 77.95 12.58
N SER C 22 -29.14 78.42 11.40
CA SER C 22 -28.75 77.53 10.30
C SER C 22 -27.53 76.72 10.71
N ASN C 23 -26.58 77.37 11.36
CA ASN C 23 -25.39 76.66 11.80
C ASN C 23 -25.75 75.55 12.76
N ASN C 24 -26.46 75.92 13.83
CA ASN C 24 -26.86 74.94 14.84
C ASN C 24 -27.65 73.84 14.18
N GLN C 25 -28.61 74.19 13.32
CA GLN C 25 -29.42 73.18 12.65
C GLN C 25 -28.57 72.28 11.79
N LYS C 26 -27.64 72.90 11.06
CA LYS C 26 -26.73 72.18 10.16
C LYS C 26 -25.84 71.22 10.95
N ILE C 27 -25.31 71.72 12.04
CA ILE C 27 -24.46 70.88 12.86
C ILE C 27 -25.23 69.63 13.28
N VAL C 28 -26.47 69.79 13.75
CA VAL C 28 -27.25 68.63 14.17
C VAL C 28 -27.29 67.61 13.02
N ASN C 29 -27.54 68.10 11.81
CA ASN C 29 -27.59 67.25 10.64
C ASN C 29 -26.25 66.64 10.29
N LEU C 30 -25.19 67.35 10.70
CA LEU C 30 -23.81 66.91 10.46
C LEU C 30 -23.38 65.85 11.45
N LYS C 31 -23.49 66.17 12.73
CA LYS C 31 -23.11 65.19 13.73
C LYS C 31 -23.85 63.92 13.38
N GLU C 32 -25.05 64.09 12.83
CA GLU C 32 -25.93 62.98 12.43
C GLU C 32 -25.28 62.13 11.34
N LYS C 33 -24.66 62.78 10.36
CA LYS C 33 -24.00 62.07 9.28
C LYS C 33 -22.69 61.46 9.75
N VAL C 34 -22.12 62.04 10.79
CA VAL C 34 -20.86 61.55 11.36
C VAL C 34 -21.02 60.13 11.87
N ALA C 35 -22.04 59.91 12.67
CA ALA C 35 -22.29 58.57 13.18
C ALA C 35 -22.54 57.63 12.01
N GLN C 36 -23.12 58.13 10.92
CA GLN C 36 -23.41 57.31 9.74
C GLN C 36 -22.09 56.87 9.11
N LEU C 37 -21.08 57.72 9.25
CA LEU C 37 -19.74 57.46 8.75
C LEU C 37 -18.98 56.51 9.65
N GLU C 38 -19.12 56.70 10.96
CA GLU C 38 -18.45 55.86 11.93
C GLU C 38 -18.86 54.41 11.68
N ALA C 39 -20.16 54.18 11.47
CA ALA C 39 -20.66 52.82 11.21
C ALA C 39 -20.22 52.30 9.85
N GLN C 40 -20.62 53.00 8.80
CA GLN C 40 -20.27 52.61 7.45
C GLN C 40 -18.76 52.43 7.38
N CYS C 41 -18.02 53.47 7.70
CA CYS C 41 -16.58 53.36 7.63
C CYS C 41 -15.92 53.09 9.00
N GLN C 42 -15.75 51.79 9.32
CA GLN C 42 -15.16 51.32 10.58
C GLN C 42 -14.98 49.79 10.53
N GLU C 43 -14.37 49.28 9.47
CA GLU C 43 -14.17 47.84 9.35
C GLU C 43 -12.72 47.39 9.06
N PRO C 44 -12.28 46.27 9.66
CA PRO C 44 -10.92 45.75 9.46
C PRO C 44 -10.63 45.66 7.98
N CYS C 45 -9.37 45.74 7.62
CA CYS C 45 -9.05 45.66 6.21
C CYS C 45 -9.46 44.31 5.65
N LYS C 46 -9.62 44.28 4.32
CA LYS C 46 -10.02 43.08 3.61
C LYS C 46 -8.75 42.30 3.33
N ASP C 47 -8.65 41.12 3.97
CA ASP C 47 -7.48 40.26 3.82
C ASP C 47 -7.62 39.30 2.65
N THR C 48 -6.87 39.56 1.60
CA THR C 48 -6.91 38.72 0.44
C THR C 48 -6.69 37.27 0.84
N VAL C 49 -5.89 37.04 1.89
CA VAL C 49 -5.61 35.67 2.37
C VAL C 49 -6.77 35.17 3.22
N GLN C 50 -7.27 33.98 2.92
CA GLN C 50 -8.38 33.44 3.64
C GLN C 50 -8.17 31.99 4.02
N ILE C 51 -8.78 31.58 5.12
CA ILE C 51 -8.67 30.21 5.57
C ILE C 51 -9.97 29.49 5.40
N HIS C 52 -9.93 28.36 4.70
CA HIS C 52 -11.14 27.60 4.46
C HIS C 52 -11.42 26.65 5.62
N ASP C 53 -12.57 25.99 5.59
CA ASP C 53 -12.93 25.06 6.64
C ASP C 53 -12.75 23.64 6.21
N ILE C 54 -13.74 22.83 6.57
CA ILE C 54 -13.75 21.41 6.22
C ILE C 54 -12.46 20.69 6.63
N THR C 55 -11.89 21.04 7.79
CA THR C 55 -10.66 20.43 8.27
C THR C 55 -10.75 18.88 8.13
N GLY C 56 -9.64 18.23 7.81
CA GLY C 56 -9.68 16.80 7.67
C GLY C 56 -8.36 16.14 8.06
N LYS C 57 -8.08 14.98 7.49
CA LYS C 57 -6.85 14.23 7.76
C LYS C 57 -5.70 14.89 6.99
N ASP C 58 -5.94 15.27 5.73
CA ASP C 58 -4.92 15.93 4.91
C ASP C 58 -5.62 16.68 3.78
N CYS C 59 -4.88 17.23 2.81
CA CYS C 59 -5.55 17.94 1.71
C CYS C 59 -6.44 17.03 0.86
N GLN C 60 -6.08 15.75 0.74
CA GLN C 60 -6.87 14.81 -0.05
C GLN C 60 -8.19 14.42 0.58
N ASP C 61 -8.26 14.59 1.90
CA ASP C 61 -9.50 14.29 2.60
C ASP C 61 -10.37 15.56 2.49
N ILE C 62 -9.71 16.72 2.41
CA ILE C 62 -10.40 18.01 2.27
C ILE C 62 -11.15 17.87 0.95
N ALA C 63 -10.39 17.56 -0.10
CA ALA C 63 -10.93 17.39 -1.45
C ALA C 63 -11.84 16.17 -1.55
N ASN C 64 -11.96 15.46 -0.42
CA ASN C 64 -12.78 14.25 -0.31
C ASN C 64 -14.09 14.60 0.36
N LYS C 65 -14.09 15.77 1.02
CA LYS C 65 -15.23 16.34 1.73
C LYS C 65 -15.67 17.64 1.05
N GLY C 66 -15.68 17.66 -0.29
CA GLY C 66 -16.06 18.85 -1.03
C GLY C 66 -14.85 19.62 -1.53
N ALA C 67 -14.78 20.92 -1.25
CA ALA C 67 -13.62 21.72 -1.65
C ALA C 67 -13.22 21.59 -3.10
N LYS C 68 -12.97 22.72 -3.75
CA LYS C 68 -12.55 22.65 -5.13
C LYS C 68 -11.48 23.68 -5.36
N GLN C 69 -11.39 24.66 -4.47
CA GLN C 69 -10.39 25.70 -4.63
C GLN C 69 -8.98 25.27 -4.23
N SER C 70 -7.97 25.96 -4.78
CA SER C 70 -6.58 25.66 -4.47
C SER C 70 -5.99 26.71 -3.55
N GLY C 71 -6.34 26.68 -2.27
CA GLY C 71 -5.82 27.65 -1.31
C GLY C 71 -5.31 26.95 -0.05
N LEU C 72 -5.25 27.66 1.07
CA LEU C 72 -4.76 27.06 2.32
C LEU C 72 -5.95 26.61 3.18
N TYR C 73 -5.83 25.45 3.82
CA TYR C 73 -6.89 24.89 4.70
C TYR C 73 -6.29 24.43 6.02
N PHE C 74 -7.05 23.71 6.83
CA PHE C 74 -6.54 23.21 8.08
C PHE C 74 -6.80 21.73 8.09
N ILE C 75 -5.88 20.96 8.67
CA ILE C 75 -6.01 19.51 8.72
C ILE C 75 -5.50 19.06 10.06
N LYS C 76 -5.91 17.92 10.56
CA LYS C 76 -5.36 17.51 11.83
C LYS C 76 -5.20 16.03 11.89
N PRO C 77 -3.99 15.53 11.55
CA PRO C 77 -3.68 14.11 11.54
C PRO C 77 -4.13 13.32 12.77
N LEU C 78 -4.56 12.10 12.51
CA LEU C 78 -5.04 11.22 13.56
C LEU C 78 -4.01 11.14 14.65
N LYS C 79 -2.82 10.68 14.30
CA LYS C 79 -1.73 10.51 15.27
C LYS C 79 -1.37 11.78 16.05
N ALA C 80 -1.01 12.85 15.37
CA ALA C 80 -0.66 14.05 16.13
C ALA C 80 -1.86 14.78 16.63
N ASN C 81 -1.61 16.03 17.00
CA ASN C 81 -2.64 16.91 17.49
C ASN C 81 -2.41 18.34 17.04
N GLN C 82 -3.42 19.19 17.26
CA GLN C 82 -3.35 20.59 16.86
C GLN C 82 -3.18 20.65 15.34
N GLN C 83 -4.18 21.16 14.63
CA GLN C 83 -4.10 21.23 13.17
C GLN C 83 -3.16 22.37 12.76
N PHE C 84 -2.83 22.48 11.49
CA PHE C 84 -1.93 23.55 11.06
C PHE C 84 -2.22 23.84 9.60
N LEU C 85 -1.96 25.07 9.15
CA LEU C 85 -2.22 25.42 7.76
C LEU C 85 -1.42 24.56 6.79
N VAL C 86 -2.00 24.33 5.62
CA VAL C 86 -1.35 23.51 4.60
C VAL C 86 -1.86 23.84 3.21
N TYR C 87 -1.06 24.50 2.39
CA TYR C 87 -1.51 24.85 1.03
C TYR C 87 -1.81 23.64 0.17
N CYS C 88 -3.09 23.40 -0.12
CA CYS C 88 -3.47 22.27 -0.96
C CYS C 88 -3.27 22.59 -2.42
N GLU C 89 -3.88 21.78 -3.27
CA GLU C 89 -3.77 21.99 -4.70
C GLU C 89 -4.70 20.98 -5.30
N ILE C 90 -5.97 21.35 -5.37
CA ILE C 90 -6.98 20.48 -5.94
C ILE C 90 -7.09 20.73 -7.45
N ASP C 91 -6.52 19.82 -8.25
CA ASP C 91 -6.55 19.92 -9.71
C ASP C 91 -7.99 19.84 -10.20
N GLY C 92 -8.90 19.53 -9.28
CA GLY C 92 -10.31 19.42 -9.59
C GLY C 92 -10.73 18.08 -10.16
N SER C 93 -9.78 17.31 -10.67
CA SER C 93 -10.12 16.00 -11.22
C SER C 93 -10.74 15.13 -10.14
N GLY C 94 -10.60 15.59 -8.89
CA GLY C 94 -11.13 14.85 -7.75
C GLY C 94 -10.03 14.56 -6.77
N ASN C 95 -8.88 15.19 -7.01
CA ASN C 95 -7.69 15.01 -6.19
C ASN C 95 -7.28 16.34 -5.53
N GLY C 96 -6.59 16.24 -4.40
CA GLY C 96 -6.15 17.42 -3.70
C GLY C 96 -4.78 17.17 -3.09
N TRP C 97 -3.73 17.59 -3.79
CA TRP C 97 -2.38 17.41 -3.30
C TRP C 97 -2.23 18.21 -2.01
N THR C 98 -1.18 17.94 -1.25
CA THR C 98 -0.90 18.70 -0.02
C THR C 98 0.58 19.02 0.07
N VAL C 99 1.03 19.92 -0.79
CA VAL C 99 2.43 20.33 -0.85
C VAL C 99 3.03 20.72 0.49
N PHE C 100 4.30 20.41 0.68
CA PHE C 100 5.00 20.77 1.92
C PHE C 100 6.22 21.66 1.65
N GLN C 101 6.54 21.89 0.37
CA GLN C 101 7.66 22.76 0.00
C GLN C 101 7.42 23.32 -1.38
N LYS C 102 7.84 24.57 -1.58
CA LYS C 102 7.67 25.24 -2.86
C LYS C 102 8.78 26.26 -3.04
N ARG C 103 9.24 26.44 -4.27
CA ARG C 103 10.26 27.42 -4.49
C ARG C 103 9.99 28.19 -5.76
N LEU C 104 9.95 29.51 -5.63
CA LEU C 104 9.74 30.41 -6.74
C LEU C 104 10.71 31.55 -6.52
N ASP C 105 10.17 32.74 -6.27
CA ASP C 105 10.97 33.95 -6.05
C ASP C 105 12.43 33.61 -5.86
N GLY C 106 12.72 33.07 -4.69
CA GLY C 106 14.09 32.72 -4.39
C GLY C 106 14.48 33.42 -3.11
N SER C 107 13.67 34.39 -2.73
CA SER C 107 13.95 35.14 -1.52
C SER C 107 13.16 34.54 -0.39
N VAL C 108 13.81 33.69 0.38
CA VAL C 108 13.14 33.06 1.50
C VAL C 108 14.15 32.37 2.39
N ASP C 109 15.24 31.93 1.77
CA ASP C 109 16.37 31.25 2.42
C ASP C 109 16.05 29.89 3.04
N PHE C 110 17.05 29.03 3.03
CA PHE C 110 16.87 27.73 3.62
C PHE C 110 17.98 27.43 4.58
N LYS C 111 18.98 28.30 4.61
CA LYS C 111 20.11 28.08 5.52
C LYS C 111 19.66 28.22 6.97
N LYS C 112 18.64 27.44 7.33
CA LYS C 112 18.08 27.46 8.69
C LYS C 112 18.53 26.25 9.49
N ASN C 113 18.66 26.43 10.80
CA ASN C 113 19.08 25.36 11.68
C ASN C 113 18.11 24.20 11.74
N TRP C 114 18.40 23.27 12.64
CA TRP C 114 17.56 22.09 12.81
C TRP C 114 16.13 22.39 13.24
N ILE C 115 15.98 22.90 14.45
CA ILE C 115 14.67 23.22 15.02
C ILE C 115 13.87 23.99 13.98
N GLN C 116 14.51 24.91 13.29
CA GLN C 116 13.80 25.66 12.28
C GLN C 116 13.18 24.74 11.23
N TYR C 117 13.89 23.69 10.85
CA TYR C 117 13.36 22.76 9.84
C TYR C 117 12.30 21.83 10.39
N LYS C 118 12.36 21.55 11.68
CA LYS C 118 11.38 20.66 12.28
C LYS C 118 10.03 21.34 12.40
N GLU C 119 10.05 22.66 12.52
CA GLU C 119 8.84 23.43 12.66
C GLU C 119 8.41 24.14 11.37
N GLY C 120 9.30 24.16 10.39
CA GLY C 120 8.98 24.80 9.14
C GLY C 120 9.24 26.28 9.16
N PHE C 121 9.49 26.83 7.99
CA PHE C 121 9.75 28.25 7.91
C PHE C 121 8.99 28.77 6.71
N GLY C 122 9.15 30.07 6.43
CA GLY C 122 8.46 30.65 5.31
C GLY C 122 7.00 30.85 5.63
N HIS C 123 6.22 31.16 4.61
CA HIS C 123 4.81 31.39 4.83
C HIS C 123 4.01 30.69 3.75
N LEU C 124 2.72 30.45 4.00
CA LEU C 124 1.85 29.82 3.03
C LEU C 124 0.95 30.88 2.39
N SER C 125 0.52 30.66 1.16
CA SER C 125 -0.35 31.65 0.50
C SER C 125 -1.46 31.08 -0.37
N PRO C 126 -2.59 31.79 -0.48
CA PRO C 126 -3.74 31.35 -1.28
C PRO C 126 -3.34 31.23 -2.76
N THR C 127 -2.88 32.33 -3.35
CA THR C 127 -2.47 32.31 -4.76
C THR C 127 -1.51 31.13 -4.95
N GLY C 128 -0.77 30.78 -3.90
CA GLY C 128 0.15 29.66 -4.00
C GLY C 128 1.49 30.08 -4.57
N THR C 129 1.84 31.33 -4.33
CA THR C 129 3.10 31.90 -4.79
C THR C 129 3.89 32.49 -3.63
N THR C 130 4.72 31.65 -3.03
CA THR C 130 5.52 32.06 -1.88
C THR C 130 6.31 30.86 -1.32
N GLU C 131 7.63 30.94 -1.37
CA GLU C 131 8.48 29.85 -0.90
C GLU C 131 8.18 29.45 0.52
N PHE C 132 8.32 28.16 0.79
CA PHE C 132 8.07 27.71 2.14
C PHE C 132 8.30 26.19 2.30
N TRP C 133 8.70 25.80 3.50
CA TRP C 133 8.95 24.41 3.86
C TRP C 133 8.10 24.06 5.06
N LEU C 134 7.03 23.30 4.84
CA LEU C 134 6.13 22.91 5.91
C LEU C 134 6.81 22.67 7.22
N GLY C 135 7.44 21.51 7.36
CA GLY C 135 8.12 21.20 8.60
C GLY C 135 8.30 19.71 8.80
N ASN C 136 9.54 19.30 8.96
CA ASN C 136 9.82 17.89 9.15
C ASN C 136 8.81 17.21 10.05
N GLU C 137 8.38 17.90 11.11
CA GLU C 137 7.44 17.26 12.03
C GLU C 137 6.09 17.10 11.37
N LYS C 138 5.61 18.16 10.75
CA LYS C 138 4.33 18.05 10.11
C LYS C 138 4.45 16.90 9.10
N ILE C 139 5.33 17.06 8.11
CA ILE C 139 5.53 16.05 7.06
C ILE C 139 5.45 14.62 7.54
N HIS C 140 6.10 14.35 8.67
CA HIS C 140 6.05 13.01 9.23
C HIS C 140 4.59 12.65 9.51
N LEU C 141 4.05 13.20 10.59
CA LEU C 141 2.66 12.94 10.98
C LEU C 141 1.72 12.74 9.79
N ILE C 142 2.00 13.41 8.68
CA ILE C 142 1.16 13.32 7.48
C ILE C 142 1.35 12.02 6.70
N SER C 143 2.61 11.62 6.57
CA SER C 143 2.94 10.43 5.83
C SER C 143 2.88 9.15 6.62
N THR C 144 2.67 9.28 7.91
CA THR C 144 2.61 8.09 8.75
C THR C 144 1.17 7.70 9.11
N GLN C 145 0.34 8.69 9.47
CA GLN C 145 -1.04 8.41 9.86
C GLN C 145 -1.61 7.24 9.05
N SER C 146 -2.20 6.30 9.80
CA SER C 146 -2.82 5.09 9.27
C SER C 146 -1.85 4.19 8.54
N ALA C 147 -2.38 3.15 7.90
CA ALA C 147 -1.56 2.22 7.14
C ALA C 147 -1.63 2.52 5.65
N ILE C 148 -2.19 3.68 5.30
CA ILE C 148 -2.31 4.12 3.90
C ILE C 148 -1.00 4.73 3.40
N PRO C 149 -0.41 4.15 2.34
CA PRO C 149 0.84 4.61 1.75
C PRO C 149 0.64 5.97 1.13
N TYR C 150 1.68 6.80 1.14
CA TYR C 150 1.59 8.13 0.54
C TYR C 150 2.55 8.25 -0.64
N ALA C 151 2.27 9.14 -1.57
CA ALA C 151 3.15 9.27 -2.71
C ALA C 151 3.68 10.71 -2.77
N LEU C 152 4.78 10.91 -3.48
CA LEU C 152 5.36 12.25 -3.59
C LEU C 152 5.57 12.64 -5.04
N ARG C 153 5.31 13.90 -5.38
CA ARG C 153 5.51 14.36 -6.76
C ARG C 153 6.45 15.54 -6.84
N VAL C 154 7.73 15.27 -6.95
CA VAL C 154 8.68 16.36 -7.03
C VAL C 154 8.62 17.11 -8.36
N GLU C 155 7.71 18.08 -8.46
CA GLU C 155 7.61 18.85 -9.70
C GLU C 155 8.58 20.03 -9.70
N LEU C 156 9.22 20.29 -10.85
CA LEU C 156 10.19 21.39 -10.99
C LEU C 156 10.00 22.20 -12.28
N GLU C 157 10.89 23.15 -12.55
CA GLU C 157 10.79 23.92 -13.78
C GLU C 157 12.05 24.74 -14.02
N ASP C 158 12.40 24.86 -15.29
CA ASP C 158 13.58 25.58 -15.71
C ASP C 158 13.28 27.03 -16.14
N TRP C 159 14.34 27.78 -16.37
CA TRP C 159 14.22 29.17 -16.81
C TRP C 159 13.93 29.18 -18.30
N ASN C 160 13.41 28.05 -18.76
CA ASN C 160 13.03 27.81 -20.14
C ASN C 160 11.51 27.96 -20.10
N GLY C 161 10.89 27.22 -19.19
CA GLY C 161 9.45 27.29 -19.06
C GLY C 161 8.90 25.87 -18.98
N ARG C 162 9.68 24.90 -19.46
CA ARG C 162 9.22 23.50 -19.41
C ARG C 162 9.39 22.93 -18.01
N THR C 163 8.57 21.93 -17.72
CA THR C 163 8.57 21.28 -16.42
C THR C 163 8.61 19.74 -16.51
N SER C 164 9.01 19.10 -15.40
CA SER C 164 9.12 17.64 -15.29
C SER C 164 8.64 17.19 -13.92
N THR C 165 8.08 15.99 -13.86
CA THR C 165 7.55 15.45 -12.60
C THR C 165 8.34 14.21 -12.16
N ALA C 166 8.12 13.76 -10.93
CA ALA C 166 8.81 12.58 -10.40
C ALA C 166 7.95 12.08 -9.27
N ASP C 167 7.44 10.87 -9.39
CA ASP C 167 6.57 10.34 -8.33
C ASP C 167 7.23 9.15 -7.62
N TYR C 168 7.14 9.08 -6.29
CA TYR C 168 7.73 7.95 -5.58
C TYR C 168 6.68 7.35 -4.68
N ALA C 169 6.56 6.02 -4.64
CA ALA C 169 5.55 5.42 -3.78
C ALA C 169 6.00 5.13 -2.35
N MET C 170 5.01 4.84 -1.49
CA MET C 170 5.21 4.57 -0.06
C MET C 170 6.00 5.70 0.64
N PHE C 171 6.11 6.86 -0.01
CA PHE C 171 6.84 8.00 0.58
C PHE C 171 6.48 8.21 2.06
N LYS C 172 7.44 8.66 2.87
CA LYS C 172 7.17 8.88 4.29
C LYS C 172 8.43 9.07 5.15
N VAL C 173 8.44 10.12 5.97
CA VAL C 173 9.58 10.45 6.83
C VAL C 173 9.40 10.02 8.27
N GLY C 174 10.40 9.29 8.79
CA GLY C 174 10.36 8.82 10.15
C GLY C 174 10.17 9.89 11.20
N PRO C 175 10.11 9.48 12.48
CA PRO C 175 9.94 10.41 13.59
C PRO C 175 11.23 11.15 13.94
N GLU C 176 11.12 12.25 14.67
CA GLU C 176 12.32 12.99 15.03
C GLU C 176 13.27 12.05 15.75
N ALA C 177 12.73 11.17 16.57
CA ALA C 177 13.59 10.25 17.27
C ALA C 177 14.57 9.56 16.31
N ASP C 178 14.25 9.45 15.01
CA ASP C 178 15.15 8.80 14.04
C ASP C 178 15.73 9.84 13.08
N LYS C 179 15.63 11.11 13.45
CA LYS C 179 16.19 12.15 12.62
C LYS C 179 15.45 12.24 11.28
N TYR C 180 14.13 12.26 11.37
CA TYR C 180 13.25 12.36 10.22
C TYR C 180 13.87 11.70 9.00
N ARG C 181 14.14 10.41 9.13
CA ARG C 181 14.74 9.64 8.04
C ARG C 181 13.71 9.51 6.94
N LEU C 182 14.16 9.76 5.72
CA LEU C 182 13.29 9.65 4.58
C LEU C 182 13.46 8.25 4.00
N THR C 183 12.36 7.64 3.55
CA THR C 183 12.43 6.30 2.97
C THR C 183 11.13 5.81 2.33
N TYR C 184 11.18 5.52 1.04
CA TYR C 184 10.01 5.05 0.32
C TYR C 184 10.13 3.62 -0.16
N ALA C 185 9.38 3.26 -1.19
CA ALA C 185 9.46 1.90 -1.66
C ALA C 185 10.09 1.80 -3.02
N TYR C 186 9.44 2.39 -4.02
CA TYR C 186 9.92 2.31 -5.40
C TYR C 186 9.71 3.63 -6.14
N PHE C 187 10.33 3.75 -7.30
CA PHE C 187 10.15 4.96 -8.09
C PHE C 187 9.08 4.71 -9.14
N ALA C 188 8.07 5.58 -9.19
CA ALA C 188 7.00 5.44 -10.18
C ALA C 188 7.42 6.32 -11.34
N GLY C 189 6.44 6.76 -12.13
CA GLY C 189 6.69 7.60 -13.28
C GLY C 189 7.53 8.85 -13.03
N GLY C 190 7.78 9.62 -14.08
CA GLY C 190 8.58 10.82 -13.89
C GLY C 190 9.54 11.13 -15.01
N ASP C 191 9.22 12.21 -15.72
CA ASP C 191 10.00 12.70 -16.83
C ASP C 191 11.08 13.66 -16.37
N ALA C 192 11.44 13.55 -15.09
CA ALA C 192 12.46 14.40 -14.53
C ALA C 192 13.65 13.55 -14.15
N GLY C 193 13.42 12.24 -14.07
CA GLY C 193 14.50 11.35 -13.72
C GLY C 193 14.60 11.05 -12.25
N ASP C 194 14.93 9.80 -11.96
CA ASP C 194 15.06 9.36 -10.60
C ASP C 194 16.34 9.89 -9.91
N ALA C 195 16.34 11.17 -9.54
CA ALA C 195 17.50 11.77 -8.89
C ALA C 195 17.67 11.33 -7.43
N PHE C 196 16.66 10.63 -6.91
CA PHE C 196 16.68 10.13 -5.54
C PHE C 196 17.30 8.76 -5.55
N ASP C 197 17.60 8.30 -6.75
CA ASP C 197 18.20 7.01 -6.93
C ASP C 197 19.69 7.11 -6.97
N GLY C 198 20.20 8.31 -6.75
CA GLY C 198 21.63 8.48 -6.79
C GLY C 198 22.17 8.42 -8.20
N PHE C 199 22.54 9.59 -8.70
CA PHE C 199 23.08 9.73 -10.03
C PHE C 199 24.60 9.82 -10.00
N ASP C 200 25.26 8.83 -10.61
CA ASP C 200 26.72 8.80 -10.67
C ASP C 200 27.26 9.75 -11.74
N PHE C 201 27.38 11.03 -11.39
CA PHE C 201 27.88 12.06 -12.29
C PHE C 201 29.04 11.53 -13.10
N GLY C 202 30.22 11.48 -12.48
CA GLY C 202 31.40 10.97 -13.16
C GLY C 202 32.68 10.91 -12.33
N ASP C 203 32.54 10.79 -11.01
CA ASP C 203 33.69 10.74 -10.11
C ASP C 203 33.73 9.53 -9.19
N ASP C 204 34.68 8.63 -9.42
CA ASP C 204 34.83 7.44 -8.59
C ASP C 204 33.71 6.46 -8.91
N PRO C 205 33.99 5.15 -8.81
CA PRO C 205 32.95 4.15 -9.10
C PRO C 205 31.81 4.26 -8.07
N SER C 206 31.98 5.25 -7.18
CA SER C 206 31.06 5.58 -6.09
C SER C 206 29.77 6.23 -6.65
N ASP C 207 29.26 7.24 -5.93
CA ASP C 207 28.04 7.98 -6.31
C ASP C 207 26.75 7.15 -6.20
N LYS C 208 26.52 6.30 -7.20
CA LYS C 208 25.34 5.40 -7.25
C LYS C 208 25.02 4.78 -5.89
N PHE C 209 26.05 4.29 -5.19
CA PHE C 209 25.92 3.71 -3.84
C PHE C 209 26.50 4.68 -2.82
N PHE C 210 26.20 5.96 -3.04
CA PHE C 210 26.60 7.07 -2.16
C PHE C 210 25.74 8.36 -2.22
N THR C 211 24.95 8.54 -3.28
CA THR C 211 24.11 9.73 -3.42
C THR C 211 22.61 9.45 -3.41
N SER C 212 22.24 8.21 -3.11
CA SER C 212 20.84 7.80 -3.05
C SER C 212 20.28 8.31 -1.73
N HIS C 213 19.06 8.83 -1.76
CA HIS C 213 18.49 9.37 -0.54
C HIS C 213 17.51 8.46 0.12
N ASN C 214 17.41 7.23 -0.35
CA ASN C 214 16.45 6.30 0.23
C ASN C 214 16.89 5.68 1.56
N GLY C 215 16.34 6.19 2.65
CA GLY C 215 16.65 5.68 3.97
C GLY C 215 17.54 6.62 4.74
N MET C 216 17.86 7.75 4.13
CA MET C 216 18.73 8.72 4.77
C MET C 216 18.05 9.57 5.84
N GLN C 217 18.84 10.13 6.74
CA GLN C 217 18.28 10.95 7.79
C GLN C 217 18.40 12.41 7.35
N PHE C 218 17.72 13.30 8.05
CA PHE C 218 17.77 14.71 7.70
C PHE C 218 18.95 15.39 8.37
N SER C 219 19.58 16.32 7.63
CA SER C 219 20.74 17.08 8.10
C SER C 219 20.61 18.59 8.00
N THR C 220 21.17 19.31 8.98
CA THR C 220 21.13 20.78 9.00
C THR C 220 22.42 21.44 9.44
N TRP C 221 22.53 22.73 9.11
CA TRP C 221 23.71 23.52 9.44
C TRP C 221 24.31 23.12 10.78
N ASP C 222 23.48 22.78 11.73
CA ASP C 222 24.01 22.38 13.02
C ASP C 222 23.44 21.05 13.44
N ASN C 223 23.26 20.18 12.47
CA ASN C 223 22.77 18.88 12.82
C ASN C 223 23.24 17.98 11.74
N ASP C 224 24.12 17.07 12.14
CA ASP C 224 24.69 16.15 11.19
C ASP C 224 24.16 14.74 11.38
N ASN C 225 23.45 14.22 10.39
CA ASN C 225 22.93 12.86 10.47
C ASN C 225 22.95 12.20 9.10
N ASP C 226 23.96 12.55 8.34
CA ASP C 226 24.17 12.04 6.99
C ASP C 226 25.25 10.97 6.93
N LYS C 227 25.49 10.42 5.73
CA LYS C 227 26.51 9.38 5.53
C LYS C 227 27.83 9.99 5.10
N PHE C 228 28.29 10.98 5.87
CA PHE C 228 29.54 11.68 5.62
C PHE C 228 29.78 12.51 6.88
N GLU C 229 31.02 12.55 7.38
CA GLU C 229 31.34 13.32 8.60
C GLU C 229 31.08 14.81 8.41
N GLY C 230 31.61 15.36 7.32
CA GLY C 230 31.44 16.77 7.01
C GLY C 230 29.99 17.17 6.85
N ASN C 231 29.40 17.78 7.88
CA ASN C 231 28.00 18.15 7.78
C ASN C 231 27.75 18.90 6.49
N CYS C 232 27.15 18.21 5.54
CA CYS C 232 26.83 18.76 4.24
C CYS C 232 26.18 20.13 4.34
N ALA C 233 25.24 20.27 5.27
CA ALA C 233 24.52 21.53 5.49
C ALA C 233 25.47 22.70 5.42
N GLU C 234 26.31 22.81 6.43
CA GLU C 234 27.28 23.89 6.50
C GLU C 234 27.92 24.05 5.11
N GLN C 235 28.46 22.96 4.56
CA GLN C 235 29.09 23.02 3.25
C GLN C 235 28.17 23.67 2.23
N ASP C 236 26.99 23.06 2.06
CA ASP C 236 25.98 23.52 1.12
C ASP C 236 25.35 24.85 1.61
N GLY C 237 24.34 24.77 2.48
CA GLY C 237 23.68 25.96 2.98
C GLY C 237 22.20 25.69 2.95
N SER C 238 21.80 24.57 3.57
CA SER C 238 20.40 24.14 3.61
C SER C 238 20.09 22.96 4.58
N GLY C 239 19.05 22.18 4.28
CA GLY C 239 18.70 21.04 5.11
C GLY C 239 18.23 19.97 4.14
N TRP C 240 18.58 18.70 4.33
CA TRP C 240 18.12 17.67 3.40
C TRP C 240 18.45 16.30 3.96
N TRP C 241 18.30 15.26 3.17
CA TRP C 241 18.63 13.90 3.63
C TRP C 241 19.95 13.48 3.01
N MET C 242 20.95 14.34 3.22
CA MET C 242 22.31 14.20 2.70
C MET C 242 22.91 12.81 2.72
N ASN C 243 24.00 12.64 1.97
CA ASN C 243 24.62 11.34 1.88
C ASN C 243 26.07 11.39 1.37
N LYS C 244 26.27 11.95 0.17
CA LYS C 244 27.59 12.01 -0.47
C LYS C 244 28.15 13.35 -0.98
N CYS C 245 27.37 14.45 -0.95
CA CYS C 245 26.00 14.51 -0.43
C CYS C 245 24.88 14.51 -1.46
N HIS C 246 24.14 15.61 -1.53
CA HIS C 246 23.02 15.73 -2.44
C HIS C 246 23.27 15.17 -3.84
N ALA C 247 22.24 14.59 -4.42
CA ALA C 247 22.33 14.04 -5.75
C ALA C 247 21.21 14.70 -6.52
N GLY C 248 20.51 15.59 -5.83
CA GLY C 248 19.40 16.31 -6.42
C GLY C 248 18.60 17.12 -5.41
N HIS C 249 19.17 17.38 -4.23
CA HIS C 249 18.48 18.15 -3.18
C HIS C 249 18.01 19.46 -3.74
N LEU C 250 16.82 19.88 -3.31
CA LEU C 250 16.29 21.11 -3.83
C LEU C 250 15.92 22.13 -2.77
N ASN C 251 16.97 22.66 -2.14
CA ASN C 251 16.86 23.68 -1.11
C ASN C 251 18.10 24.51 -1.10
N GLY C 252 19.01 24.20 -2.02
CA GLY C 252 20.24 24.98 -2.06
C GLY C 252 19.91 26.40 -2.48
N VAL C 253 20.92 27.24 -2.45
CA VAL C 253 20.76 28.62 -2.84
C VAL C 253 20.02 28.70 -4.17
N TYR C 254 19.11 29.68 -4.28
CA TYR C 254 18.33 29.91 -5.49
C TYR C 254 19.13 30.87 -6.37
N TYR C 255 19.80 30.32 -7.38
CA TYR C 255 20.60 31.15 -8.27
C TYR C 255 19.75 31.81 -9.34
N GLN C 256 19.81 33.14 -9.37
CA GLN C 256 19.03 33.91 -10.34
C GLN C 256 19.42 33.61 -11.77
N GLY C 257 18.46 33.14 -12.54
CA GLY C 257 18.73 32.84 -13.93
C GLY C 257 19.10 31.38 -14.18
N GLY C 258 19.33 30.64 -13.11
CA GLY C 258 19.70 29.24 -13.27
C GLY C 258 21.13 29.11 -13.72
N THR C 259 21.69 27.90 -13.59
CA THR C 259 23.06 27.65 -13.97
C THR C 259 24.02 28.51 -13.11
N TYR C 260 25.18 27.95 -12.82
CA TYR C 260 26.20 28.63 -12.01
C TYR C 260 27.57 27.95 -12.21
N SER C 261 28.60 28.44 -11.53
CA SER C 261 29.94 27.85 -11.64
C SER C 261 30.47 27.46 -10.28
N LYS C 262 31.57 26.72 -10.25
CA LYS C 262 32.17 26.32 -8.98
C LYS C 262 32.77 27.56 -8.28
N ALA C 263 32.95 28.66 -9.02
CA ALA C 263 33.53 29.89 -8.44
C ALA C 263 32.54 30.88 -7.80
N SER C 264 31.25 30.76 -8.15
CA SER C 264 30.17 31.62 -7.62
C SER C 264 30.02 31.44 -6.09
N THR C 265 30.55 30.33 -5.55
CA THR C 265 30.52 29.98 -4.11
C THR C 265 31.89 30.31 -3.42
N PRO C 266 31.87 30.85 -2.17
CA PRO C 266 33.07 31.21 -1.39
C PRO C 266 34.17 30.14 -1.44
N ASN C 267 33.89 28.96 -0.89
CA ASN C 267 34.84 27.83 -0.88
C ASN C 267 35.10 27.20 -2.26
N GLY C 268 34.06 27.20 -3.10
CA GLY C 268 34.20 26.61 -4.42
C GLY C 268 33.43 25.31 -4.56
N TYR C 269 32.28 25.20 -3.88
CA TYR C 269 31.48 23.98 -3.99
C TYR C 269 30.18 24.31 -4.75
N ASP C 270 29.31 23.32 -4.88
CA ASP C 270 28.05 23.49 -5.60
C ASP C 270 26.87 23.03 -4.75
N ASN C 271 25.75 23.70 -4.96
CA ASN C 271 24.49 23.44 -4.26
C ASN C 271 23.39 24.03 -5.10
N GLY C 272 22.31 24.41 -4.44
CA GLY C 272 21.19 24.98 -5.14
C GLY C 272 20.27 23.88 -5.64
N ILE C 273 19.01 24.21 -5.82
CA ILE C 273 18.06 23.23 -6.29
C ILE C 273 18.49 22.55 -7.58
N ILE C 274 19.03 21.35 -7.46
CA ILE C 274 19.46 20.59 -8.65
C ILE C 274 18.78 19.22 -8.71
N TRP C 275 18.61 18.69 -9.91
CA TRP C 275 17.98 17.40 -10.05
C TRP C 275 18.77 16.59 -11.07
N ALA C 276 19.90 16.05 -10.63
CA ALA C 276 20.78 15.27 -11.49
C ALA C 276 20.16 14.56 -12.70
N THR C 277 19.21 13.66 -12.46
CA THR C 277 18.57 12.90 -13.54
C THR C 277 17.79 13.72 -14.55
N TRP C 278 17.97 15.04 -14.54
CA TRP C 278 17.24 15.91 -15.45
C TRP C 278 18.04 17.11 -15.98
N LYS C 279 18.73 17.81 -15.10
CA LYS C 279 19.55 18.94 -15.53
C LYS C 279 20.92 18.82 -14.89
N THR C 280 21.94 19.37 -15.54
CA THR C 280 23.30 19.29 -15.03
C THR C 280 23.39 19.62 -13.54
N ARG C 281 24.39 19.03 -12.88
CA ARG C 281 24.64 19.24 -11.45
C ARG C 281 24.94 20.72 -11.15
N TRP C 282 25.13 21.51 -12.20
CA TRP C 282 25.41 22.94 -12.06
C TRP C 282 24.29 23.80 -12.61
N TYR C 283 23.08 23.26 -12.62
CA TYR C 283 21.91 23.98 -13.13
C TYR C 283 20.77 24.08 -12.12
N SER C 284 20.69 25.24 -11.45
CA SER C 284 19.66 25.53 -10.45
C SER C 284 18.29 25.68 -11.08
N MET C 285 17.25 25.34 -10.32
CA MET C 285 15.87 25.42 -10.82
C MET C 285 15.32 26.84 -10.75
N LYS C 286 14.08 27.00 -11.22
CA LYS C 286 13.41 28.30 -11.18
C LYS C 286 12.16 28.17 -10.33
N LYS C 287 11.57 26.98 -10.33
CA LYS C 287 10.38 26.72 -9.53
C LYS C 287 10.45 25.27 -9.13
N THR C 288 10.11 25.03 -7.87
CA THR C 288 10.15 23.70 -7.28
C THR C 288 8.87 23.49 -6.54
N THR C 289 8.61 22.23 -6.18
CA THR C 289 7.42 21.87 -5.42
C THR C 289 7.35 20.42 -5.04
N MET C 290 7.00 20.16 -3.80
CA MET C 290 6.87 18.79 -3.36
C MET C 290 5.47 18.54 -2.82
N LYS C 291 4.67 17.79 -3.57
CA LYS C 291 3.31 17.52 -3.14
C LYS C 291 3.32 16.23 -2.35
N ILE C 292 2.15 15.61 -2.20
CA ILE C 292 2.04 14.36 -1.47
C ILE C 292 0.57 13.94 -1.30
N ILE C 293 0.25 12.75 -1.79
CA ILE C 293 -1.12 12.23 -1.74
C ILE C 293 -1.09 10.74 -1.40
N PRO C 294 -2.12 10.24 -0.69
CA PRO C 294 -2.11 8.80 -0.36
C PRO C 294 -2.05 8.02 -1.68
N PHE C 295 -1.31 6.92 -1.68
CA PHE C 295 -1.09 6.06 -2.86
C PHE C 295 -2.37 5.75 -3.64
N ASN C 296 -3.34 5.18 -2.92
CA ASN C 296 -4.62 4.77 -3.47
C ASN C 296 -5.20 5.79 -4.42
N ARG C 297 -4.78 7.04 -4.30
CA ARG C 297 -5.35 8.01 -5.20
C ARG C 297 -4.89 7.81 -6.62
N LEU C 298 -5.33 8.71 -7.50
CA LEU C 298 -5.02 8.61 -8.94
C LEU C 298 -3.54 8.29 -9.23
N THR C 299 -2.63 9.20 -8.87
CA THR C 299 -1.22 8.98 -9.12
C THR C 299 -0.82 7.52 -9.09
N ILE C 300 -0.74 6.99 -10.32
CA ILE C 300 -0.40 5.60 -10.58
C ILE C 300 -1.22 4.70 -9.59
N GLY C 301 -2.55 4.88 -9.56
CA GLY C 301 -3.38 4.08 -8.66
C GLY C 301 -4.68 3.58 -9.27
N GLU C 302 -5.41 4.55 -9.82
CA GLU C 302 -6.71 4.33 -10.48
C GLU C 302 -7.20 5.62 -11.17
N GLY C 303 -8.26 6.20 -10.59
CA GLY C 303 -8.89 7.43 -11.09
C GLY C 303 -10.06 7.94 -10.27
N ILE D 119 -12.92 -118.56 -34.63
CA ILE D 119 -11.73 -118.80 -35.50
C ILE D 119 -10.71 -117.60 -35.55
N GLU D 120 -11.23 -116.38 -35.43
CA GLU D 120 -10.49 -115.09 -35.46
C GLU D 120 -9.55 -114.77 -34.26
N VAL D 121 -9.59 -115.65 -33.25
CA VAL D 121 -8.80 -115.54 -32.01
C VAL D 121 -7.24 -115.64 -32.08
N LEU D 122 -6.68 -116.37 -33.08
CA LEU D 122 -5.19 -116.60 -33.21
C LEU D 122 -4.22 -115.38 -33.30
N LYS D 123 -4.22 -114.67 -34.43
CA LYS D 123 -3.34 -113.49 -34.68
C LYS D 123 -3.99 -112.07 -34.55
N ARG D 124 -5.28 -111.98 -34.88
CA ARG D 124 -6.09 -110.73 -34.88
C ARG D 124 -6.37 -109.87 -33.60
N LYS D 125 -6.95 -110.47 -32.57
CA LYS D 125 -7.29 -109.76 -31.32
C LYS D 125 -6.25 -108.72 -30.79
N VAL D 126 -4.96 -108.99 -31.04
CA VAL D 126 -3.77 -108.17 -30.59
C VAL D 126 -3.81 -106.62 -30.84
N ILE D 127 -3.68 -106.22 -32.13
CA ILE D 127 -3.66 -104.82 -32.67
C ILE D 127 -5.04 -104.08 -32.87
N GLU D 128 -6.06 -104.81 -33.34
CA GLU D 128 -7.39 -104.19 -33.58
C GLU D 128 -7.92 -103.38 -32.37
N LYS D 129 -7.58 -103.85 -31.19
CA LYS D 129 -8.01 -103.27 -29.90
C LYS D 129 -7.28 -102.01 -29.35
N VAL D 130 -5.99 -101.88 -29.65
CA VAL D 130 -5.13 -100.77 -29.17
C VAL D 130 -5.45 -99.34 -29.62
N GLN D 131 -6.17 -99.21 -30.72
CA GLN D 131 -6.52 -97.90 -31.27
C GLN D 131 -7.22 -96.92 -30.33
N HIS D 132 -8.14 -97.39 -29.50
CA HIS D 132 -8.83 -96.47 -28.61
C HIS D 132 -7.83 -95.72 -27.70
N ILE D 133 -6.84 -96.44 -27.17
CA ILE D 133 -5.83 -95.83 -26.30
C ILE D 133 -4.82 -95.00 -27.09
N GLN D 134 -4.62 -95.37 -28.35
CA GLN D 134 -3.66 -94.69 -29.22
C GLN D 134 -3.94 -93.19 -29.36
N LEU D 135 -5.12 -92.86 -29.88
CA LEU D 135 -5.55 -91.48 -30.07
C LEU D 135 -5.67 -90.80 -28.72
N LEU D 136 -6.08 -91.57 -27.71
CA LEU D 136 -6.22 -91.04 -26.36
C LEU D 136 -4.83 -90.67 -25.88
N GLN D 137 -3.86 -91.51 -26.25
CA GLN D 137 -2.48 -91.31 -25.87
C GLN D 137 -1.96 -89.96 -26.38
N LYS D 138 -2.47 -89.54 -27.54
CA LYS D 138 -2.12 -88.27 -28.17
C LYS D 138 -2.92 -87.12 -27.56
N ASN D 139 -4.18 -87.39 -27.22
CA ASN D 139 -5.08 -86.38 -26.63
C ASN D 139 -4.59 -85.81 -25.32
N VAL D 140 -3.92 -86.64 -24.53
CA VAL D 140 -3.40 -86.23 -23.24
C VAL D 140 -2.26 -85.24 -23.39
N ARG D 141 -1.46 -85.47 -24.42
CA ARG D 141 -0.33 -84.61 -24.73
C ARG D 141 -0.89 -83.23 -25.09
N ALA D 142 -1.86 -83.22 -26.00
CA ALA D 142 -2.50 -81.99 -26.43
C ALA D 142 -3.15 -81.31 -25.23
N GLN D 143 -3.44 -82.10 -24.21
CA GLN D 143 -4.04 -81.59 -22.98
C GLN D 143 -2.94 -80.90 -22.18
N LEU D 144 -1.83 -81.60 -21.98
CA LEU D 144 -0.74 -81.04 -21.22
C LEU D 144 -0.39 -79.67 -21.75
N VAL D 145 -0.04 -79.61 -23.02
CA VAL D 145 0.33 -78.35 -23.62
C VAL D 145 -0.76 -77.30 -23.52
N ASP D 146 -2.00 -77.66 -23.82
CA ASP D 146 -3.12 -76.73 -23.72
C ASP D 146 -3.22 -76.31 -22.24
N MET D 147 -2.78 -77.20 -21.35
CA MET D 147 -2.80 -76.97 -19.89
C MET D 147 -1.65 -76.08 -19.43
N LYS D 148 -0.46 -76.45 -19.88
CA LYS D 148 0.74 -75.74 -19.53
C LYS D 148 0.54 -74.24 -19.71
N ARG D 149 -0.08 -73.83 -20.81
CA ARG D 149 -0.29 -72.40 -21.05
C ARG D 149 -1.24 -71.75 -20.04
N LEU D 150 -2.21 -72.50 -19.54
CA LEU D 150 -3.15 -71.95 -18.57
C LEU D 150 -2.36 -71.52 -17.35
N GLU D 151 -1.47 -72.42 -16.93
CA GLU D 151 -0.63 -72.20 -15.79
C GLU D 151 0.01 -70.82 -15.97
N VAL D 152 0.60 -70.63 -17.14
CA VAL D 152 1.26 -69.38 -17.48
C VAL D 152 0.34 -68.17 -17.57
N ASP D 153 -0.64 -68.23 -18.47
CA ASP D 153 -1.59 -67.13 -18.70
C ASP D 153 -2.21 -66.72 -17.38
N ILE D 154 -2.66 -67.70 -16.60
CA ILE D 154 -3.27 -67.37 -15.32
C ILE D 154 -2.29 -66.67 -14.43
N ASP D 155 -1.07 -67.20 -14.36
CA ASP D 155 -0.07 -66.60 -13.52
C ASP D 155 0.13 -65.15 -13.91
N ILE D 156 0.31 -64.92 -15.21
CA ILE D 156 0.51 -63.58 -15.71
C ILE D 156 -0.67 -62.67 -15.38
N LYS D 157 -1.89 -63.17 -15.56
CA LYS D 157 -3.15 -62.43 -15.29
C LYS D 157 -3.34 -62.07 -13.82
N ILE D 158 -2.89 -62.96 -12.97
CA ILE D 158 -2.98 -62.76 -11.53
C ILE D 158 -2.24 -61.50 -11.18
N ARG D 159 -1.06 -61.36 -11.78
CA ARG D 159 -0.20 -60.22 -11.56
C ARG D 159 -0.83 -58.89 -11.97
N SER D 160 -1.64 -58.90 -13.02
CA SER D 160 -2.28 -57.68 -13.48
C SER D 160 -3.18 -57.12 -12.39
N CYS D 161 -3.65 -58.02 -11.50
CA CYS D 161 -4.51 -57.67 -10.36
C CYS D 161 -3.77 -56.83 -9.28
N ARG D 162 -2.47 -56.60 -9.44
CA ARG D 162 -1.75 -55.83 -8.44
C ARG D 162 -2.09 -54.35 -8.62
N GLY D 163 -2.22 -53.93 -9.87
CA GLY D 163 -2.57 -52.56 -10.17
C GLY D 163 -4.06 -52.35 -10.23
N SER D 164 -4.79 -53.17 -9.49
CA SER D 164 -6.24 -53.10 -9.46
C SER D 164 -6.78 -53.73 -8.18
N CYS D 165 -6.65 -55.04 -8.06
CA CYS D 165 -7.15 -55.77 -6.88
C CYS D 165 -6.41 -55.22 -5.64
N SER D 166 -7.14 -54.97 -4.55
CA SER D 166 -6.52 -54.48 -3.32
C SER D 166 -5.26 -55.31 -3.14
N ARG D 167 -5.46 -56.58 -2.82
CA ARG D 167 -4.34 -57.51 -2.65
C ARG D 167 -4.16 -58.40 -3.88
N ALA D 168 -3.06 -59.14 -3.91
CA ALA D 168 -2.78 -60.05 -5.03
C ALA D 168 -2.36 -61.43 -4.51
N LEU D 169 -3.05 -62.48 -4.93
CA LEU D 169 -2.71 -63.82 -4.46
C LEU D 169 -1.33 -64.26 -4.94
N ALA D 170 -0.52 -64.74 -4.02
CA ALA D 170 0.83 -65.21 -4.33
C ALA D 170 0.84 -66.75 -4.44
N ARG D 171 1.30 -67.25 -5.59
CA ARG D 171 1.35 -68.69 -5.84
C ARG D 171 2.55 -69.09 -6.73
N GLU D 172 3.08 -70.30 -6.52
CA GLU D 172 4.22 -70.80 -7.29
C GLU D 172 3.75 -71.56 -8.53
N VAL D 173 4.40 -71.34 -9.67
CA VAL D 173 4.04 -72.05 -10.92
C VAL D 173 5.09 -73.15 -11.14
N ASP D 174 4.61 -74.37 -11.28
CA ASP D 174 5.50 -75.52 -11.48
C ASP D 174 5.58 -75.96 -12.94
N LEU D 175 6.69 -75.61 -13.57
CA LEU D 175 6.92 -75.96 -14.95
C LEU D 175 7.58 -77.32 -14.94
N LYS D 176 8.43 -77.55 -13.93
CA LYS D 176 9.14 -78.80 -13.76
C LYS D 176 8.21 -79.99 -13.90
N ASP D 177 7.27 -80.12 -12.96
CA ASP D 177 6.31 -81.22 -12.99
C ASP D 177 5.78 -81.48 -14.40
N TYR D 178 5.41 -80.40 -15.09
CA TYR D 178 4.88 -80.51 -16.45
C TYR D 178 5.88 -81.16 -17.38
N GLU D 179 7.01 -80.52 -17.58
CA GLU D 179 8.01 -81.09 -18.47
C GLU D 179 8.33 -82.50 -18.03
N ASP D 180 8.28 -82.75 -16.74
CA ASP D 180 8.59 -84.09 -16.25
C ASP D 180 7.57 -85.10 -16.79
N GLN D 181 6.29 -84.76 -16.62
CA GLN D 181 5.18 -85.60 -17.09
C GLN D 181 5.14 -85.66 -18.61
N GLN D 182 5.64 -84.59 -19.24
CA GLN D 182 5.70 -84.52 -20.68
C GLN D 182 6.56 -85.66 -21.20
N LYS D 183 7.74 -85.85 -20.59
CA LYS D 183 8.65 -86.91 -21.00
C LYS D 183 8.04 -88.29 -20.83
N GLN D 184 7.21 -88.44 -19.82
CA GLN D 184 6.56 -89.73 -19.60
C GLN D 184 5.66 -90.02 -20.80
N LEU D 185 4.92 -88.98 -21.20
CA LEU D 185 4.00 -89.05 -22.35
C LEU D 185 4.77 -89.25 -23.65
N GLU D 186 5.95 -88.65 -23.68
CA GLU D 186 6.87 -88.73 -24.81
C GLU D 186 7.64 -90.05 -24.81
N GLN D 187 7.74 -90.69 -23.64
CA GLN D 187 8.44 -91.97 -23.50
C GLN D 187 7.56 -93.09 -24.05
N VAL D 188 6.26 -92.84 -24.03
CA VAL D 188 5.30 -93.82 -24.51
C VAL D 188 4.73 -93.30 -25.86
N ILE D 189 5.46 -93.48 -26.96
CA ILE D 189 4.98 -93.00 -28.27
C ILE D 189 4.54 -94.14 -29.20
N ALA D 190 5.42 -94.53 -30.12
CA ALA D 190 5.18 -95.59 -31.11
C ALA D 190 5.96 -96.87 -30.79
N LYS D 191 5.25 -97.99 -30.63
CA LYS D 191 5.87 -99.28 -30.32
C LYS D 191 4.81 -100.36 -30.15
N ASP D 192 3.61 -100.06 -30.64
CA ASP D 192 2.49 -100.98 -30.56
C ASP D 192 1.89 -101.24 -31.94
N LEU E 151 0.70 -115.63 -37.37
CA LEU E 151 1.62 -115.96 -36.24
C LEU E 151 1.16 -115.46 -34.84
N TYR E 152 1.79 -116.02 -33.81
CA TYR E 152 1.54 -115.86 -32.36
C TYR E 152 1.76 -114.54 -31.56
N ILE E 153 1.98 -113.42 -32.26
CA ILE E 153 2.21 -112.06 -31.70
C ILE E 153 1.29 -111.47 -30.56
N ASP E 154 0.17 -112.14 -30.23
CA ASP E 154 -0.83 -111.68 -29.20
C ASP E 154 -0.37 -111.31 -27.74
N GLU E 155 0.51 -112.11 -27.13
CA GLU E 155 1.03 -111.93 -25.74
C GLU E 155 1.49 -110.52 -25.27
N THR E 156 1.89 -109.70 -26.24
CA THR E 156 2.36 -108.32 -26.02
C THR E 156 1.26 -107.36 -25.52
N VAL E 157 0.00 -107.75 -25.69
CA VAL E 157 -1.14 -106.95 -25.24
C VAL E 157 -1.22 -106.75 -23.72
N ASN E 158 -1.07 -107.84 -22.96
CA ASN E 158 -1.11 -107.79 -21.49
C ASN E 158 0.14 -107.10 -20.89
N SER E 159 1.24 -107.09 -21.65
CA SER E 159 2.51 -106.45 -21.22
C SER E 159 2.66 -104.92 -21.49
N ASN E 160 2.30 -104.51 -22.71
CA ASN E 160 2.40 -103.12 -23.19
C ASN E 160 1.28 -102.14 -22.78
N ILE E 161 0.04 -102.51 -23.12
CA ILE E 161 -1.14 -101.68 -22.81
C ILE E 161 -1.23 -101.25 -21.34
N PRO E 162 -1.01 -102.19 -20.41
CA PRO E 162 -1.09 -101.85 -18.98
C PRO E 162 -0.18 -100.72 -18.57
N THR E 163 1.10 -100.86 -18.92
CA THR E 163 2.12 -99.86 -18.57
C THR E 163 1.69 -98.46 -19.01
N ASN E 164 1.07 -98.39 -20.19
CA ASN E 164 0.59 -97.10 -20.69
C ASN E 164 -0.58 -96.64 -19.83
N LEU E 165 -1.47 -97.57 -19.54
CA LEU E 165 -2.60 -97.25 -18.70
C LEU E 165 -2.13 -96.59 -17.41
N ARG E 166 -1.00 -97.06 -16.87
CA ARG E 166 -0.43 -96.53 -15.61
C ARG E 166 0.03 -95.10 -15.80
N VAL E 167 0.63 -94.84 -16.95
CA VAL E 167 1.15 -93.53 -17.25
C VAL E 167 -0.01 -92.56 -17.38
N LEU E 168 -0.97 -92.88 -18.24
CA LEU E 168 -2.13 -92.01 -18.45
C LEU E 168 -2.83 -91.70 -17.13
N ARG E 169 -2.97 -92.72 -16.29
CA ARG E 169 -3.61 -92.53 -15.01
C ARG E 169 -2.83 -91.46 -14.23
N SER E 170 -1.51 -91.60 -14.17
CA SER E 170 -0.65 -90.65 -13.46
C SER E 170 -0.80 -89.23 -13.99
N ILE E 171 -0.61 -89.10 -15.29
CA ILE E 171 -0.69 -87.83 -15.99
C ILE E 171 -2.06 -87.19 -15.92
N LEU E 172 -3.10 -87.98 -16.18
CA LEU E 172 -4.47 -87.48 -16.16
C LEU E 172 -4.96 -87.08 -14.76
N GLU E 173 -4.72 -87.94 -13.79
CA GLU E 173 -5.14 -87.69 -12.41
C GLU E 173 -4.37 -86.49 -11.85
N ASN E 174 -3.10 -86.41 -12.21
CA ASN E 174 -2.25 -85.31 -11.76
C ASN E 174 -2.87 -83.98 -12.24
N LEU E 175 -3.47 -83.99 -13.42
CA LEU E 175 -4.08 -82.78 -13.97
C LEU E 175 -5.36 -82.37 -13.25
N ARG E 176 -6.23 -83.34 -12.99
CA ARG E 176 -7.48 -83.05 -12.31
C ARG E 176 -7.21 -82.22 -11.05
N SER E 177 -6.28 -82.70 -10.20
CA SER E 177 -5.94 -81.98 -8.97
C SER E 177 -5.27 -80.66 -9.32
N LYS E 178 -4.36 -80.73 -10.28
CA LYS E 178 -3.63 -79.55 -10.71
C LYS E 178 -4.67 -78.50 -11.07
N ILE E 179 -5.74 -78.92 -11.74
CA ILE E 179 -6.79 -78.01 -12.11
C ILE E 179 -7.63 -77.48 -10.96
N GLN E 180 -8.10 -78.36 -10.10
CA GLN E 180 -8.91 -77.93 -8.96
C GLN E 180 -8.10 -76.94 -8.16
N LYS E 181 -6.78 -77.04 -8.31
CA LYS E 181 -5.85 -76.16 -7.63
C LYS E 181 -5.99 -74.73 -8.15
N LEU E 182 -6.11 -74.60 -9.46
CA LEU E 182 -6.23 -73.30 -10.11
C LEU E 182 -7.60 -72.65 -9.85
N GLU E 183 -8.65 -73.47 -9.87
CA GLU E 183 -10.00 -73.00 -9.64
C GLU E 183 -10.04 -72.22 -8.32
N SER E 184 -9.41 -72.78 -7.28
CA SER E 184 -9.37 -72.16 -5.97
C SER E 184 -8.70 -70.78 -6.04
N ASP E 185 -7.65 -70.70 -6.85
CA ASP E 185 -6.94 -69.45 -7.00
C ASP E 185 -7.78 -68.41 -7.72
N VAL E 186 -8.27 -68.75 -8.89
CA VAL E 186 -9.07 -67.83 -9.67
C VAL E 186 -10.24 -67.28 -8.85
N SER E 187 -10.91 -68.18 -8.16
CA SER E 187 -12.04 -67.78 -7.32
C SER E 187 -11.56 -66.81 -6.27
N ALA E 188 -10.45 -67.15 -5.63
CA ALA E 188 -9.90 -66.34 -4.57
C ALA E 188 -9.42 -64.97 -5.01
N GLN E 189 -8.68 -64.93 -6.12
CA GLN E 189 -8.14 -63.67 -6.64
C GLN E 189 -9.27 -62.76 -7.07
N MET E 190 -10.30 -63.40 -7.57
CA MET E 190 -11.49 -62.71 -8.04
C MET E 190 -12.05 -61.89 -6.87
N GLU E 191 -12.20 -62.55 -5.71
CA GLU E 191 -12.75 -61.93 -4.49
C GLU E 191 -11.92 -60.70 -4.12
N TYR E 192 -10.63 -60.75 -4.39
CA TYR E 192 -9.78 -59.64 -4.03
C TYR E 192 -10.08 -58.35 -4.80
N CYS E 193 -10.39 -58.47 -6.09
CA CYS E 193 -10.69 -57.30 -6.94
C CYS E 193 -12.06 -56.69 -6.68
N ARG E 194 -12.67 -57.13 -5.60
CA ARG E 194 -13.95 -56.58 -5.22
C ARG E 194 -13.60 -55.36 -4.36
N THR E 195 -12.30 -55.19 -4.10
CA THR E 195 -11.77 -54.08 -3.31
C THR E 195 -10.48 -53.63 -4.02
N PRO E 196 -10.56 -52.56 -4.85
CA PRO E 196 -9.40 -52.05 -5.58
C PRO E 196 -8.31 -51.47 -4.66
N CYS E 197 -7.15 -51.15 -5.23
CA CYS E 197 -6.04 -50.60 -4.46
C CYS E 197 -6.22 -49.09 -4.31
N THR E 198 -5.73 -48.54 -3.20
CA THR E 198 -5.85 -47.11 -3.00
C THR E 198 -4.46 -46.55 -3.10
N VAL E 199 -4.33 -45.41 -3.76
CA VAL E 199 -3.03 -44.78 -3.85
C VAL E 199 -3.34 -43.31 -3.78
N SER E 200 -2.47 -42.59 -3.08
CA SER E 200 -2.65 -41.15 -2.89
C SER E 200 -1.41 -40.40 -3.35
N CYS E 201 -1.57 -39.54 -4.35
CA CYS E 201 -0.43 -38.79 -4.83
C CYS E 201 -0.62 -37.30 -4.82
N ASN E 202 -0.05 -36.65 -3.80
CA ASN E 202 -0.13 -35.21 -3.66
C ASN E 202 0.61 -34.59 -4.84
N ILE E 203 -0.16 -33.93 -5.70
CA ILE E 203 0.35 -33.28 -6.90
C ILE E 203 1.27 -32.13 -6.54
N PRO E 204 2.52 -32.18 -6.99
CA PRO E 204 3.48 -31.13 -6.70
C PRO E 204 3.00 -29.82 -7.30
N VAL E 205 3.36 -28.72 -6.64
CA VAL E 205 3.01 -27.37 -7.06
C VAL E 205 3.71 -26.98 -8.33
N VAL E 206 4.98 -27.35 -8.39
CA VAL E 206 5.81 -27.07 -9.55
C VAL E 206 5.18 -27.76 -10.75
N SER E 207 5.14 -27.09 -11.90
CA SER E 207 4.59 -27.69 -13.12
C SER E 207 5.15 -27.09 -14.39
N GLY E 208 4.78 -27.68 -15.51
CA GLY E 208 5.25 -27.18 -16.78
C GLY E 208 4.64 -27.96 -17.92
N LYS E 209 5.39 -28.04 -19.03
CA LYS E 209 4.93 -28.73 -20.19
C LYS E 209 5.39 -30.18 -20.21
N GLU E 210 6.68 -30.39 -20.00
CA GLU E 210 7.27 -31.73 -20.01
C GLU E 210 8.09 -31.85 -18.79
N CYS E 211 9.01 -32.79 -18.78
CA CYS E 211 9.85 -32.92 -17.60
C CYS E 211 11.03 -31.99 -17.65
N GLU E 212 11.45 -31.62 -18.86
CA GLU E 212 12.59 -30.74 -19.05
C GLU E 212 12.36 -29.39 -18.40
N GLU E 213 11.17 -28.84 -18.60
CA GLU E 213 10.83 -27.57 -18.01
C GLU E 213 10.86 -27.64 -16.48
N ILE E 214 10.25 -28.67 -15.90
CA ILE E 214 10.19 -28.83 -14.43
C ILE E 214 11.54 -28.80 -13.73
N ILE E 215 12.48 -29.61 -14.21
CA ILE E 215 13.79 -29.65 -13.61
C ILE E 215 14.43 -28.27 -13.66
N ARG E 216 14.31 -27.60 -14.80
CA ARG E 216 14.89 -26.28 -14.93
C ARG E 216 13.98 -25.29 -14.20
N LYS E 217 13.06 -25.84 -13.40
CA LYS E 217 12.13 -25.05 -12.61
C LYS E 217 12.12 -25.50 -11.15
N GLY E 218 13.22 -26.12 -10.74
CA GLY E 218 13.33 -26.56 -9.37
C GLY E 218 12.75 -27.93 -9.10
N GLY E 219 12.83 -28.82 -10.07
CA GLY E 219 12.32 -30.16 -9.86
C GLY E 219 13.48 -31.13 -9.71
N GLU E 220 14.06 -31.20 -8.52
CA GLU E 220 15.22 -32.09 -8.24
C GLU E 220 14.80 -33.54 -7.96
N THR E 221 13.80 -33.71 -7.10
CA THR E 221 13.29 -35.03 -6.73
C THR E 221 12.65 -35.69 -7.95
N SER E 222 12.74 -37.01 -8.02
CA SER E 222 12.17 -37.76 -9.13
C SER E 222 10.87 -38.48 -8.76
N GLU E 223 9.78 -37.71 -8.67
CA GLU E 223 8.44 -38.25 -8.33
C GLU E 223 7.47 -37.87 -9.48
N MET E 224 6.19 -38.22 -9.35
CA MET E 224 5.24 -37.90 -10.41
C MET E 224 4.78 -36.45 -10.40
N TYR E 225 4.72 -35.87 -11.58
CA TYR E 225 4.32 -34.49 -11.71
C TYR E 225 3.07 -34.32 -12.53
N LEU E 226 2.73 -33.05 -12.71
CA LEU E 226 1.55 -32.67 -13.44
C LEU E 226 1.97 -31.77 -14.59
N ILE E 227 1.74 -32.21 -15.81
CA ILE E 227 2.15 -31.39 -16.93
C ILE E 227 1.02 -30.99 -17.85
N GLN E 228 1.35 -30.11 -18.79
CA GLN E 228 0.42 -29.58 -19.78
C GLN E 228 1.20 -28.98 -20.96
N PRO E 229 1.54 -29.80 -21.96
CA PRO E 229 2.27 -29.49 -23.20
C PRO E 229 1.46 -28.66 -24.19
N ASP E 230 0.24 -28.31 -23.80
CA ASP E 230 -0.63 -27.52 -24.64
C ASP E 230 -1.80 -26.86 -23.90
N SER E 231 -2.17 -25.66 -24.33
CA SER E 231 -3.26 -24.92 -23.70
C SER E 231 -4.62 -25.54 -23.95
N SER E 232 -4.72 -26.25 -25.06
CA SER E 232 -5.96 -26.90 -25.47
C SER E 232 -6.03 -28.37 -25.07
N VAL E 233 -5.50 -28.71 -23.90
CA VAL E 233 -5.55 -30.08 -23.43
C VAL E 233 -5.43 -30.09 -21.92
N LYS E 234 -6.19 -30.99 -21.29
CA LYS E 234 -6.22 -31.14 -19.85
C LYS E 234 -4.90 -31.65 -19.25
N PRO E 235 -4.36 -30.95 -18.21
CA PRO E 235 -3.11 -31.39 -17.60
C PRO E 235 -3.32 -32.78 -17.02
N TYR E 236 -2.29 -33.61 -17.14
CA TYR E 236 -2.41 -34.95 -16.64
C TYR E 236 -1.26 -35.30 -15.77
N ARG E 237 -1.38 -36.44 -15.10
CA ARG E 237 -0.31 -36.90 -14.26
C ARG E 237 0.73 -37.57 -15.19
N VAL E 238 1.89 -37.92 -14.64
CA VAL E 238 2.98 -38.56 -15.41
C VAL E 238 4.08 -38.89 -14.42
N TYR E 239 5.14 -39.50 -14.89
CA TYR E 239 6.21 -39.81 -13.99
C TYR E 239 7.52 -39.24 -14.56
N CYS E 240 8.10 -38.25 -13.89
CA CYS E 240 9.33 -37.66 -14.37
C CYS E 240 10.58 -38.26 -13.72
N ASP E 241 11.51 -38.79 -14.55
CA ASP E 241 12.76 -39.35 -14.05
C ASP E 241 13.79 -38.21 -14.09
N MET E 242 14.12 -37.72 -12.91
CA MET E 242 15.07 -36.63 -12.82
C MET E 242 16.30 -37.17 -12.16
N ASN E 243 17.05 -37.99 -12.89
CA ASN E 243 18.26 -38.55 -12.34
C ASN E 243 19.04 -39.19 -13.46
N THR E 244 18.44 -40.20 -14.09
CA THR E 244 19.10 -40.90 -15.17
C THR E 244 19.61 -40.06 -16.32
N GLU E 245 20.94 -40.02 -16.43
CA GLU E 245 21.62 -39.29 -17.47
C GLU E 245 21.12 -37.86 -17.56
N ASN E 246 21.86 -36.93 -16.94
CA ASN E 246 21.47 -35.54 -16.98
C ASN E 246 20.22 -35.26 -16.11
N GLY E 247 19.17 -36.06 -16.27
CA GLY E 247 17.95 -35.87 -15.49
C GLY E 247 16.91 -34.98 -16.19
N GLY E 248 15.63 -35.37 -16.13
CA GLY E 248 14.58 -34.59 -16.76
C GLY E 248 13.81 -35.29 -17.87
N TRP E 249 13.95 -36.61 -17.92
CA TRP E 249 13.29 -37.43 -18.92
C TRP E 249 11.84 -37.69 -18.58
N THR E 250 10.99 -37.63 -19.59
CA THR E 250 9.56 -37.86 -19.40
C THR E 250 9.29 -39.34 -19.70
N VAL E 251 8.91 -40.07 -18.68
CA VAL E 251 8.61 -41.47 -18.86
C VAL E 251 7.30 -41.59 -19.56
N ILE E 252 7.30 -42.40 -20.61
CA ILE E 252 6.12 -42.63 -21.43
C ILE E 252 5.57 -44.02 -21.25
N GLN E 253 6.41 -44.96 -20.91
CA GLN E 253 5.93 -46.31 -20.72
C GLN E 253 6.90 -46.98 -19.82
N ASN E 254 6.44 -47.98 -19.07
CA ASN E 254 7.33 -48.66 -18.15
C ASN E 254 6.79 -50.00 -17.70
N ARG E 255 7.69 -50.94 -17.44
CA ARG E 255 7.34 -52.27 -16.94
C ARG E 255 8.33 -52.63 -15.81
N GLN E 256 7.97 -53.56 -14.93
CA GLN E 256 8.87 -53.89 -13.84
C GLN E 256 8.42 -55.03 -12.93
N ASP E 257 7.12 -55.34 -12.98
CA ASP E 257 6.49 -56.41 -12.19
C ASP E 257 5.20 -57.02 -12.81
N GLY E 258 4.78 -56.55 -13.98
CA GLY E 258 3.58 -57.06 -14.64
C GLY E 258 2.31 -56.70 -13.89
N SER E 259 2.45 -55.75 -12.98
CA SER E 259 1.36 -55.29 -12.14
C SER E 259 0.10 -54.91 -12.91
N VAL E 260 0.27 -54.54 -14.19
CA VAL E 260 -0.85 -54.18 -15.07
C VAL E 260 -0.70 -54.85 -16.42
N ASP E 261 -1.75 -55.53 -16.88
CA ASP E 261 -1.73 -56.22 -18.17
C ASP E 261 -1.79 -55.23 -19.33
N PHE E 262 -0.89 -55.42 -20.28
CA PHE E 262 -0.80 -54.57 -21.47
C PHE E 262 -1.52 -55.14 -22.68
N GLY E 263 -2.31 -56.20 -22.47
CA GLY E 263 -3.04 -56.80 -23.57
C GLY E 263 -4.41 -56.18 -23.70
N ARG E 264 -4.45 -54.85 -23.74
CA ARG E 264 -5.70 -54.11 -23.85
C ARG E 264 -6.06 -53.79 -25.29
N LYS E 265 -7.31 -53.37 -25.49
CA LYS E 265 -7.82 -53.02 -26.81
C LYS E 265 -7.16 -51.75 -27.30
N TRP E 266 -7.61 -51.26 -28.46
CA TRP E 266 -7.03 -50.07 -29.03
C TRP E 266 -7.30 -48.82 -28.24
N ASP E 267 -8.54 -48.61 -27.86
CA ASP E 267 -8.79 -47.40 -27.16
C ASP E 267 -7.95 -47.21 -25.91
N PRO E 268 -7.90 -48.23 -25.04
CA PRO E 268 -7.08 -48.07 -23.84
C PRO E 268 -5.71 -47.48 -24.18
N TYR E 269 -5.08 -48.01 -25.22
CA TYR E 269 -3.78 -47.51 -25.63
C TYR E 269 -3.84 -46.08 -26.16
N LYS E 270 -4.97 -45.66 -26.71
CA LYS E 270 -5.08 -44.31 -27.20
C LYS E 270 -5.24 -43.41 -25.98
N GLN E 271 -6.18 -43.79 -25.12
CA GLN E 271 -6.46 -43.03 -23.91
C GLN E 271 -5.31 -43.05 -22.92
N GLY E 272 -4.86 -44.24 -22.58
CA GLY E 272 -3.77 -44.40 -21.64
C GLY E 272 -4.23 -45.26 -20.48
N PHE E 273 -3.36 -46.13 -20.00
CA PHE E 273 -3.73 -46.99 -18.88
C PHE E 273 -2.53 -47.32 -18.01
N GLY E 274 -2.82 -47.86 -16.84
CA GLY E 274 -1.77 -48.20 -15.91
C GLY E 274 -1.77 -47.21 -14.76
N ASN E 275 -0.80 -47.36 -13.86
CA ASN E 275 -0.66 -46.50 -12.69
C ASN E 275 0.56 -45.59 -12.85
N VAL E 276 0.29 -44.31 -13.01
CA VAL E 276 1.37 -43.36 -13.19
C VAL E 276 2.42 -43.48 -12.13
N ALA E 277 1.98 -43.71 -10.90
CA ALA E 277 2.91 -43.82 -9.79
C ALA E 277 2.21 -44.25 -8.51
N THR E 278 2.97 -44.93 -7.65
CA THR E 278 2.47 -45.42 -6.35
C THR E 278 3.22 -44.72 -5.17
N ASN E 279 2.73 -44.91 -3.94
CA ASN E 279 3.35 -44.30 -2.75
C ASN E 279 4.80 -44.73 -2.57
N THR E 280 5.49 -44.09 -1.62
CA THR E 280 6.91 -44.39 -1.35
C THR E 280 7.16 -44.89 0.09
N ASP E 281 6.51 -45.99 0.46
CA ASP E 281 6.65 -46.59 1.78
C ASP E 281 6.38 -45.62 2.96
N GLY E 282 5.18 -45.03 2.97
CA GLY E 282 4.78 -44.11 4.03
C GLY E 282 4.70 -42.64 3.64
N LYS E 283 5.75 -42.20 2.97
CA LYS E 283 5.84 -40.82 2.51
C LYS E 283 4.65 -40.45 1.61
N ASN E 284 3.93 -39.43 2.05
CA ASN E 284 2.75 -38.85 1.41
C ASN E 284 2.81 -38.79 -0.14
N TYR E 285 3.95 -38.36 -0.67
CA TYR E 285 4.13 -38.24 -2.12
C TYR E 285 4.53 -39.57 -2.79
N CYS E 286 4.33 -39.60 -4.10
CA CYS E 286 4.62 -40.77 -4.94
C CYS E 286 5.89 -40.61 -5.77
N GLY E 287 6.95 -41.29 -5.33
CA GLY E 287 8.22 -41.22 -6.04
C GLY E 287 8.48 -42.50 -6.79
N LEU E 288 7.77 -43.57 -6.44
CA LEU E 288 7.92 -44.87 -7.10
C LEU E 288 7.10 -44.95 -8.38
N PRO E 289 7.58 -45.70 -9.38
CA PRO E 289 6.88 -45.86 -10.65
C PRO E 289 5.68 -46.80 -10.50
N GLY E 290 5.55 -47.75 -11.42
CA GLY E 290 4.45 -48.71 -11.35
C GLY E 290 3.83 -49.26 -12.63
N GLU E 291 4.49 -49.06 -13.77
CA GLU E 291 4.00 -49.55 -15.08
C GLU E 291 2.79 -48.86 -15.62
N TYR E 292 2.88 -48.45 -16.88
CA TYR E 292 1.77 -47.77 -17.50
C TYR E 292 2.10 -47.43 -18.96
N TRP E 293 1.26 -46.61 -19.57
CA TRP E 293 1.41 -46.22 -20.95
C TRP E 293 0.53 -44.99 -21.08
N LEU E 294 1.14 -43.81 -21.06
CA LEU E 294 0.37 -42.57 -21.18
C LEU E 294 -0.39 -42.58 -22.52
N GLY E 295 -1.47 -41.81 -22.60
CA GLY E 295 -2.27 -41.77 -23.83
C GLY E 295 -1.53 -41.57 -25.13
N ASN E 296 -1.85 -42.37 -26.14
CA ASN E 296 -1.19 -42.16 -27.39
C ASN E 296 -1.31 -40.75 -27.82
N ASP E 297 -2.54 -40.28 -28.00
CA ASP E 297 -2.71 -38.92 -28.44
C ASP E 297 -1.78 -37.98 -27.76
N LYS E 298 -1.50 -38.22 -26.49
CA LYS E 298 -0.60 -37.33 -25.78
C LYS E 298 0.79 -37.56 -26.35
N ILE E 299 1.19 -38.82 -26.36
CA ILE E 299 2.50 -39.18 -26.87
C ILE E 299 2.75 -38.58 -28.23
N SER E 300 1.77 -38.64 -29.11
CA SER E 300 1.94 -38.10 -30.44
C SER E 300 2.10 -36.61 -30.33
N GLN E 301 1.12 -35.99 -29.68
CA GLN E 301 1.05 -34.54 -29.47
C GLN E 301 2.32 -34.03 -28.81
N LEU E 302 2.89 -34.85 -27.94
CA LEU E 302 4.11 -34.44 -27.27
C LEU E 302 5.20 -34.20 -28.30
N THR E 303 5.55 -35.26 -29.00
CA THR E 303 6.58 -35.22 -30.03
C THR E 303 6.32 -34.24 -31.16
N ARG E 304 5.13 -34.28 -31.73
CA ARG E 304 4.82 -33.38 -32.82
C ARG E 304 4.82 -31.90 -32.44
N MET E 305 5.57 -31.49 -31.43
CA MET E 305 5.61 -30.06 -31.06
C MET E 305 7.01 -29.64 -30.62
N GLY E 306 8.00 -30.00 -31.42
CA GLY E 306 9.38 -29.67 -31.08
C GLY E 306 10.18 -30.95 -31.27
N PRO E 307 11.50 -30.85 -31.48
CA PRO E 307 12.35 -32.02 -31.68
C PRO E 307 12.43 -32.86 -30.43
N THR E 308 12.44 -34.18 -30.61
CA THR E 308 12.49 -35.01 -29.44
C THR E 308 13.35 -36.23 -29.59
N GLU E 309 13.68 -36.80 -28.43
CA GLU E 309 14.49 -38.01 -28.37
C GLU E 309 13.95 -39.04 -27.37
N LEU E 310 14.45 -40.27 -27.46
CA LEU E 310 14.01 -41.37 -26.60
C LEU E 310 15.12 -42.22 -25.99
N LEU E 311 14.82 -42.74 -24.78
CA LEU E 311 15.68 -43.61 -23.96
C LEU E 311 14.93 -44.86 -23.52
N ILE E 312 15.35 -45.99 -24.05
CA ILE E 312 14.71 -47.24 -23.74
C ILE E 312 15.59 -48.16 -22.95
N GLU E 313 15.69 -47.90 -21.66
CA GLU E 313 16.51 -48.73 -20.79
C GLU E 313 15.78 -50.03 -20.50
N MET E 314 16.51 -50.99 -19.94
CA MET E 314 15.93 -52.28 -19.57
C MET E 314 16.98 -53.11 -18.88
N GLU E 315 16.57 -54.23 -18.31
CA GLU E 315 17.51 -55.10 -17.62
C GLU E 315 16.93 -56.50 -17.43
N ASP E 316 17.80 -57.49 -17.45
CA ASP E 316 17.43 -58.90 -17.26
C ASP E 316 17.24 -59.17 -15.78
N TRP E 317 17.21 -60.45 -15.41
CA TRP E 317 17.05 -60.83 -14.01
C TRP E 317 18.41 -61.16 -13.42
N LYS E 318 19.43 -60.60 -14.05
CA LYS E 318 20.83 -60.76 -13.65
C LYS E 318 21.34 -59.39 -13.23
N GLY E 319 20.53 -58.37 -13.47
CA GLY E 319 20.92 -57.02 -13.13
C GLY E 319 21.41 -56.27 -14.34
N ASP E 320 22.28 -56.89 -15.14
CA ASP E 320 22.80 -56.21 -16.31
C ASP E 320 21.79 -55.32 -17.01
N LYS E 321 22.19 -54.07 -17.23
CA LYS E 321 21.34 -53.06 -17.87
C LYS E 321 21.92 -52.59 -19.21
N VAL E 322 21.04 -52.06 -20.07
CA VAL E 322 21.42 -51.53 -21.37
C VAL E 322 20.30 -50.60 -21.80
N LYS E 323 20.41 -49.99 -22.97
CA LYS E 323 19.39 -49.06 -23.44
C LYS E 323 19.63 -48.52 -24.84
N ALA E 324 18.63 -47.83 -25.39
CA ALA E 324 18.71 -47.23 -26.74
C ALA E 324 18.54 -45.74 -26.64
N HIS E 325 18.97 -45.03 -27.67
CA HIS E 325 18.87 -43.59 -27.68
C HIS E 325 18.59 -43.05 -29.08
N TYR E 326 17.46 -42.36 -29.24
CA TYR E 326 17.13 -41.84 -30.54
C TYR E 326 16.87 -40.37 -30.45
N GLY E 327 17.83 -39.58 -30.90
CA GLY E 327 17.68 -38.14 -30.84
C GLY E 327 16.65 -37.67 -31.85
N GLY E 328 15.72 -38.55 -32.17
CA GLY E 328 14.71 -38.16 -33.12
C GLY E 328 13.59 -39.15 -33.01
N PHE E 329 12.60 -38.80 -32.21
CA PHE E 329 11.45 -39.65 -32.01
C PHE E 329 10.22 -38.83 -32.41
N THR E 330 9.21 -39.47 -33.01
CA THR E 330 7.95 -38.81 -33.41
C THR E 330 6.81 -39.79 -33.78
N VAL E 331 5.71 -39.76 -33.04
CA VAL E 331 4.59 -40.64 -33.36
C VAL E 331 3.51 -39.76 -33.89
N GLN E 332 2.90 -40.14 -34.99
CA GLN E 332 1.86 -39.31 -35.57
C GLN E 332 0.51 -39.38 -34.88
N ASN E 333 -0.35 -38.43 -35.22
CA ASN E 333 -1.68 -38.36 -34.63
C ASN E 333 -2.58 -39.54 -34.94
N GLU E 334 -3.56 -39.73 -34.06
CA GLU E 334 -4.48 -40.82 -34.24
C GLU E 334 -4.99 -40.91 -35.66
N ALA E 335 -5.06 -39.78 -36.36
CA ALA E 335 -5.55 -39.83 -37.74
C ALA E 335 -4.61 -40.61 -38.66
N ASN E 336 -3.38 -40.80 -38.21
CA ASN E 336 -2.39 -41.52 -38.99
C ASN E 336 -1.88 -42.70 -38.24
N LYS E 337 -2.83 -43.55 -37.86
CA LYS E 337 -2.55 -44.77 -37.16
C LYS E 337 -1.33 -44.76 -36.22
N TYR E 338 -1.04 -43.61 -35.62
CA TYR E 338 0.09 -43.48 -34.70
C TYR E 338 1.37 -44.06 -35.25
N GLN E 339 1.86 -43.48 -36.34
CA GLN E 339 3.08 -43.97 -36.97
C GLN E 339 4.21 -43.78 -35.97
N ILE E 340 5.43 -44.12 -36.37
CA ILE E 340 6.56 -43.96 -35.49
C ILE E 340 7.80 -43.90 -36.31
N SER E 341 8.28 -42.68 -36.47
CA SER E 341 9.46 -42.37 -37.27
C SER E 341 10.65 -42.10 -36.34
N VAL E 342 11.47 -43.12 -36.11
CA VAL E 342 12.61 -42.97 -35.23
C VAL E 342 13.94 -43.14 -35.95
N ASN E 343 14.87 -42.22 -35.66
CA ASN E 343 16.16 -42.31 -36.29
C ASN E 343 17.20 -41.84 -35.28
N LYS E 344 18.44 -41.69 -35.73
CA LYS E 344 19.53 -41.25 -34.86
C LYS E 344 19.70 -42.22 -33.69
N TYR E 345 20.23 -43.40 -34.00
CA TYR E 345 20.46 -44.43 -33.01
C TYR E 345 21.68 -44.10 -32.18
N ARG E 346 21.82 -44.79 -31.06
CA ARG E 346 22.96 -44.56 -30.18
C ARG E 346 22.96 -45.64 -29.12
N GLY E 347 23.73 -45.43 -28.08
CA GLY E 347 23.78 -46.41 -27.00
C GLY E 347 23.93 -47.85 -27.46
N THR E 348 24.17 -48.74 -26.50
CA THR E 348 24.36 -50.17 -26.75
C THR E 348 23.23 -51.04 -26.20
N ALA E 349 22.62 -51.84 -27.06
CA ALA E 349 21.54 -52.77 -26.68
C ALA E 349 20.95 -53.39 -27.95
N GLY E 350 21.08 -52.70 -29.07
CA GLY E 350 20.55 -53.24 -30.31
C GLY E 350 19.57 -52.28 -30.97
N ASN E 351 19.87 -51.94 -32.21
CA ASN E 351 19.02 -51.03 -32.96
C ASN E 351 17.85 -51.81 -33.54
N ALA E 352 17.14 -52.51 -32.66
CA ALA E 352 16.03 -53.30 -33.08
C ALA E 352 14.79 -52.48 -33.32
N LEU E 353 14.94 -51.19 -33.54
CA LEU E 353 13.75 -50.39 -33.79
C LEU E 353 13.80 -49.73 -35.15
N MET E 354 14.93 -49.89 -35.83
CA MET E 354 15.08 -49.29 -37.15
C MET E 354 16.04 -50.08 -38.04
N ASP E 355 16.72 -51.06 -37.44
CA ASP E 355 17.64 -51.88 -38.19
C ASP E 355 17.17 -53.32 -38.13
N GLY E 356 16.00 -53.54 -37.51
CA GLY E 356 15.48 -54.89 -37.41
C GLY E 356 16.26 -55.68 -36.38
N ALA E 357 16.07 -57.00 -36.36
CA ALA E 357 16.75 -57.90 -35.42
C ALA E 357 18.12 -58.36 -35.93
N SER E 358 19.02 -58.64 -35.00
CA SER E 358 20.38 -59.09 -35.35
C SER E 358 20.42 -60.60 -35.61
N GLN E 359 19.52 -61.34 -34.97
CA GLN E 359 19.42 -62.79 -35.08
C GLN E 359 18.70 -63.24 -36.35
N LEU E 360 18.77 -62.42 -37.39
CA LEU E 360 18.14 -62.74 -38.67
C LEU E 360 18.95 -62.11 -39.80
N MET E 361 18.54 -62.37 -41.04
CA MET E 361 19.22 -61.82 -42.20
C MET E 361 18.27 -61.64 -43.39
N GLY E 362 18.59 -60.67 -44.25
CA GLY E 362 17.77 -60.40 -45.42
C GLY E 362 16.29 -60.30 -45.12
N GLU E 363 15.45 -60.68 -46.09
CA GLU E 363 14.00 -60.62 -45.92
C GLU E 363 13.45 -60.97 -44.53
N ASN E 364 14.16 -61.80 -43.78
CA ASN E 364 13.71 -62.17 -42.46
C ASN E 364 13.90 -61.01 -41.49
N ARG E 365 15.06 -60.38 -41.57
CA ARG E 365 15.38 -59.28 -40.69
C ARG E 365 14.70 -57.99 -41.11
N THR E 366 14.83 -57.60 -42.37
CA THR E 366 14.22 -56.36 -42.83
C THR E 366 12.73 -56.34 -42.74
N MET E 367 12.15 -57.37 -42.15
CA MET E 367 10.73 -57.33 -42.04
C MET E 367 10.40 -57.12 -40.56
N THR E 368 11.41 -56.79 -39.77
CA THR E 368 11.17 -56.59 -38.33
C THR E 368 11.58 -55.20 -37.85
N ILE E 369 11.50 -54.22 -38.74
CA ILE E 369 11.85 -52.87 -38.41
C ILE E 369 10.63 -52.09 -38.00
N HIS E 370 10.58 -51.70 -36.73
CA HIS E 370 9.43 -50.96 -36.20
C HIS E 370 9.29 -49.59 -36.81
N ASN E 371 10.42 -48.98 -37.15
CA ASN E 371 10.44 -47.64 -37.72
C ASN E 371 9.52 -47.46 -38.91
N GLY E 372 8.68 -46.43 -38.81
CA GLY E 372 7.72 -46.10 -39.84
C GLY E 372 6.46 -46.94 -39.86
N MET E 373 6.30 -47.82 -38.88
CA MET E 373 5.12 -48.67 -38.84
C MET E 373 3.93 -47.99 -38.17
N PHE E 374 2.81 -48.70 -38.13
CA PHE E 374 1.61 -48.17 -37.52
C PHE E 374 1.41 -48.91 -36.21
N PHE E 375 0.51 -48.41 -35.38
CA PHE E 375 0.26 -49.05 -34.08
C PHE E 375 -0.90 -50.02 -34.16
N SER E 376 -0.68 -51.24 -33.68
CA SER E 376 -1.72 -52.23 -33.75
C SER E 376 -2.08 -52.88 -32.43
N THR E 377 -3.32 -53.30 -32.35
CA THR E 377 -3.86 -53.92 -31.18
C THR E 377 -4.76 -55.06 -31.66
N TYR E 378 -4.99 -56.07 -30.82
CA TYR E 378 -5.83 -57.19 -31.21
C TYR E 378 -7.27 -56.75 -31.39
N ASP E 379 -7.46 -55.45 -31.27
CA ASP E 379 -8.75 -54.82 -31.41
C ASP E 379 -8.74 -54.09 -32.76
N ARG E 380 -7.55 -53.86 -33.29
CA ARG E 380 -7.39 -53.18 -34.57
C ARG E 380 -6.03 -53.50 -35.16
N ASP E 381 -6.01 -54.16 -36.32
CA ASP E 381 -4.79 -54.59 -37.01
C ASP E 381 -4.18 -53.60 -37.99
N ASN E 382 -2.94 -53.21 -37.74
CA ASN E 382 -2.20 -52.28 -38.59
C ASN E 382 -0.78 -52.74 -38.84
N ASP E 383 -0.59 -54.03 -38.65
CA ASP E 383 0.71 -54.64 -38.83
C ASP E 383 1.17 -54.66 -40.27
N GLY E 384 2.41 -55.12 -40.44
CA GLY E 384 2.98 -55.24 -41.77
C GLY E 384 2.73 -56.66 -42.22
N TRP E 385 1.93 -57.39 -41.44
CA TRP E 385 1.59 -58.77 -41.76
C TRP E 385 0.31 -58.81 -42.57
N LEU E 386 0.47 -58.98 -43.86
CA LEU E 386 -0.68 -59.03 -44.74
C LEU E 386 -1.20 -60.46 -44.91
N THR E 387 -2.35 -60.70 -44.31
CA THR E 387 -2.99 -61.99 -44.37
C THR E 387 -4.44 -61.75 -44.03
N SER E 388 -5.29 -62.66 -44.50
CA SER E 388 -6.73 -62.62 -44.30
C SER E 388 -7.22 -63.37 -43.05
N ASP E 389 -6.46 -64.37 -42.59
CA ASP E 389 -6.82 -65.16 -41.38
C ASP E 389 -6.93 -64.22 -40.17
N PRO E 390 -8.14 -63.94 -39.65
CA PRO E 390 -8.23 -63.03 -38.50
C PRO E 390 -7.37 -63.46 -37.32
N ARG E 391 -7.06 -64.74 -37.26
CA ARG E 391 -6.26 -65.27 -36.17
C ARG E 391 -4.81 -64.78 -36.21
N LYS E 392 -4.30 -64.60 -37.43
CA LYS E 392 -2.91 -64.16 -37.67
C LYS E 392 -2.70 -62.63 -37.64
N GLN E 393 -2.36 -62.12 -36.48
CA GLN E 393 -2.11 -60.69 -36.36
C GLN E 393 -1.19 -60.46 -35.20
N CYS E 394 -0.08 -59.81 -35.51
CA CYS E 394 0.92 -59.47 -34.55
C CYS E 394 0.40 -59.24 -33.14
N SER E 395 -0.57 -58.35 -33.02
CA SER E 395 -1.08 -58.00 -31.71
C SER E 395 -1.77 -59.14 -30.99
N LYS E 396 -2.44 -60.02 -31.73
CA LYS E 396 -3.14 -61.13 -31.09
C LYS E 396 -2.15 -62.20 -30.67
N GLU E 397 -1.11 -62.36 -31.47
CA GLU E 397 -0.06 -63.35 -31.22
C GLU E 397 0.59 -63.02 -29.88
N ASP E 398 1.31 -61.90 -29.89
CA ASP E 398 2.07 -61.35 -28.77
C ASP E 398 1.25 -60.34 -27.97
N GLY E 399 0.16 -60.83 -27.36
CA GLY E 399 -0.73 -59.98 -26.58
C GLY E 399 -0.25 -58.59 -26.20
N GLY E 400 -0.76 -57.55 -26.88
CA GLY E 400 -0.36 -56.18 -26.58
C GLY E 400 -0.16 -55.17 -27.73
N GLY E 401 -0.41 -53.89 -27.44
CA GLY E 401 -0.27 -52.83 -28.43
C GLY E 401 1.16 -52.35 -28.63
N TRP E 402 1.54 -52.19 -29.90
CA TRP E 402 2.89 -51.79 -30.22
C TRP E 402 2.93 -51.35 -31.67
N TRP E 403 4.10 -50.95 -32.16
CA TRP E 403 4.18 -50.56 -33.56
C TRP E 403 4.59 -51.76 -34.39
N TYR E 404 3.90 -52.87 -34.17
CA TYR E 404 4.19 -54.11 -34.86
C TYR E 404 4.40 -54.01 -36.37
N ASN E 405 5.04 -55.06 -36.89
CA ASN E 405 5.36 -55.18 -38.29
C ASN E 405 5.80 -56.59 -38.66
N ARG E 406 4.92 -57.58 -38.50
CA ARG E 406 5.24 -58.99 -38.85
C ARG E 406 6.52 -59.67 -38.32
N CYS E 407 6.78 -59.58 -37.02
CA CYS E 407 5.94 -58.84 -36.09
C CYS E 407 6.69 -57.90 -35.18
N HIS E 408 7.90 -58.26 -34.78
CA HIS E 408 8.66 -57.35 -33.93
C HIS E 408 10.09 -57.81 -33.82
N ALA E 409 10.91 -56.89 -33.38
CA ALA E 409 12.33 -57.15 -33.19
C ALA E 409 12.50 -56.93 -31.72
N ALA E 410 11.49 -56.28 -31.15
CA ALA E 410 11.42 -55.92 -29.75
C ALA E 410 9.94 -55.79 -29.41
N ASN E 411 9.48 -56.41 -28.33
CA ASN E 411 8.06 -56.37 -27.99
C ASN E 411 7.69 -55.73 -26.66
N PRO E 412 8.05 -54.45 -26.42
CA PRO E 412 7.66 -53.85 -25.15
C PRO E 412 6.16 -53.93 -25.02
N ASN E 413 5.64 -53.89 -23.80
CA ASN E 413 4.19 -53.96 -23.70
C ASN E 413 3.78 -55.37 -24.09
N GLY E 414 4.50 -56.38 -23.62
CA GLY E 414 4.13 -57.73 -23.99
C GLY E 414 3.50 -58.46 -22.85
N ARG E 415 4.06 -59.64 -22.55
CA ARG E 415 3.57 -60.47 -21.46
C ARG E 415 4.69 -60.60 -20.44
N TYR E 416 4.72 -59.73 -19.44
CA TYR E 416 5.78 -59.80 -18.44
C TYR E 416 5.84 -61.17 -17.77
N TYR E 417 6.75 -62.01 -18.25
CA TYR E 417 6.91 -63.35 -17.71
C TYR E 417 7.82 -63.27 -16.48
N TRP E 418 7.90 -64.35 -15.71
CA TRP E 418 8.73 -64.37 -14.51
C TRP E 418 10.02 -65.15 -14.74
N GLY E 419 10.98 -64.94 -13.86
CA GLY E 419 12.25 -65.63 -14.01
C GLY E 419 13.06 -64.97 -15.09
N GLY E 420 12.52 -64.89 -16.31
CA GLY E 420 13.23 -64.25 -17.40
C GLY E 420 13.24 -65.07 -18.69
N GLN E 421 13.26 -66.38 -18.56
CA GLN E 421 13.30 -67.27 -19.71
C GLN E 421 11.95 -67.96 -19.88
N TYR E 422 11.74 -68.54 -21.06
CA TYR E 422 10.51 -69.26 -21.34
C TYR E 422 10.58 -69.83 -22.76
N THR E 423 9.84 -70.92 -23.00
CA THR E 423 9.82 -71.58 -24.32
C THR E 423 8.51 -71.35 -25.10
N TRP E 424 8.50 -71.73 -26.37
CA TRP E 424 7.32 -71.55 -27.22
C TRP E 424 6.04 -72.15 -26.67
N ASP E 425 6.17 -73.32 -26.01
CA ASP E 425 5.05 -74.08 -25.45
C ASP E 425 4.43 -73.51 -24.16
N MET E 426 4.53 -72.19 -24.04
CA MET E 426 4.04 -71.42 -22.91
C MET E 426 3.34 -70.15 -23.40
N ALA E 427 3.76 -69.66 -24.56
CA ALA E 427 3.17 -68.46 -25.13
C ALA E 427 1.69 -68.69 -25.31
N LYS E 428 0.91 -67.65 -25.05
CA LYS E 428 -0.56 -67.67 -25.15
C LYS E 428 -1.00 -68.30 -26.49
N HIS E 429 -0.29 -67.95 -27.56
CA HIS E 429 -0.60 -68.46 -28.88
C HIS E 429 0.41 -69.45 -29.37
N GLY E 430 1.57 -69.45 -28.73
CA GLY E 430 2.61 -70.37 -29.14
C GLY E 430 3.74 -69.70 -29.89
N THR E 431 3.65 -68.37 -29.96
CA THR E 431 4.62 -67.51 -30.63
C THR E 431 5.72 -67.18 -29.63
N ASP E 432 6.02 -65.90 -29.49
CA ASP E 432 7.05 -65.46 -28.55
C ASP E 432 6.70 -64.10 -27.96
N ASP E 433 5.47 -63.97 -27.49
CA ASP E 433 4.99 -62.74 -26.88
C ASP E 433 5.85 -62.32 -25.71
N GLY E 434 5.41 -61.29 -25.01
CA GLY E 434 6.15 -60.84 -23.87
C GLY E 434 7.28 -59.89 -24.22
N VAL E 435 7.43 -58.86 -23.37
CA VAL E 435 8.44 -57.82 -23.52
C VAL E 435 9.82 -58.42 -23.63
N VAL E 436 10.32 -58.41 -24.84
CA VAL E 436 11.62 -58.97 -25.13
C VAL E 436 12.28 -58.10 -26.17
N TRP E 437 13.57 -57.85 -25.97
CA TRP E 437 14.32 -57.05 -26.90
C TRP E 437 14.93 -57.99 -27.91
N MET E 438 15.14 -59.24 -27.50
CA MET E 438 15.70 -60.20 -28.43
C MET E 438 17.15 -59.86 -28.82
N ASN E 439 17.38 -58.64 -29.33
CA ASN E 439 18.72 -58.21 -29.75
C ASN E 439 19.75 -58.33 -28.66
N TRP E 440 19.41 -57.87 -27.47
CA TRP E 440 20.33 -57.95 -26.34
C TRP E 440 20.23 -59.32 -25.68
N LYS E 441 19.06 -59.94 -25.72
CA LYS E 441 18.92 -61.24 -25.10
C LYS E 441 18.51 -62.30 -26.10
N GLY E 442 17.26 -62.27 -26.56
CA GLY E 442 16.84 -63.28 -27.50
C GLY E 442 15.34 -63.42 -27.46
N SER E 443 14.76 -63.97 -28.53
CA SER E 443 13.32 -64.11 -28.58
C SER E 443 12.66 -64.80 -27.39
N TRP E 444 13.44 -65.53 -26.60
CA TRP E 444 12.90 -66.24 -25.43
C TRP E 444 13.41 -65.66 -24.11
N TYR E 445 13.08 -64.40 -23.82
CA TYR E 445 13.53 -63.82 -22.57
C TYR E 445 12.85 -62.47 -22.37
N SER E 446 11.90 -62.45 -21.45
CA SER E 446 11.18 -61.23 -21.14
C SER E 446 11.93 -60.55 -20.03
N MET E 447 12.19 -59.25 -20.22
CA MET E 447 12.92 -58.44 -19.27
C MET E 447 12.32 -58.38 -17.87
N ARG E 448 13.08 -57.82 -16.94
CA ARG E 448 12.64 -57.68 -15.57
C ARG E 448 12.14 -56.25 -15.41
N LYS E 449 12.62 -55.39 -16.31
CA LYS E 449 12.24 -53.99 -16.28
C LYS E 449 12.47 -53.44 -17.67
N MET E 450 11.46 -52.73 -18.16
CA MET E 450 11.46 -52.16 -19.48
C MET E 450 10.86 -50.76 -19.38
N SER E 451 11.58 -49.77 -19.91
CA SER E 451 11.12 -48.40 -19.81
C SER E 451 11.40 -47.54 -21.04
N MET E 452 10.68 -46.45 -21.18
CA MET E 452 10.88 -45.58 -22.30
C MET E 452 10.69 -44.18 -21.75
N LYS E 453 11.35 -43.18 -22.31
CA LYS E 453 11.17 -41.82 -21.82
C LYS E 453 11.58 -40.85 -22.88
N ILE E 454 10.94 -39.69 -22.91
CA ILE E 454 11.26 -38.70 -23.93
C ILE E 454 11.85 -37.43 -23.34
N ARG E 455 12.28 -36.53 -24.22
CA ARG E 455 12.91 -35.30 -23.77
C ARG E 455 13.38 -34.57 -25.03
N PRO E 456 13.30 -33.22 -25.06
CA PRO E 456 13.72 -32.39 -26.20
C PRO E 456 15.14 -32.61 -26.69
N PHE E 457 15.40 -32.30 -27.95
CA PHE E 457 16.73 -32.50 -28.50
C PHE E 457 17.72 -31.38 -28.19
N PHE E 458 17.33 -30.14 -28.49
CA PHE E 458 18.18 -28.97 -28.24
C PHE E 458 19.68 -29.13 -28.64
N GLU F 3 -4.69 -116.86 -20.94
CA GLU F 3 -5.46 -116.66 -22.21
C GLU F 3 -6.35 -115.39 -22.25
N ALA F 4 -7.44 -115.44 -23.01
CA ALA F 4 -8.39 -114.31 -23.21
C ALA F 4 -8.91 -113.61 -21.94
N SER F 5 -8.71 -114.28 -20.80
CA SER F 5 -9.14 -113.89 -19.44
C SER F 5 -8.88 -112.43 -19.00
N ILE F 6 -7.82 -111.87 -19.60
CA ILE F 6 -7.33 -110.50 -19.39
C ILE F 6 -8.24 -109.33 -19.85
N LEU F 7 -9.38 -109.64 -20.47
CA LEU F 7 -10.34 -108.61 -20.93
C LEU F 7 -10.76 -107.61 -19.83
N THR F 8 -10.27 -107.85 -18.60
CA THR F 8 -10.58 -107.00 -17.44
C THR F 8 -9.89 -105.61 -17.41
N HIS F 9 -8.59 -105.53 -17.73
CA HIS F 9 -7.84 -104.26 -17.73
C HIS F 9 -8.35 -103.17 -18.68
N ASP F 10 -8.80 -103.59 -19.86
CA ASP F 10 -9.34 -102.66 -20.82
C ASP F 10 -10.57 -101.96 -20.24
N SER F 11 -11.15 -102.57 -19.20
CA SER F 11 -12.31 -102.02 -18.52
C SER F 11 -11.88 -100.82 -17.62
N SER F 12 -10.56 -100.62 -17.52
CA SER F 12 -9.91 -99.53 -16.76
C SER F 12 -9.91 -98.21 -17.56
N ILE F 13 -9.92 -98.35 -18.88
CA ILE F 13 -9.91 -97.23 -19.82
C ILE F 13 -11.00 -96.18 -19.60
N ARG F 14 -12.17 -96.65 -19.19
CA ARG F 14 -13.28 -95.76 -18.93
C ARG F 14 -12.88 -94.69 -17.93
N TYR F 15 -12.18 -95.10 -16.88
CA TYR F 15 -11.76 -94.17 -15.83
C TYR F 15 -10.84 -93.06 -16.32
N LEU F 16 -9.90 -93.43 -17.20
CA LEU F 16 -8.97 -92.44 -17.74
C LEU F 16 -9.73 -91.45 -18.63
N GLN F 17 -10.46 -91.97 -19.61
CA GLN F 17 -11.18 -91.09 -20.50
C GLN F 17 -12.12 -90.17 -19.73
N GLU F 18 -12.78 -90.74 -18.74
CA GLU F 18 -13.71 -89.97 -17.93
C GLU F 18 -13.10 -88.85 -17.10
N ILE F 19 -12.02 -89.17 -16.38
CA ILE F 19 -11.34 -88.18 -15.56
C ILE F 19 -10.74 -87.14 -16.49
N TYR F 20 -10.43 -87.58 -17.71
CA TYR F 20 -9.88 -86.72 -18.74
C TYR F 20 -10.89 -85.66 -19.18
N ASN F 21 -12.12 -86.09 -19.49
CA ASN F 21 -13.19 -85.18 -19.93
C ASN F 21 -13.47 -84.10 -18.89
N SER F 22 -13.50 -84.54 -17.64
CA SER F 22 -13.73 -83.69 -16.49
C SER F 22 -12.66 -82.63 -16.54
N ASN F 23 -11.46 -83.07 -16.90
CA ASN F 23 -10.33 -82.17 -17.02
C ASN F 23 -10.58 -81.18 -18.16
N ASN F 24 -10.86 -81.68 -19.36
CA ASN F 24 -11.10 -80.80 -20.52
C ASN F 24 -12.30 -79.86 -20.27
N GLN F 25 -13.32 -80.39 -19.61
CA GLN F 25 -14.51 -79.60 -19.32
C GLN F 25 -14.21 -78.45 -18.35
N LYS F 26 -13.65 -78.77 -17.19
CA LYS F 26 -13.35 -77.77 -16.17
C LYS F 26 -12.46 -76.69 -16.79
N ILE F 27 -11.54 -77.12 -17.65
CA ILE F 27 -10.63 -76.17 -18.29
C ILE F 27 -11.38 -75.13 -19.06
N VAL F 28 -12.44 -75.53 -19.76
CA VAL F 28 -13.20 -74.55 -20.52
C VAL F 28 -13.95 -73.66 -19.56
N ASN F 29 -14.44 -74.23 -18.47
CA ASN F 29 -15.19 -73.47 -17.47
C ASN F 29 -14.26 -72.53 -16.72
N LEU F 30 -13.00 -72.96 -16.63
CA LEU F 30 -11.96 -72.22 -15.97
C LEU F 30 -11.41 -71.07 -16.82
N LYS F 31 -11.13 -71.35 -18.09
CA LYS F 31 -10.60 -70.34 -19.01
C LYS F 31 -11.70 -69.31 -19.20
N GLU F 32 -12.92 -69.76 -18.99
CA GLU F 32 -14.09 -68.93 -19.12
C GLU F 32 -14.14 -67.90 -18.00
N LYS F 33 -13.76 -68.34 -16.80
CA LYS F 33 -13.75 -67.48 -15.61
C LYS F 33 -12.57 -66.51 -15.63
N VAL F 34 -11.49 -66.93 -16.27
CA VAL F 34 -10.30 -66.11 -16.37
C VAL F 34 -10.64 -64.80 -17.08
N ALA F 35 -11.44 -64.90 -18.15
CA ALA F 35 -11.86 -63.72 -18.92
C ALA F 35 -12.65 -62.75 -18.05
N GLN F 36 -13.36 -63.32 -17.07
CA GLN F 36 -14.17 -62.57 -16.11
C GLN F 36 -13.25 -61.76 -15.19
N LEU F 37 -12.13 -62.39 -14.84
CA LEU F 37 -11.11 -61.81 -13.97
C LEU F 37 -10.34 -60.73 -14.70
N GLU F 38 -9.98 -60.99 -15.95
CA GLU F 38 -9.24 -59.99 -16.68
C GLU F 38 -10.07 -58.74 -16.76
N ALA F 39 -11.36 -58.87 -17.03
CA ALA F 39 -12.21 -57.69 -17.12
C ALA F 39 -12.47 -57.06 -15.74
N GLN F 40 -12.72 -57.89 -14.73
CA GLN F 40 -13.00 -57.41 -13.39
C GLN F 40 -11.79 -56.72 -12.77
N CYS F 41 -10.67 -57.45 -12.86
CA CYS F 41 -9.38 -57.05 -12.30
C CYS F 41 -8.44 -56.46 -13.35
N GLN F 42 -8.74 -55.24 -13.80
CA GLN F 42 -7.94 -54.55 -14.81
C GLN F 42 -8.25 -53.08 -14.81
N GLU F 43 -8.27 -52.48 -13.61
CA GLU F 43 -8.56 -51.05 -13.46
C GLU F 43 -7.47 -50.32 -12.66
N PRO F 44 -7.12 -49.09 -13.07
CA PRO F 44 -6.11 -48.26 -12.41
C PRO F 44 -6.45 -48.05 -10.95
N CYS F 45 -5.47 -48.00 -10.05
CA CYS F 45 -5.84 -47.81 -8.65
C CYS F 45 -6.58 -46.52 -8.44
N LYS F 46 -7.26 -46.46 -7.32
CA LYS F 46 -8.04 -45.31 -6.93
C LYS F 46 -7.17 -44.26 -6.26
N ASP F 47 -7.12 -43.09 -6.88
CA ASP F 47 -6.34 -41.95 -6.38
C ASP F 47 -7.23 -41.01 -5.55
N THR F 48 -7.03 -41.07 -4.25
CA THR F 48 -7.75 -40.25 -3.28
C THR F 48 -7.80 -38.79 -3.75
N VAL F 49 -6.70 -38.32 -4.33
CA VAL F 49 -6.61 -36.95 -4.80
C VAL F 49 -7.44 -36.73 -6.06
N GLN F 50 -8.26 -35.69 -6.07
CA GLN F 50 -9.10 -35.45 -7.25
C GLN F 50 -9.16 -34.02 -7.69
N ILE F 51 -9.17 -33.81 -9.00
CA ILE F 51 -9.26 -32.46 -9.52
C ILE F 51 -10.72 -32.15 -9.90
N HIS F 52 -11.21 -30.98 -9.52
CA HIS F 52 -12.58 -30.60 -9.86
C HIS F 52 -12.58 -29.65 -11.05
N ASP F 53 -13.66 -29.65 -11.81
CA ASP F 53 -13.71 -28.79 -12.98
C ASP F 53 -14.11 -27.38 -12.64
N ILE F 54 -15.00 -26.86 -13.47
CA ILE F 54 -15.50 -25.51 -13.30
C ILE F 54 -14.32 -24.55 -13.14
N THR F 55 -13.33 -24.62 -14.05
CA THR F 55 -12.14 -23.75 -14.03
C THR F 55 -12.68 -22.31 -13.97
N GLY F 56 -11.94 -21.41 -13.33
CA GLY F 56 -12.41 -20.05 -13.24
C GLY F 56 -11.27 -19.06 -13.25
N LYS F 57 -11.63 -17.80 -13.00
CA LYS F 57 -10.68 -16.71 -12.94
C LYS F 57 -9.83 -16.97 -11.67
N ASP F 58 -10.49 -17.39 -10.59
CA ASP F 58 -9.83 -17.69 -9.32
C ASP F 58 -10.75 -18.64 -8.50
N CYS F 59 -10.39 -18.97 -7.25
CA CYS F 59 -11.25 -19.85 -6.44
C CYS F 59 -12.57 -19.19 -6.12
N GLN F 60 -12.60 -17.86 -6.09
CA GLN F 60 -13.85 -17.20 -5.78
C GLN F 60 -14.85 -17.33 -6.92
N ASP F 61 -14.37 -17.59 -8.13
CA ASP F 61 -15.27 -17.75 -9.29
C ASP F 61 -15.85 -19.16 -9.20
N ILE F 62 -15.01 -20.09 -8.76
CA ILE F 62 -15.40 -21.47 -8.63
C ILE F 62 -16.56 -21.58 -7.68
N ALA F 63 -16.54 -20.77 -6.63
CA ALA F 63 -17.62 -20.80 -5.68
C ALA F 63 -18.76 -19.94 -6.21
N ASN F 64 -18.44 -19.14 -7.24
CA ASN F 64 -19.43 -18.28 -7.87
C ASN F 64 -20.15 -19.11 -8.93
N LYS F 65 -19.45 -20.13 -9.43
CA LYS F 65 -19.98 -21.05 -10.44
C LYS F 65 -20.29 -22.37 -9.72
N GLY F 66 -20.98 -22.27 -8.59
CA GLY F 66 -21.30 -23.46 -7.83
C GLY F 66 -20.14 -23.73 -6.90
N ALA F 67 -19.63 -24.97 -6.95
CA ALA F 67 -18.51 -25.43 -6.12
C ALA F 67 -18.77 -25.22 -4.64
N LYS F 68 -18.89 -26.32 -3.89
CA LYS F 68 -19.16 -26.28 -2.45
C LYS F 68 -18.11 -27.03 -1.63
N GLN F 69 -17.30 -27.85 -2.30
CA GLN F 69 -16.25 -28.62 -1.64
C GLN F 69 -14.93 -27.83 -1.49
N SER F 70 -14.02 -28.35 -0.68
CA SER F 70 -12.72 -27.69 -0.47
C SER F 70 -11.61 -28.61 -0.94
N GLY F 71 -11.04 -28.32 -2.12
CA GLY F 71 -9.96 -29.14 -2.67
C GLY F 71 -9.13 -28.42 -3.71
N LEU F 72 -8.72 -29.13 -4.75
CA LEU F 72 -7.90 -28.56 -5.82
C LEU F 72 -8.68 -28.32 -7.11
N TYR F 73 -8.52 -27.14 -7.68
CA TYR F 73 -9.22 -26.79 -8.91
C TYR F 73 -8.26 -26.19 -9.94
N PHE F 74 -8.72 -25.99 -11.17
CA PHE F 74 -7.88 -25.40 -12.20
C PHE F 74 -8.39 -24.02 -12.48
N ILE F 75 -7.50 -23.05 -12.62
CA ILE F 75 -7.99 -21.71 -12.90
C ILE F 75 -7.16 -21.06 -13.98
N LYS F 76 -7.73 -20.10 -14.68
CA LYS F 76 -6.98 -19.42 -15.72
C LYS F 76 -7.31 -17.94 -15.77
N PRO F 77 -6.44 -17.11 -15.20
CA PRO F 77 -6.62 -15.66 -15.16
C PRO F 77 -6.71 -15.09 -16.56
N LEU F 78 -7.45 -14.01 -16.68
CA LEU F 78 -7.65 -13.33 -17.96
C LEU F 78 -6.38 -12.94 -18.70
N LYS F 79 -5.47 -12.22 -18.03
CA LYS F 79 -4.22 -11.77 -18.65
C LYS F 79 -3.32 -12.90 -19.20
N ALA F 80 -3.08 -13.93 -18.40
CA ALA F 80 -2.24 -15.03 -18.86
C ALA F 80 -3.07 -16.14 -19.49
N ASN F 81 -2.50 -17.35 -19.44
CA ASN F 81 -3.11 -18.55 -20.00
C ASN F 81 -2.58 -19.83 -19.32
N GLN F 82 -2.89 -20.99 -19.86
CA GLN F 82 -2.41 -22.26 -19.31
C GLN F 82 -2.77 -22.46 -17.86
N GLN F 83 -4.05 -22.68 -17.56
CA GLN F 83 -4.47 -22.86 -16.19
C GLN F 83 -3.54 -23.75 -15.38
N PHE F 84 -3.71 -23.67 -14.07
CA PHE F 84 -2.88 -24.44 -13.17
C PHE F 84 -3.69 -24.87 -11.98
N LEU F 85 -3.05 -25.69 -11.15
CA LEU F 85 -3.67 -26.19 -9.95
C LEU F 85 -3.50 -25.18 -8.83
N VAL F 86 -4.52 -25.09 -7.98
CA VAL F 86 -4.57 -24.19 -6.84
C VAL F 86 -5.54 -24.74 -5.76
N TYR F 87 -5.05 -25.11 -4.59
CA TYR F 87 -5.92 -25.63 -3.53
C TYR F 87 -6.86 -24.53 -3.03
N CYS F 88 -8.16 -24.71 -3.25
CA CYS F 88 -9.11 -23.70 -2.80
C CYS F 88 -9.51 -23.92 -1.38
N GLU F 89 -10.47 -23.11 -0.94
CA GLU F 89 -10.99 -23.19 0.40
C GLU F 89 -12.37 -22.58 0.38
N ILE F 90 -13.40 -23.43 0.26
CA ILE F 90 -14.77 -22.94 0.25
C ILE F 90 -15.39 -23.20 1.64
N ASP F 91 -15.73 -22.11 2.34
CA ASP F 91 -16.33 -22.15 3.68
C ASP F 91 -17.84 -22.37 3.59
N GLY F 92 -18.29 -22.54 2.35
CA GLY F 92 -19.68 -22.77 2.08
C GLY F 92 -20.54 -21.53 2.27
N SER F 93 -20.13 -20.65 3.18
CA SER F 93 -20.92 -19.44 3.39
C SER F 93 -21.11 -18.68 2.06
N GLY F 94 -20.44 -19.15 1.00
CA GLY F 94 -20.58 -18.52 -0.31
C GLY F 94 -19.32 -17.85 -0.82
N ASN F 95 -18.20 -18.19 -0.19
CA ASN F 95 -16.91 -17.64 -0.54
C ASN F 95 -15.95 -18.82 -0.77
N GLY F 96 -15.01 -18.65 -1.69
CA GLY F 96 -14.03 -19.69 -1.96
C GLY F 96 -12.61 -19.14 -1.98
N TRP F 97 -11.95 -19.18 -0.82
CA TRP F 97 -10.57 -18.71 -0.64
C TRP F 97 -9.65 -19.49 -1.56
N THR F 98 -8.56 -18.84 -1.98
CA THR F 98 -7.55 -19.46 -2.86
C THR F 98 -6.18 -19.32 -2.18
N VAL F 99 -5.74 -20.37 -1.47
CA VAL F 99 -4.46 -20.31 -0.77
C VAL F 99 -3.24 -20.55 -1.61
N PHE F 100 -2.26 -19.66 -1.47
CA PHE F 100 -1.03 -19.73 -2.22
C PHE F 100 0.20 -20.05 -1.37
N GLN F 101 0.01 -20.24 -0.07
CA GLN F 101 1.13 -20.58 0.80
C GLN F 101 0.60 -21.11 2.14
N LYS F 102 0.91 -22.37 2.45
CA LYS F 102 0.43 -22.98 3.70
C LYS F 102 1.56 -23.68 4.44
N ARG F 103 1.61 -23.51 5.76
CA ARG F 103 2.66 -24.10 6.60
C ARG F 103 2.12 -24.95 7.73
N LEU F 104 2.56 -26.19 7.80
CA LEU F 104 2.11 -27.09 8.83
C LEU F 104 3.31 -27.99 9.12
N ASP F 105 3.16 -29.29 8.88
CA ASP F 105 4.23 -30.29 9.07
C ASP F 105 5.58 -29.74 9.51
N GLY F 106 6.22 -28.99 8.61
CA GLY F 106 7.51 -28.39 8.91
C GLY F 106 8.58 -28.80 7.93
N SER F 107 8.41 -29.99 7.38
CA SER F 107 9.34 -30.55 6.42
C SER F 107 8.83 -30.28 5.03
N VAL F 108 9.48 -29.32 4.41
CA VAL F 108 9.17 -28.90 3.07
C VAL F 108 10.29 -27.96 2.63
N ASP F 109 10.86 -27.23 3.59
CA ASP F 109 11.95 -26.28 3.32
C ASP F 109 11.58 -25.10 2.43
N PHE F 110 12.17 -23.93 2.66
CA PHE F 110 11.85 -22.80 1.79
C PHE F 110 13.08 -22.11 1.31
N LYS F 111 14.20 -22.79 1.49
CA LYS F 111 15.52 -22.30 1.11
C LYS F 111 15.82 -22.58 -0.36
N LYS F 112 14.84 -22.26 -1.21
CA LYS F 112 14.93 -22.46 -2.66
C LYS F 112 15.43 -21.17 -3.33
N ASN F 113 16.07 -21.31 -4.49
CA ASN F 113 16.58 -20.15 -5.23
C ASN F 113 15.48 -19.28 -5.79
N TRP F 114 15.82 -18.27 -6.57
CA TRP F 114 14.80 -17.41 -7.12
C TRP F 114 13.79 -18.10 -7.98
N ILE F 115 14.29 -18.81 -8.99
CA ILE F 115 13.44 -19.52 -9.94
C ILE F 115 12.42 -20.42 -9.22
N GLN F 116 12.93 -21.27 -8.33
CA GLN F 116 12.09 -22.18 -7.58
C GLN F 116 10.90 -21.48 -6.96
N TYR F 117 11.12 -20.25 -6.53
CA TYR F 117 10.04 -19.45 -5.91
C TYR F 117 9.13 -18.88 -7.00
N LYS F 118 9.67 -18.66 -8.19
CA LYS F 118 8.88 -18.10 -9.27
C LYS F 118 7.78 -19.09 -9.68
N GLU F 119 8.19 -20.36 -9.79
CA GLU F 119 7.29 -21.43 -10.19
C GLU F 119 6.76 -22.24 -8.99
N GLY F 120 6.89 -21.71 -7.79
CA GLY F 120 6.40 -22.41 -6.63
C GLY F 120 7.14 -23.70 -6.35
N PHE F 121 6.77 -24.37 -5.27
CA PHE F 121 7.39 -25.62 -4.87
C PHE F 121 6.56 -26.35 -3.80
N GLY F 122 6.81 -27.65 -3.66
CA GLY F 122 6.08 -28.46 -2.70
C GLY F 122 4.95 -29.16 -3.43
N HIS F 123 3.92 -29.57 -2.69
CA HIS F 123 2.76 -30.22 -3.30
C HIS F 123 1.44 -29.88 -2.63
N LEU F 124 0.42 -29.65 -3.44
CA LEU F 124 -0.91 -29.34 -2.93
C LEU F 124 -1.60 -30.63 -2.56
N SER F 125 -2.68 -30.51 -1.80
CA SER F 125 -3.49 -31.66 -1.38
C SER F 125 -4.97 -31.37 -1.16
N PRO F 126 -5.82 -32.35 -1.50
CA PRO F 126 -7.26 -32.19 -1.32
C PRO F 126 -7.53 -31.89 0.16
N THR F 127 -7.02 -32.74 1.05
CA THR F 127 -7.22 -32.55 2.48
C THR F 127 -6.87 -31.11 2.87
N GLY F 128 -5.75 -30.61 2.37
CA GLY F 128 -5.34 -29.26 2.69
C GLY F 128 -4.13 -29.24 3.62
N THR F 129 -3.63 -30.43 3.94
CA THR F 129 -2.46 -30.62 4.82
C THR F 129 -1.19 -30.98 4.04
N THR F 130 -0.43 -29.94 3.70
CA THR F 130 0.80 -30.08 2.94
C THR F 130 1.33 -28.69 2.68
N GLU F 131 2.56 -28.44 3.14
CA GLU F 131 3.19 -27.15 2.97
C GLU F 131 3.56 -26.91 1.52
N PHE F 132 3.26 -25.70 1.03
CA PHE F 132 3.50 -25.39 -0.36
C PHE F 132 3.54 -23.90 -0.61
N TRP F 133 4.10 -23.53 -1.76
CA TRP F 133 4.18 -22.14 -2.17
C TRP F 133 3.79 -22.01 -3.64
N LEU F 134 2.56 -21.65 -3.92
CA LEU F 134 2.08 -21.50 -5.30
C LEU F 134 3.15 -21.14 -6.33
N GLY F 135 3.65 -19.91 -6.26
CA GLY F 135 4.65 -19.48 -7.21
C GLY F 135 4.37 -18.05 -7.64
N ASN F 136 5.37 -17.21 -7.36
CA ASN F 136 5.31 -15.77 -7.67
C ASN F 136 4.66 -15.49 -9.01
N GLU F 137 4.91 -16.34 -10.01
CA GLU F 137 4.27 -16.01 -11.24
C GLU F 137 2.77 -16.14 -11.03
N LYS F 138 2.31 -17.30 -10.56
CA LYS F 138 0.88 -17.51 -10.34
C LYS F 138 0.26 -16.38 -9.54
N ILE F 139 0.75 -16.19 -8.32
CA ILE F 139 0.22 -15.16 -7.46
C ILE F 139 0.13 -13.82 -8.18
N HIS F 140 1.09 -13.54 -9.04
CA HIS F 140 1.06 -12.29 -9.78
C HIS F 140 -0.21 -12.16 -10.59
N LEU F 141 -0.26 -12.95 -11.66
CA LEU F 141 -1.39 -12.95 -12.59
C LEU F 141 -2.74 -13.09 -11.87
N ILE F 142 -2.77 -13.81 -10.76
CA ILE F 142 -4.03 -13.98 -10.02
C ILE F 142 -4.52 -12.68 -9.37
N SER F 143 -3.62 -11.74 -9.14
CA SER F 143 -4.01 -10.50 -8.52
C SER F 143 -3.89 -9.32 -9.46
N THR F 144 -3.50 -9.59 -10.70
CA THR F 144 -3.34 -8.52 -11.67
C THR F 144 -4.47 -8.43 -12.69
N GLN F 145 -5.25 -9.50 -12.80
CA GLN F 145 -6.36 -9.56 -13.75
C GLN F 145 -7.58 -8.70 -13.37
N SER F 146 -7.90 -7.75 -14.25
CA SER F 146 -9.04 -6.84 -14.08
C SER F 146 -8.72 -5.71 -13.09
N ALA F 147 -9.69 -4.80 -12.92
CA ALA F 147 -9.53 -3.66 -12.01
C ALA F 147 -10.13 -4.01 -10.64
N ILE F 148 -10.51 -5.28 -10.50
CA ILE F 148 -11.10 -5.82 -9.27
C ILE F 148 -10.08 -6.09 -8.17
N PRO F 149 -10.12 -5.30 -7.09
CA PRO F 149 -9.18 -5.47 -5.97
C PRO F 149 -9.20 -6.87 -5.35
N TYR F 150 -8.14 -7.20 -4.63
CA TYR F 150 -8.07 -8.49 -3.94
C TYR F 150 -7.74 -8.24 -2.50
N ALA F 151 -7.67 -9.33 -1.74
CA ALA F 151 -7.35 -9.23 -0.32
C ALA F 151 -6.52 -10.42 0.06
N LEU F 152 -6.01 -10.37 1.27
CA LEU F 152 -5.17 -11.44 1.73
C LEU F 152 -5.53 -11.69 3.18
N ARG F 153 -5.57 -12.97 3.58
CA ARG F 153 -5.90 -13.33 4.96
C ARG F 153 -4.79 -14.19 5.57
N VAL F 154 -3.78 -13.52 6.13
CA VAL F 154 -2.67 -14.24 6.73
C VAL F 154 -3.10 -14.94 7.99
N GLU F 155 -3.51 -16.20 7.88
CA GLU F 155 -3.95 -16.93 9.08
C GLU F 155 -2.76 -17.66 9.75
N LEU F 156 -2.71 -17.66 11.09
CA LEU F 156 -1.63 -18.31 11.84
C LEU F 156 -2.15 -19.05 13.07
N GLU F 157 -1.31 -19.88 13.68
CA GLU F 157 -1.72 -20.60 14.87
C GLU F 157 -0.50 -20.95 15.68
N ASP F 158 -0.62 -20.82 17.00
CA ASP F 158 0.48 -21.11 17.92
C ASP F 158 0.46 -22.57 18.33
N TRP F 159 1.49 -22.98 19.08
CA TRP F 159 1.59 -24.37 19.55
C TRP F 159 0.76 -24.50 20.83
N ASN F 160 -0.30 -23.71 20.85
CA ASN F 160 -1.28 -23.61 21.93
C ASN F 160 -2.61 -24.14 21.37
N GLY F 161 -3.03 -23.55 20.25
CA GLY F 161 -4.27 -23.97 19.65
C GLY F 161 -5.04 -22.76 19.15
N ARG F 162 -4.66 -21.58 19.64
CA ARG F 162 -5.33 -20.33 19.26
C ARG F 162 -4.77 -19.66 18.00
N THR F 163 -5.60 -19.60 16.96
CA THR F 163 -5.22 -19.01 15.70
C THR F 163 -5.67 -17.56 15.65
N SER F 164 -5.03 -16.79 14.77
CA SER F 164 -5.37 -15.38 14.59
C SER F 164 -5.45 -15.11 13.09
N THR F 165 -5.83 -13.90 12.74
CA THR F 165 -5.97 -13.55 11.34
C THR F 165 -5.35 -12.22 11.01
N ALA F 166 -5.39 -11.87 9.73
CA ALA F 166 -4.82 -10.63 9.27
C ALA F 166 -5.26 -10.36 7.84
N ASP F 167 -6.09 -9.35 7.61
CA ASP F 167 -6.54 -9.07 6.25
C ASP F 167 -5.96 -7.81 5.66
N TYR F 168 -5.55 -7.88 4.40
CA TYR F 168 -5.03 -6.68 3.77
C TYR F 168 -5.69 -6.49 2.42
N ALA F 169 -6.26 -5.31 2.24
CA ALA F 169 -6.96 -4.94 1.02
C ALA F 169 -6.06 -4.50 -0.13
N MET F 170 -6.58 -4.66 -1.35
CA MET F 170 -5.94 -4.32 -2.62
C MET F 170 -4.66 -5.13 -2.86
N PHE F 171 -4.48 -6.20 -2.09
CA PHE F 171 -3.31 -7.07 -2.21
C PHE F 171 -3.04 -7.43 -3.67
N LYS F 172 -1.78 -7.43 -4.08
CA LYS F 172 -1.44 -7.76 -5.45
C LYS F 172 0.06 -7.63 -5.69
N VAL F 173 0.68 -8.68 -6.23
CA VAL F 173 2.10 -8.67 -6.53
C VAL F 173 2.33 -8.42 -8.04
N GLY F 174 3.19 -7.45 -8.34
CA GLY F 174 3.47 -7.11 -9.73
C GLY F 174 4.18 -8.18 -10.53
N PRO F 175 4.41 -7.92 -11.82
CA PRO F 175 5.09 -8.91 -12.66
C PRO F 175 6.54 -9.13 -12.25
N GLU F 176 7.17 -10.18 -12.76
CA GLU F 176 8.55 -10.46 -12.42
C GLU F 176 9.46 -9.32 -12.85
N ALA F 177 9.02 -8.56 -13.86
CA ALA F 177 9.80 -7.44 -14.37
C ALA F 177 10.19 -6.52 -13.24
N ASP F 178 9.30 -6.40 -12.26
CA ASP F 178 9.54 -5.54 -11.11
C ASP F 178 9.93 -6.41 -9.93
N LYS F 179 10.30 -7.65 -10.21
CA LYS F 179 10.73 -8.53 -9.15
C LYS F 179 9.58 -8.94 -8.23
N TYR F 180 8.37 -9.03 -8.77
CA TYR F 180 7.23 -9.42 -7.95
C TYR F 180 7.05 -8.53 -6.74
N ARG F 181 7.10 -7.22 -6.94
CA ARG F 181 6.94 -6.28 -5.84
C ARG F 181 5.56 -6.44 -5.26
N LEU F 182 5.51 -6.58 -3.93
CA LEU F 182 4.24 -6.76 -3.24
C LEU F 182 3.74 -5.46 -2.66
N THR F 183 2.50 -5.12 -2.98
CA THR F 183 1.95 -3.87 -2.47
C THR F 183 0.44 -3.83 -2.38
N TYR F 184 -0.07 -3.13 -1.37
CA TYR F 184 -1.51 -3.00 -1.20
C TYR F 184 -1.96 -1.54 -0.93
N ALA F 185 -3.12 -1.39 -0.26
CA ALA F 185 -3.69 -0.08 0.02
C ALA F 185 -3.80 0.22 1.51
N TYR F 186 -4.11 -0.81 2.29
CA TYR F 186 -4.22 -0.60 3.70
C TYR F 186 -4.43 -1.92 4.40
N PHE F 187 -4.42 -1.85 5.72
CA PHE F 187 -4.61 -3.03 6.53
C PHE F 187 -6.03 -3.07 7.07
N ALA F 188 -6.75 -4.14 6.74
CA ALA F 188 -8.11 -4.31 7.23
C ALA F 188 -8.02 -4.84 8.66
N GLY F 189 -8.92 -5.74 9.03
CA GLY F 189 -8.90 -6.27 10.39
C GLY F 189 -7.84 -7.31 10.65
N GLY F 190 -7.76 -7.79 11.89
CA GLY F 190 -6.76 -8.79 12.20
C GLY F 190 -6.34 -8.85 13.65
N ASP F 191 -6.79 -9.89 14.33
CA ASP F 191 -6.49 -10.12 15.73
C ASP F 191 -5.10 -10.71 15.91
N ALA F 192 -4.24 -10.49 14.92
CA ALA F 192 -2.89 -10.96 14.98
C ALA F 192 -2.00 -9.74 14.92
N GLY F 193 -2.57 -8.64 14.42
CA GLY F 193 -1.83 -7.39 14.30
C GLY F 193 -1.19 -7.17 12.95
N ASP F 194 -0.97 -5.91 12.58
CA ASP F 194 -0.35 -5.57 11.30
C ASP F 194 1.17 -5.73 11.33
N ALA F 195 1.67 -6.88 10.89
CA ALA F 195 3.11 -7.08 10.88
C ALA F 195 3.77 -6.50 9.60
N PHE F 196 2.99 -6.30 8.54
CA PHE F 196 3.50 -5.74 7.28
C PHE F 196 3.64 -4.23 7.37
N ASP F 197 3.46 -3.70 8.58
CA ASP F 197 3.56 -2.26 8.78
C ASP F 197 4.96 -1.84 9.22
N GLY F 198 5.65 -2.75 9.91
CA GLY F 198 7.00 -2.48 10.37
C GLY F 198 7.16 -2.39 11.89
N PHE F 199 6.95 -3.49 12.61
CA PHE F 199 7.07 -3.50 14.06
C PHE F 199 8.50 -3.20 14.54
N ASP F 200 8.69 -2.05 15.19
CA ASP F 200 9.98 -1.64 15.73
C ASP F 200 10.24 -2.27 17.10
N PHE F 201 10.89 -3.44 17.08
CA PHE F 201 11.17 -4.19 18.30
C PHE F 201 11.80 -3.33 19.40
N GLY F 202 13.07 -2.98 19.25
CA GLY F 202 13.70 -2.16 20.27
C GLY F 202 15.15 -1.86 19.97
N ASP F 203 15.51 -1.97 18.70
CA ASP F 203 16.87 -1.69 18.29
C ASP F 203 16.88 -0.54 17.30
N ASP F 204 17.38 0.60 17.73
CA ASP F 204 17.48 1.77 16.88
C ASP F 204 16.13 2.39 16.56
N PRO F 205 16.09 3.73 16.41
CA PRO F 205 14.83 4.40 16.10
C PRO F 205 14.40 4.05 14.67
N SER F 206 15.10 3.09 14.06
CA SER F 206 14.78 2.66 12.70
C SER F 206 13.60 1.68 12.71
N ASP F 207 13.88 0.40 12.44
CA ASP F 207 12.87 -0.66 12.43
C ASP F 207 11.57 -0.29 11.69
N LYS F 208 10.72 0.49 12.36
CA LYS F 208 9.43 0.98 11.85
C LYS F 208 9.57 1.33 10.37
N PHE F 209 10.46 2.28 10.08
CA PHE F 209 10.72 2.70 8.72
C PHE F 209 11.77 1.86 8.05
N PHE F 210 11.76 0.57 8.31
CA PHE F 210 12.73 -0.32 7.71
C PHE F 210 12.23 -1.74 7.59
N THR F 211 11.28 -2.11 8.44
CA THR F 211 10.73 -3.46 8.42
C THR F 211 9.38 -3.60 7.77
N SER F 212 8.92 -2.56 7.09
CA SER F 212 7.62 -2.62 6.44
C SER F 212 7.82 -3.35 5.13
N HIS F 213 6.76 -4.00 4.64
CA HIS F 213 6.84 -4.74 3.37
C HIS F 213 5.98 -4.21 2.24
N ASN F 214 5.25 -3.12 2.45
CA ASN F 214 4.39 -2.55 1.40
C ASN F 214 5.22 -1.75 0.39
N GLY F 215 5.48 -2.36 -0.77
CA GLY F 215 6.27 -1.69 -1.79
C GLY F 215 7.59 -2.40 -2.09
N MET F 216 8.05 -3.26 -1.19
CA MET F 216 9.29 -3.99 -1.39
C MET F 216 9.20 -4.98 -2.53
N GLN F 217 10.36 -5.55 -2.89
CA GLN F 217 10.44 -6.53 -3.94
C GLN F 217 10.59 -7.90 -3.31
N PHE F 218 10.95 -8.89 -4.10
CA PHE F 218 11.12 -10.25 -3.59
C PHE F 218 12.59 -10.67 -3.72
N SER F 219 13.13 -11.23 -2.65
CA SER F 219 14.51 -11.67 -2.65
C SER F 219 14.62 -13.16 -2.31
N THR F 220 15.71 -13.76 -2.77
CA THR F 220 15.93 -15.17 -2.55
C THR F 220 17.40 -15.44 -2.39
N TRP F 221 17.72 -16.61 -1.84
CA TRP F 221 19.10 -17.02 -1.63
C TRP F 221 20.06 -16.60 -2.74
N ASP F 222 19.53 -16.32 -3.93
CA ASP F 222 20.40 -15.92 -5.01
C ASP F 222 19.74 -14.81 -5.80
N ASN F 223 19.07 -13.92 -5.09
CA ASN F 223 18.45 -12.79 -5.74
C ASN F 223 18.11 -11.74 -4.68
N ASP F 224 18.98 -10.74 -4.60
CA ASP F 224 18.86 -9.63 -3.65
C ASP F 224 18.20 -8.42 -4.30
N ASN F 225 17.03 -8.06 -3.79
CA ASN F 225 16.31 -6.90 -4.30
C ASN F 225 15.70 -6.18 -3.11
N ASP F 226 16.38 -6.26 -1.97
CA ASP F 226 15.91 -5.64 -0.73
C ASP F 226 16.59 -4.34 -0.40
N LYS F 227 16.14 -3.72 0.69
CA LYS F 227 16.70 -2.46 1.12
C LYS F 227 17.86 -2.75 2.08
N PHE F 228 18.76 -3.62 1.63
CA PHE F 228 19.89 -4.00 2.41
C PHE F 228 20.72 -4.82 1.47
N GLU F 229 21.98 -4.47 1.29
CA GLU F 229 22.78 -5.27 0.40
C GLU F 229 22.62 -6.71 0.90
N GLY F 230 22.44 -6.86 2.22
CA GLY F 230 22.26 -8.16 2.86
C GLY F 230 21.27 -9.13 2.24
N ASN F 231 21.75 -10.02 1.37
CA ASN F 231 20.88 -10.99 0.73
C ASN F 231 20.27 -11.86 1.84
N CYS F 232 19.33 -11.22 2.52
CA CYS F 232 18.57 -11.76 3.63
C CYS F 232 18.31 -13.25 3.60
N ALA F 233 17.82 -13.72 2.46
CA ALA F 233 17.52 -15.14 2.26
C ALA F 233 18.69 -16.00 2.71
N GLU F 234 19.91 -15.56 2.43
CA GLU F 234 21.08 -16.32 2.84
C GLU F 234 21.06 -16.23 4.35
N GLN F 235 21.06 -14.98 4.83
CA GLN F 235 21.05 -14.70 6.25
C GLN F 235 19.93 -15.44 6.97
N ASP F 236 18.87 -15.75 6.24
CA ASP F 236 17.74 -16.44 6.83
C ASP F 236 17.62 -17.88 6.34
N GLY F 237 16.89 -18.07 5.24
CA GLY F 237 16.73 -19.40 4.69
C GLY F 237 15.38 -19.53 4.04
N SER F 238 15.02 -18.52 3.25
CA SER F 238 13.75 -18.48 2.55
C SER F 238 13.71 -17.34 1.52
N GLY F 239 12.50 -16.90 1.20
CA GLY F 239 12.35 -15.82 0.23
C GLY F 239 11.22 -14.96 0.71
N TRP F 240 11.22 -13.70 0.35
CA TRP F 240 10.16 -12.86 0.81
C TRP F 240 10.41 -11.51 0.22
N TRP F 241 9.74 -10.51 0.77
CA TRP F 241 9.89 -9.16 0.30
C TRP F 241 10.70 -8.39 1.35
N MET F 242 11.86 -8.93 1.69
CA MET F 242 12.74 -8.36 2.69
C MET F 242 12.99 -6.86 2.61
N ASN F 243 13.61 -6.34 3.67
CA ASN F 243 13.93 -4.92 3.80
C ASN F 243 14.92 -4.69 5.00
N LYS F 244 14.62 -5.19 6.20
CA LYS F 244 15.53 -4.96 7.36
C LYS F 244 16.11 -6.12 8.18
N CYS F 245 15.73 -7.36 7.88
CA CYS F 245 14.82 -7.67 6.81
C CYS F 245 13.39 -7.97 7.29
N HIS F 246 13.08 -9.24 7.49
CA HIS F 246 11.77 -9.67 7.94
C HIS F 246 11.27 -8.91 9.17
N ALA F 247 9.95 -8.72 9.25
CA ALA F 247 9.32 -8.07 10.40
C ALA F 247 8.10 -8.94 10.63
N GLY F 248 7.99 -9.97 9.80
CA GLY F 248 6.90 -10.92 9.85
C GLY F 248 6.86 -11.90 8.67
N HIS F 249 7.99 -12.21 8.04
CA HIS F 249 8.02 -13.15 6.91
C HIS F 249 7.82 -14.57 7.44
N LEU F 250 6.90 -15.32 6.82
CA LEU F 250 6.66 -16.66 7.32
C LEU F 250 7.08 -17.77 6.40
N ASN F 251 8.35 -17.76 6.04
CA ASN F 251 8.87 -18.79 5.17
C ASN F 251 10.13 -19.34 5.77
N GLY F 252 10.57 -18.73 6.87
CA GLY F 252 11.78 -19.17 7.52
C GLY F 252 11.73 -20.61 7.97
N VAL F 253 12.55 -20.94 8.96
CA VAL F 253 12.54 -22.29 9.42
C VAL F 253 11.38 -22.58 10.33
N TYR F 254 10.91 -23.81 10.26
CA TYR F 254 9.80 -24.24 11.09
C TYR F 254 10.44 -24.90 12.32
N TYR F 255 10.52 -24.17 13.44
CA TYR F 255 11.12 -24.74 14.65
C TYR F 255 10.13 -25.61 15.39
N GLN F 256 10.41 -26.90 15.44
CA GLN F 256 9.53 -27.87 16.08
C GLN F 256 9.15 -27.54 17.53
N GLY F 257 7.86 -27.28 17.72
CA GLY F 257 7.33 -26.94 19.02
C GLY F 257 7.25 -25.43 19.26
N GLY F 258 7.70 -24.63 18.29
CA GLY F 258 7.69 -23.17 18.44
C GLY F 258 8.75 -22.69 19.43
N THR F 259 9.05 -21.39 19.49
CA THR F 259 10.05 -20.87 20.44
C THR F 259 11.48 -21.32 20.16
N TYR F 260 12.34 -20.35 19.86
CA TYR F 260 13.72 -20.64 19.58
C TYR F 260 14.57 -19.52 20.10
N SER F 261 15.88 -19.79 20.19
CA SER F 261 16.88 -18.87 20.72
C SER F 261 17.83 -18.32 19.66
N LYS F 262 18.69 -17.39 20.05
CA LYS F 262 19.64 -16.83 19.10
C LYS F 262 20.70 -17.84 18.70
N ALA F 263 20.87 -18.86 19.53
CA ALA F 263 21.86 -19.92 19.29
C ALA F 263 21.42 -21.01 18.33
N SER F 264 20.12 -21.22 18.21
CA SER F 264 19.63 -22.28 17.36
C SER F 264 20.00 -22.16 15.87
N THR F 265 20.55 -21.00 15.48
CA THR F 265 20.99 -20.75 14.10
C THR F 265 22.50 -20.95 13.94
N PRO F 266 22.93 -21.45 12.76
CA PRO F 266 24.35 -21.72 12.38
C PRO F 266 25.30 -20.49 12.48
N ASN F 267 24.78 -19.33 12.06
CA ASN F 267 25.50 -18.03 12.09
C ASN F 267 25.27 -17.22 13.39
N GLY F 268 24.02 -17.18 13.85
CA GLY F 268 23.68 -16.45 15.06
C GLY F 268 22.71 -15.32 14.79
N TYR F 269 21.81 -15.54 13.84
CA TYR F 269 20.81 -14.53 13.47
C TYR F 269 19.44 -15.19 13.59
N ASP F 270 18.36 -14.45 13.34
CA ASP F 270 17.02 -15.03 13.49
C ASP F 270 16.12 -15.04 12.25
N ASN F 271 15.16 -15.94 12.21
CA ASN F 271 14.24 -16.03 11.09
C ASN F 271 13.17 -17.06 11.44
N GLY F 272 12.47 -17.58 10.45
CA GLY F 272 11.44 -18.55 10.75
C GLY F 272 10.08 -17.88 10.90
N ILE F 273 9.02 -18.67 10.75
CA ILE F 273 7.66 -18.14 10.84
C ILE F 273 7.36 -17.36 12.10
N ILE F 274 7.47 -16.04 11.96
CA ILE F 274 7.24 -15.10 13.05
C ILE F 274 6.29 -13.99 12.63
N TRP F 275 5.34 -13.64 13.48
CA TRP F 275 4.43 -12.55 13.13
C TRP F 275 4.56 -11.44 14.19
N ALA F 276 5.57 -10.59 14.02
CA ALA F 276 5.87 -9.51 14.95
C ALA F 276 4.70 -9.09 15.83
N THR F 277 3.77 -8.36 15.24
CA THR F 277 2.62 -7.85 15.96
C THR F 277 1.70 -8.87 16.65
N TRP F 278 2.21 -10.08 16.89
CA TRP F 278 1.41 -11.10 17.57
C TRP F 278 2.20 -11.88 18.58
N LYS F 279 3.35 -12.38 18.17
CA LYS F 279 4.22 -13.15 19.05
C LYS F 279 5.65 -12.61 19.05
N THR F 280 6.45 -13.12 19.98
CA THR F 280 7.84 -12.69 20.13
C THR F 280 8.66 -12.93 18.88
N ARG F 281 9.63 -12.05 18.67
CA ARG F 281 10.52 -12.12 17.54
C ARG F 281 11.22 -13.49 17.53
N TRP F 282 11.03 -14.22 18.62
CA TRP F 282 11.64 -15.54 18.78
C TRP F 282 10.60 -16.62 19.06
N TYR F 283 9.50 -16.61 18.33
CA TYR F 283 8.47 -17.63 18.52
C TYR F 283 7.97 -18.11 17.14
N SER F 284 8.31 -19.36 16.78
CA SER F 284 7.95 -20.00 15.51
C SER F 284 6.52 -20.58 15.55
N MET F 285 5.76 -20.31 14.49
CA MET F 285 4.37 -20.78 14.38
C MET F 285 4.18 -22.29 14.34
N LYS F 286 2.96 -22.70 14.07
CA LYS F 286 2.70 -24.11 13.99
C LYS F 286 1.97 -24.29 12.67
N LYS F 287 1.07 -23.39 12.36
CA LYS F 287 0.38 -23.52 11.09
C LYS F 287 0.31 -22.13 10.50
N THR F 288 0.39 -22.07 9.19
CA THR F 288 0.33 -20.80 8.50
C THR F 288 -0.58 -20.96 7.32
N THR F 289 -0.78 -19.84 6.62
CA THR F 289 -1.62 -19.84 5.45
C THR F 289 -1.93 -18.45 4.91
N MET F 290 -1.83 -18.33 3.59
CA MET F 290 -2.09 -17.09 2.86
C MET F 290 -3.21 -17.24 1.85
N LYS F 291 -4.41 -16.79 2.20
CA LYS F 291 -5.54 -16.88 1.28
C LYS F 291 -5.60 -15.58 0.53
N ILE F 292 -6.41 -15.55 -0.51
CA ILE F 292 -6.55 -14.37 -1.31
C ILE F 292 -7.93 -14.39 -1.96
N ILE F 293 -8.68 -13.29 -1.81
CA ILE F 293 -10.02 -13.17 -2.40
C ILE F 293 -10.24 -11.75 -2.86
N PRO F 294 -11.02 -11.56 -3.93
CA PRO F 294 -11.21 -10.17 -4.36
C PRO F 294 -11.87 -9.34 -3.22
N PHE F 295 -11.51 -8.06 -3.14
CA PHE F 295 -12.02 -7.12 -2.12
C PHE F 295 -13.54 -7.18 -1.86
N ASN F 296 -14.36 -7.19 -2.93
CA ASN F 296 -15.84 -7.20 -2.82
C ASN F 296 -16.46 -8.38 -2.06
N ARG F 297 -15.64 -9.36 -1.70
CA ARG F 297 -16.11 -10.53 -0.97
C ARG F 297 -16.46 -10.31 0.50
N LEU F 298 -16.19 -9.11 1.01
CA LEU F 298 -16.47 -8.74 2.42
C LEU F 298 -16.79 -7.21 2.60
N GLY G 1 -6.76 60.77 34.34
CA GLY G 1 -7.85 61.67 34.82
C GLY G 1 -8.65 61.12 36.00
N HIS G 2 -8.88 61.98 36.99
CA HIS G 2 -9.64 61.58 38.18
C HIS G 2 -10.98 62.31 38.16
N ARG G 3 -11.84 62.07 39.15
CA ARG G 3 -13.13 62.75 39.20
C ARG G 3 -13.56 63.14 40.61
N PRO G 4 -13.51 64.43 40.95
CA PRO G 4 -13.87 64.98 42.26
C PRO G 4 -15.23 64.54 42.76
N TYR G 5 -15.50 64.83 44.02
CA TYR G 5 -16.77 64.46 44.63
C TYR G 5 -17.63 65.66 45.05
N GLY H 1 10.32 -62.79 -32.80
CA GLY H 1 9.32 -63.66 -33.49
C GLY H 1 8.78 -63.01 -34.75
N HIS H 2 9.31 -63.42 -35.89
CA HIS H 2 8.90 -62.90 -37.20
C HIS H 2 7.92 -63.83 -37.91
N ARG H 3 7.25 -63.35 -38.95
CA ARG H 3 6.31 -64.18 -39.69
C ARG H 3 6.77 -64.36 -41.15
N PRO H 4 7.47 -65.48 -41.43
CA PRO H 4 8.00 -65.81 -42.76
C PRO H 4 6.92 -65.80 -43.83
N TYR H 5 7.37 -66.00 -45.07
CA TYR H 5 6.48 -66.03 -46.22
C TYR H 5 6.34 -67.45 -46.71
#